data_9MR7
#
_entry.id   9MR7
#
_cell.length_a   1.00
_cell.length_b   1.00
_cell.length_c   1.00
_cell.angle_alpha   90.00
_cell.angle_beta   90.00
_cell.angle_gamma   90.00
#
_symmetry.space_group_name_H-M   'P 1'
#
loop_
_entity.id
_entity.type
_entity.pdbx_description
1 polymer 'Pertussis toxin subunit 1'
2 polymer 'Pertussis toxin subunit 2'
3 polymer 'Pertussis toxin subunit 3'
4 polymer 'Pertussis toxin subunit 4'
5 polymer 'Pertussis toxin subunit 5'
6 polymer 'hu1B7 Fab light chain'
7 polymer 'hu1B7 Fab heavy chain'
8 polymer 'hu11E6 Fab light chain'
9 polymer 'hu11E6 Fab heavy chain'
#
loop_
_entity_poly.entity_id
_entity_poly.type
_entity_poly.pdbx_seq_one_letter_code
_entity_poly.pdbx_strand_id
1 'polypeptide(L)'
;DDPPATVYKYDSRPPEDVFQNGFTAWGNNDNVLDHLTGRSCQVGSSNSAFVSTSSSRRYTEVYLEHRMQEAVEAERAGRG
TGHFIGYIYEVRADNNFYGAASSYFEYVDTYGDNAGRILAGALATYQSGYLAHRRIPPENIRRVTRVYHNGITGETTTTE
YSNARYVSQQTRANPNPYTSRRSVASIVGTLVRMAPVIGACMARQAESSEAMAAWSERAGEAMVLVYYESIAYSF
;
A
2 'polypeptide(L)'
;STPGIVIPPQEQITQHGGPYGRCANKTRALTVAELRGSGDLQEYLRHVTRGWSIFALYDGTYLGGEYGGVIKDGTPGGAF
DLKTTFCIMTTRNTGQPATDHYYSNVTATRLLSSTNSRLCAVFVRSGQPVIGACTSPYDGKYWSMYSRLRKMLYLIYVAG
ISVRVHVSKEEQYYDYEDATFETYALTGISICNPGSSLC
;
B
3 'polypeptide(L)'
;VAPGIVIPPKALFTQQGGAYGRCPNGTRALTVAELRGNAELQTYLRQITPGWSIYGLYDGTYLGQAYGGIIKDAPPGAGF
IYRETFCITTIYKTGQPAADHYYSKVTATRLLASTNSRLCAVFVRDGQSVIGACASPYEGRYRDMYDALRRLLYMIYMSG
LAVRVHVSKEEQYYDYEDATFQTYALTGISLCNPAASIC
;
C
4 'polypeptide(L)'
;DVPYVLVKTNMVVTSVAMKPYEVTPTRMLVCGIAAKLGAAASSPDAHVPFCFGKDLKRPGSSPMEVMLRAVFMQQRPLRM
FLGPKQLTFEGKPALELIRMVECSGKQDCP
;
D,E
5 'polypeptide(L)'
;GLPTHLYKNFTVQELALKLKGKNQEFCLTAFMSGRSLVRACLSDAGHEHDTWFDTMLGFAISAYALKSRIALTVEDSPYP
GTPGDLLELQICPLNGYCE
;
F
6 'polypeptide(L)'
;QIVLTQSPATLSVSPGERVTLTCSASSSVSFMYWYQQKPGRAPKPLIYLTSNLPSGVPARFSGSGSGTSYTLTINSLEAE
DAATYYCQQWSSHPPTFGSGTKLEIKRTVAAPSVFIFPPSDEQLKSGTASVVCLLNNFYPREAKVQWKVDNALQSGNSQE
SVTEQDSKDSTYSLSSTLTLSKADYEKHKVYACEVTHQGLSSPVTKSFNRGEC
;
G
7 'polypeptide(L)'
;QVQLVQSGAEVKKPGASVKVSCKASGYKFTSYWMHWVRQAPGQGLEWIGNIFPGSGSTNYAQKFQGRVTLTVDTSTSTAY
MELSSLRSEDTAVYYCTRWLSGAYFDYWGQGTTVTVSSASTKGPSVFPLAPSSKSTSGGTAALGCLVKDYFPEPVTVSWN
SGALTSGVHTFPAVLQSSGLYSLSSVVTVPSSSLGTQTYICNVNHKPSNTKVDKRVEPKSCDK
;
H
8 'polypeptide(L)'
;DIVMTQSPSSLSASVGDRVTISCRASQDIDNYLSWFQQKPGGTVKLLIYYTSRLHSGVPSRFSGSGSGTDYTLTISSLQP
EDIATYFCQQGNTFPWTFGGGTKLEIKRTVAAPSVFIFPPSDEQLKSGTASVVCLLNNFYPREAKVQWKVDNALQSGNSQ
ESVTEQDSKDSTYSLSSTLTLSKADYEKHKVYACEVTHQGLSSPVTKSFNRGEC
;
I,K
9 'polypeptide(L)'
;EVQVVESGGGLVQPGRSLRLSCTTSGFTFTDYYVSWVRQAPGKALEWLGFIRNKVNGYTTEFSSSVKGRFTISRDNSKSI
LYLQMNSLKIEDTAVYYCARVSYYGRGWYFDYWGQGTTLTVSSASTKGPSVFPLAPSSKSTSGGTAALGCLVKDYFPEPV
TVSWNSGALTSGVHTFPAVLQSSGLYSLSSVVTVPSSSLGTQTYICNVNHKPSNTKVDKKVEPKSCDK
;
J,L
#
# COMPACT_ATOMS: atom_id res chain seq x y z
N ASP A 2 -12.27 8.69 -25.11
CA ASP A 2 -13.29 9.67 -25.47
C ASP A 2 -14.18 9.99 -24.27
N PRO A 3 -14.59 11.25 -24.15
CA PRO A 3 -15.45 11.65 -23.03
C PRO A 3 -16.77 10.92 -23.05
N PRO A 4 -17.32 10.58 -21.87
CA PRO A 4 -18.59 9.85 -21.84
C PRO A 4 -19.79 10.77 -21.79
N ALA A 5 -20.99 10.18 -21.75
CA ALA A 5 -22.23 10.95 -21.70
C ALA A 5 -22.97 10.82 -20.38
N THR A 6 -22.65 9.80 -19.58
CA THR A 6 -23.34 9.56 -18.31
C THR A 6 -22.33 9.40 -17.19
N VAL A 7 -22.70 9.88 -16.00
CA VAL A 7 -21.89 9.76 -14.80
C VAL A 7 -22.78 9.28 -13.66
N TYR A 8 -22.14 8.70 -12.64
CA TYR A 8 -22.84 8.06 -11.54
C TYR A 8 -22.25 8.50 -10.20
N LYS A 9 -23.09 8.55 -9.17
CA LYS A 9 -22.66 8.99 -7.86
C LYS A 9 -23.40 8.21 -6.77
N TYR A 10 -22.71 8.00 -5.65
CA TYR A 10 -23.25 7.34 -4.48
C TYR A 10 -23.64 8.36 -3.41
N ASP A 11 -24.79 8.15 -2.77
CA ASP A 11 -25.27 9.06 -1.74
C ASP A 11 -26.26 8.32 -0.86
N SER A 12 -26.55 8.91 0.29
CA SER A 12 -27.53 8.36 1.22
C SER A 12 -28.72 9.25 1.47
N ARG A 13 -28.70 10.51 1.01
CA ARG A 13 -29.85 11.38 1.19
C ARG A 13 -31.04 10.86 0.39
N PRO A 14 -32.24 10.84 0.98
CA PRO A 14 -33.41 10.22 0.33
C PRO A 14 -33.75 10.90 -0.99
N PRO A 15 -34.20 10.12 -1.98
CA PRO A 15 -34.50 10.69 -3.31
C PRO A 15 -35.61 11.72 -3.33
N GLU A 16 -36.51 11.75 -2.35
CA GLU A 16 -37.67 12.62 -2.41
C GLU A 16 -37.32 14.11 -2.33
N ASP A 17 -36.09 14.47 -1.96
CA ASP A 17 -35.68 15.85 -1.92
C ASP A 17 -34.48 16.16 -2.83
N VAL A 18 -33.80 15.15 -3.35
CA VAL A 18 -32.68 15.38 -4.26
C VAL A 18 -33.16 16.06 -5.54
N PHE A 19 -34.29 15.59 -6.08
CA PHE A 19 -34.77 16.07 -7.37
C PHE A 19 -35.11 17.55 -7.35
N GLN A 20 -35.41 18.12 -6.19
CA GLN A 20 -35.65 19.55 -6.07
C GLN A 20 -34.41 20.34 -5.66
N ASN A 21 -33.32 19.68 -5.27
CA ASN A 21 -32.16 20.40 -4.77
C ASN A 21 -30.84 19.99 -5.45
N GLY A 22 -30.73 18.73 -5.85
CA GLY A 22 -29.48 18.28 -6.43
C GLY A 22 -28.35 18.26 -5.40
N PHE A 23 -27.13 18.36 -5.91
CA PHE A 23 -25.94 18.40 -5.06
C PHE A 23 -25.22 19.72 -5.28
N THR A 24 -24.63 20.24 -4.21
CA THR A 24 -23.92 21.52 -4.24
C THR A 24 -22.57 21.38 -3.55
N ALA A 25 -21.62 22.22 -3.99
CA ALA A 25 -20.29 22.24 -3.39
C ALA A 25 -20.33 22.99 -2.06
N TRP A 26 -19.15 23.23 -1.48
CA TRP A 26 -19.05 23.88 -0.18
C TRP A 26 -18.56 25.31 -0.25
N GLY A 27 -17.48 25.59 -0.97
CA GLY A 27 -16.85 26.90 -0.94
C GLY A 27 -16.25 27.28 -2.27
N ASN A 28 -15.18 28.08 -2.21
CA ASN A 28 -14.60 28.71 -3.39
C ASN A 28 -13.19 28.24 -3.72
N ASN A 29 -12.64 27.27 -3.00
CA ASN A 29 -11.31 26.77 -3.30
C ASN A 29 -11.37 25.90 -4.55
N ASP A 30 -10.65 26.30 -5.59
CA ASP A 30 -10.68 25.63 -6.89
C ASP A 30 -9.32 25.08 -7.31
N ASN A 31 -8.42 24.86 -6.36
CA ASN A 31 -7.13 24.25 -6.67
C ASN A 31 -7.31 22.75 -6.86
N VAL A 32 -6.56 22.20 -7.83
CA VAL A 32 -6.76 20.80 -8.20
C VAL A 32 -6.01 19.86 -7.28
N LEU A 33 -4.74 20.16 -7.01
CA LEU A 33 -3.92 19.26 -6.21
C LEU A 33 -4.43 19.15 -4.78
N ASP A 34 -4.94 20.25 -4.23
CA ASP A 34 -5.52 20.21 -2.89
C ASP A 34 -6.73 19.30 -2.84
N HIS A 35 -7.55 19.31 -3.91
CA HIS A 35 -8.69 18.41 -3.97
C HIS A 35 -8.25 16.95 -4.10
N LEU A 36 -7.29 16.68 -4.98
CA LEU A 36 -6.85 15.30 -5.20
C LEU A 36 -6.20 14.71 -3.95
N THR A 37 -5.36 15.50 -3.26
CA THR A 37 -4.69 14.99 -2.07
C THR A 37 -5.65 14.80 -0.91
N GLY A 38 -6.77 15.52 -0.89
CA GLY A 38 -7.75 15.38 0.16
C GLY A 38 -7.69 16.42 1.26
N ARG A 39 -6.69 17.31 1.25
CA ARG A 39 -6.57 18.31 2.29
C ARG A 39 -7.78 19.24 2.34
N SER A 40 -8.42 19.47 1.21
CA SER A 40 -9.60 20.33 1.16
C SER A 40 -10.89 19.58 1.47
N CYS A 41 -10.83 18.27 1.72
CA CYS A 41 -12.00 17.50 2.11
C CYS A 41 -11.91 16.97 3.54
N GLN A 42 -10.93 17.40 4.32
CA GLN A 42 -10.75 16.90 5.67
C GLN A 42 -11.74 17.57 6.61
N VAL A 43 -12.08 16.87 7.70
CA VAL A 43 -12.95 17.43 8.73
C VAL A 43 -12.30 18.67 9.33
N GLY A 44 -13.08 19.74 9.47
CA GLY A 44 -12.58 21.01 9.95
C GLY A 44 -11.86 21.82 8.91
N SER A 45 -11.63 21.27 7.71
CA SER A 45 -10.99 21.99 6.62
C SER A 45 -11.71 21.74 5.31
N SER A 46 -12.97 21.31 5.36
CA SER A 46 -13.76 21.00 4.17
C SER A 46 -14.18 22.30 3.51
N ASN A 47 -13.42 22.72 2.50
CA ASN A 47 -13.76 23.91 1.73
C ASN A 47 -13.25 23.64 0.30
N SER A 48 -14.14 23.11 -0.53
CA SER A 48 -13.80 22.76 -1.90
C SER A 48 -14.96 23.14 -2.81
N ALA A 49 -14.63 23.46 -4.07
CA ALA A 49 -15.63 23.84 -5.05
C ALA A 49 -15.83 22.78 -6.12
N PHE A 50 -15.42 21.53 -5.84
CA PHE A 50 -15.46 20.46 -6.82
C PHE A 50 -16.24 19.27 -6.27
N VAL A 51 -17.35 18.94 -6.92
CA VAL A 51 -18.11 17.74 -6.62
C VAL A 51 -17.55 16.60 -7.45
N SER A 52 -17.30 15.46 -6.81
CA SER A 52 -16.62 14.34 -7.44
C SER A 52 -17.61 13.24 -7.78
N THR A 53 -17.58 12.77 -9.03
CA THR A 53 -18.44 11.72 -9.52
C THR A 53 -17.59 10.66 -10.23
N SER A 54 -18.17 9.49 -10.43
CA SER A 54 -17.49 8.38 -11.08
C SER A 54 -18.23 8.00 -12.36
N SER A 55 -17.49 7.55 -13.36
CA SER A 55 -18.04 7.21 -14.67
C SER A 55 -18.13 5.71 -14.92
N SER A 56 -17.80 4.87 -13.94
CA SER A 56 -17.90 3.43 -14.06
C SER A 56 -18.79 2.88 -12.96
N ARG A 57 -19.77 2.06 -13.33
CA ARG A 57 -20.76 1.61 -12.37
C ARG A 57 -20.29 0.44 -11.51
N ARG A 58 -19.30 -0.33 -11.97
CA ARG A 58 -18.82 -1.46 -11.17
C ARG A 58 -18.20 -0.99 -9.86
N TYR A 59 -17.47 0.13 -9.92
CA TYR A 59 -16.83 0.68 -8.72
C TYR A 59 -17.87 1.11 -7.71
N THR A 60 -18.93 1.80 -8.17
CA THR A 60 -19.99 2.22 -7.26
C THR A 60 -20.74 1.02 -6.70
N GLU A 61 -20.99 0.00 -7.53
CA GLU A 61 -21.69 -1.18 -7.05
C GLU A 61 -20.89 -1.92 -5.98
N VAL A 62 -19.58 -2.09 -6.19
CA VAL A 62 -18.78 -2.78 -5.18
C VAL A 62 -18.65 -1.94 -3.92
N TYR A 63 -18.58 -0.61 -4.07
CA TYR A 63 -18.56 0.27 -2.91
C TYR A 63 -19.83 0.09 -2.08
N LEU A 64 -20.99 0.19 -2.73
CA LEU A 64 -22.27 0.04 -2.05
C LEU A 64 -22.40 -1.35 -1.43
N GLU A 65 -21.86 -2.37 -2.10
CA GLU A 65 -21.89 -3.72 -1.53
C GLU A 65 -21.11 -3.80 -0.23
N HIS A 66 -19.93 -3.18 -0.19
CA HIS A 66 -19.15 -3.19 1.05
C HIS A 66 -19.83 -2.36 2.13
N ARG A 67 -20.46 -1.24 1.75
CA ARG A 67 -21.21 -0.45 2.71
C ARG A 67 -22.37 -1.24 3.30
N MET A 68 -23.08 -1.99 2.46
CA MET A 68 -24.17 -2.84 2.94
C MET A 68 -23.65 -3.93 3.87
N GLN A 69 -22.53 -4.55 3.51
CA GLN A 69 -21.99 -5.64 4.32
C GLN A 69 -21.45 -5.15 5.66
N GLU A 70 -21.06 -3.87 5.75
CA GLU A 70 -20.59 -3.32 7.02
C GLU A 70 -21.64 -3.45 8.12
N ALA A 71 -22.92 -3.25 7.76
CA ALA A 71 -23.98 -3.25 8.76
C ALA A 71 -24.18 -4.63 9.38
N VAL A 72 -23.95 -5.71 8.61
CA VAL A 72 -24.13 -7.05 9.14
C VAL A 72 -23.14 -7.33 10.28
N GLU A 73 -21.86 -7.05 10.04
CA GLU A 73 -20.86 -7.24 11.09
C GLU A 73 -21.06 -6.24 12.22
N ALA A 74 -21.55 -5.03 11.91
CA ALA A 74 -21.85 -4.07 12.97
C ALA A 74 -22.93 -4.61 13.91
N GLU A 75 -24.02 -5.13 13.34
CA GLU A 75 -25.08 -5.72 14.15
C GLU A 75 -24.57 -6.91 14.95
N ARG A 76 -23.80 -7.79 14.31
CA ARG A 76 -23.28 -8.97 15.00
C ARG A 76 -22.38 -8.57 16.15
N ALA A 77 -21.62 -7.49 15.99
CA ALA A 77 -20.78 -6.99 17.09
C ALA A 77 -21.61 -6.51 18.27
N GLY A 78 -22.84 -6.03 18.01
CA GLY A 78 -23.73 -5.66 19.09
C GLY A 78 -24.40 -4.30 18.99
N ARG A 79 -24.26 -3.62 17.86
CA ARG A 79 -24.87 -2.32 17.65
C ARG A 79 -25.53 -2.26 16.28
N GLY A 80 -26.78 -1.79 16.24
CA GLY A 80 -27.51 -1.64 15.00
C GLY A 80 -28.41 -2.82 14.71
N THR A 81 -29.54 -2.52 14.04
CA THR A 81 -30.55 -3.56 13.79
C THR A 81 -30.04 -4.57 12.78
N GLY A 82 -29.40 -4.11 11.71
CA GLY A 82 -28.98 -4.95 10.62
C GLY A 82 -29.69 -4.67 9.32
N HIS A 83 -30.29 -3.50 9.17
CA HIS A 83 -30.96 -3.10 7.94
C HIS A 83 -30.22 -1.94 7.31
N PHE A 84 -30.14 -1.95 5.99
CA PHE A 84 -29.37 -0.97 5.24
C PHE A 84 -30.20 -0.41 4.09
N ILE A 85 -30.09 0.90 3.87
CA ILE A 85 -30.71 1.56 2.75
C ILE A 85 -29.65 2.38 2.03
N GLY A 86 -29.45 2.12 0.75
CA GLY A 86 -28.47 2.83 -0.04
C GLY A 86 -29.06 3.24 -1.37
N TYR A 87 -28.29 4.04 -2.11
CA TYR A 87 -28.78 4.56 -3.38
C TYR A 87 -27.63 4.69 -4.37
N ILE A 88 -27.97 4.60 -5.65
CA ILE A 88 -27.06 4.86 -6.76
C ILE A 88 -27.80 5.73 -7.76
N TYR A 89 -27.15 6.79 -8.23
CA TYR A 89 -27.78 7.82 -9.02
C TYR A 89 -27.21 7.84 -10.43
N GLU A 90 -28.01 8.34 -11.37
CA GLU A 90 -27.60 8.49 -12.76
C GLU A 90 -27.69 9.96 -13.14
N VAL A 91 -26.57 10.52 -13.59
CA VAL A 91 -26.47 11.93 -13.95
C VAL A 91 -25.94 12.03 -15.37
N ARG A 92 -26.49 12.96 -16.14
CA ARG A 92 -26.02 13.20 -17.49
C ARG A 92 -24.77 14.08 -17.47
N ALA A 93 -23.83 13.79 -18.36
CA ALA A 93 -22.61 14.56 -18.45
C ALA A 93 -22.80 15.71 -19.43
N ASP A 94 -22.08 16.81 -19.18
CA ASP A 94 -22.18 18.00 -20.00
C ASP A 94 -20.80 18.65 -20.10
N ASN A 95 -20.75 19.78 -20.82
CA ASN A 95 -19.50 20.44 -21.14
C ASN A 95 -18.90 21.16 -19.92
N ASN A 96 -19.66 21.31 -18.84
CA ASN A 96 -19.15 21.95 -17.64
C ASN A 96 -18.31 21.02 -16.78
N PHE A 97 -18.34 19.70 -17.04
CA PHE A 97 -17.56 18.77 -16.25
C PHE A 97 -16.11 18.75 -16.75
N TYR A 98 -15.21 18.30 -15.89
CA TYR A 98 -13.80 18.21 -16.21
C TYR A 98 -13.23 16.87 -15.73
N GLY A 99 -12.28 16.35 -16.49
CA GLY A 99 -11.60 15.14 -16.10
C GLY A 99 -10.57 15.39 -15.02
N ALA A 100 -10.19 14.31 -14.32
CA ALA A 100 -9.27 14.43 -13.19
C ALA A 100 -7.84 14.05 -13.54
N ALA A 101 -7.64 12.92 -14.24
CA ALA A 101 -6.29 12.47 -14.55
C ALA A 101 -5.59 13.44 -15.50
N SER A 102 -6.31 13.94 -16.51
CA SER A 102 -5.71 14.85 -17.47
C SER A 102 -5.38 16.19 -16.82
N SER A 103 -6.25 16.68 -15.94
CA SER A 103 -5.98 17.93 -15.24
C SER A 103 -4.79 17.78 -14.31
N TYR A 104 -4.69 16.63 -13.62
CA TYR A 104 -3.53 16.39 -12.76
C TYR A 104 -2.24 16.36 -13.56
N PHE A 105 -2.25 15.69 -14.72
CA PHE A 105 -1.03 15.62 -15.52
C PHE A 105 -0.67 16.98 -16.11
N GLU A 106 -1.68 17.78 -16.47
CA GLU A 106 -1.42 19.15 -16.92
C GLU A 106 -0.76 19.97 -15.82
N TYR A 107 -1.27 19.87 -14.59
CA TYR A 107 -0.70 20.59 -13.46
C TYR A 107 0.74 20.16 -13.22
N VAL A 108 0.99 18.85 -13.22
CA VAL A 108 2.33 18.33 -12.96
C VAL A 108 3.31 18.79 -14.04
N ASP A 109 2.90 18.72 -15.31
CA ASP A 109 3.76 19.17 -16.39
C ASP A 109 4.06 20.66 -16.29
N THR A 110 3.03 21.47 -16.00
CA THR A 110 3.22 22.92 -15.98
C THR A 110 4.11 23.36 -14.82
N TYR A 111 3.94 22.77 -13.63
CA TYR A 111 4.61 23.28 -12.44
C TYR A 111 5.75 22.39 -11.95
N GLY A 112 6.10 21.35 -12.70
CA GLY A 112 7.28 20.57 -12.38
C GLY A 112 6.97 19.35 -11.53
N ASP A 113 7.98 18.49 -11.39
CA ASP A 113 7.84 17.24 -10.68
C ASP A 113 7.97 17.38 -9.17
N ASN A 114 8.50 18.51 -8.69
CA ASN A 114 8.62 18.71 -7.25
C ASN A 114 7.27 18.92 -6.57
N ALA A 115 6.26 19.36 -7.32
CA ALA A 115 4.92 19.52 -6.80
C ALA A 115 4.03 18.31 -7.04
N GLY A 116 4.53 17.30 -7.73
CA GLY A 116 3.74 16.13 -8.05
C GLY A 116 3.79 15.04 -7.00
N ARG A 117 2.77 14.19 -7.02
CA ARG A 117 2.67 13.02 -6.15
C ARG A 117 2.22 11.85 -6.99
N ILE A 118 2.97 10.75 -6.94
CA ILE A 118 2.76 9.66 -7.89
C ILE A 118 1.41 8.99 -7.67
N LEU A 119 1.04 8.72 -6.41
CA LEU A 119 -0.16 7.94 -6.14
C LEU A 119 -1.44 8.74 -6.36
N ALA A 120 -1.35 10.07 -6.44
CA ALA A 120 -2.53 10.88 -6.75
C ALA A 120 -3.07 10.56 -8.14
N GLY A 121 -2.18 10.46 -9.13
CA GLY A 121 -2.61 10.10 -10.47
C GLY A 121 -3.16 8.69 -10.54
N ALA A 122 -2.57 7.77 -9.77
CA ALA A 122 -3.09 6.41 -9.71
C ALA A 122 -4.50 6.39 -9.14
N LEU A 123 -4.74 7.17 -8.08
CA LEU A 123 -6.09 7.27 -7.53
C LEU A 123 -7.05 7.88 -8.53
N ALA A 124 -6.59 8.89 -9.27
CA ALA A 124 -7.46 9.54 -10.26
C ALA A 124 -7.85 8.58 -11.37
N THR A 125 -6.89 7.78 -11.86
CA THR A 125 -7.18 6.85 -12.94
C THR A 125 -7.98 5.64 -12.45
N TYR A 126 -7.73 5.19 -11.22
CA TYR A 126 -8.46 4.06 -10.66
C TYR A 126 -9.95 4.36 -10.54
N GLN A 127 -10.29 5.54 -10.01
CA GLN A 127 -11.69 5.89 -9.80
C GLN A 127 -12.36 6.50 -11.01
N SER A 128 -11.59 6.80 -12.07
CA SER A 128 -12.10 7.40 -13.30
C SER A 128 -13.02 8.59 -13.03
N GLY A 129 -12.58 9.45 -12.11
CA GLY A 129 -13.44 10.49 -11.62
C GLY A 129 -13.61 11.66 -12.58
N TYR A 130 -14.69 12.40 -12.36
CA TYR A 130 -14.99 13.64 -13.07
C TYR A 130 -15.45 14.69 -12.08
N LEU A 131 -15.05 15.93 -12.31
CA LEU A 131 -15.37 17.04 -11.42
C LEU A 131 -16.51 17.87 -12.02
N ALA A 132 -17.53 18.11 -11.22
CA ALA A 132 -18.73 18.79 -11.68
C ALA A 132 -18.75 20.29 -11.38
N HIS A 133 -17.60 20.87 -11.01
CA HIS A 133 -17.46 22.29 -10.68
C HIS A 133 -18.33 22.59 -9.45
N ARG A 134 -18.83 23.83 -9.35
CA ARG A 134 -19.54 24.26 -8.15
C ARG A 134 -20.90 23.60 -7.99
N ARG A 135 -21.66 23.50 -9.08
CA ARG A 135 -23.03 23.02 -8.98
C ARG A 135 -23.29 21.93 -10.01
N ILE A 136 -24.12 20.97 -9.63
CA ILE A 136 -24.58 19.90 -10.50
C ILE A 136 -26.11 19.85 -10.42
N PRO A 137 -26.80 20.56 -11.32
CA PRO A 137 -28.24 20.80 -11.15
C PRO A 137 -29.04 19.52 -11.31
N PRO A 138 -30.26 19.47 -10.75
CA PRO A 138 -31.09 18.26 -10.87
C PRO A 138 -31.54 17.96 -12.29
N GLU A 139 -31.47 18.93 -13.21
CA GLU A 139 -31.95 18.71 -14.57
C GLU A 139 -31.23 17.55 -15.26
N ASN A 140 -30.00 17.26 -14.85
CA ASN A 140 -29.25 16.13 -15.40
C ASN A 140 -29.53 14.82 -14.69
N ILE A 141 -30.33 14.83 -13.62
CA ILE A 141 -30.63 13.61 -12.88
C ILE A 141 -31.73 12.85 -13.61
N ARG A 142 -31.49 11.57 -13.88
CA ARG A 142 -32.40 10.75 -14.68
C ARG A 142 -33.08 9.65 -13.88
N ARG A 143 -32.31 8.78 -13.24
CA ARG A 143 -32.86 7.60 -12.58
C ARG A 143 -32.13 7.34 -11.28
N VAL A 144 -32.81 6.67 -10.36
CA VAL A 144 -32.24 6.30 -9.07
C VAL A 144 -32.51 4.82 -8.83
N THR A 145 -31.66 4.22 -7.99
CA THR A 145 -31.79 2.82 -7.59
C THR A 145 -31.84 2.76 -6.07
N ARG A 146 -32.87 2.12 -5.54
CA ARG A 146 -33.08 2.02 -4.09
C ARG A 146 -32.75 0.60 -3.65
N VAL A 147 -31.60 0.43 -3.00
CA VAL A 147 -31.13 -0.88 -2.55
C VAL A 147 -31.52 -1.03 -1.08
N TYR A 148 -32.10 -2.18 -0.75
CA TYR A 148 -32.61 -2.46 0.59
C TYR A 148 -32.09 -3.82 1.02
N HIS A 149 -31.54 -3.89 2.23
CA HIS A 149 -31.07 -5.14 2.82
C HIS A 149 -31.92 -5.43 4.04
N ASN A 150 -32.56 -6.59 4.06
CA ASN A 150 -33.45 -6.99 5.15
C ASN A 150 -32.68 -7.96 6.03
N GLY A 151 -32.36 -7.53 7.26
CA GLY A 151 -31.55 -8.34 8.14
C GLY A 151 -32.27 -9.53 8.76
N ILE A 152 -33.61 -9.50 8.80
CA ILE A 152 -34.34 -10.60 9.44
C ILE A 152 -34.20 -11.89 8.63
N THR A 153 -33.99 -11.79 7.31
CA THR A 153 -33.87 -12.98 6.48
C THR A 153 -32.72 -12.96 5.48
N GLY A 154 -32.09 -11.82 5.24
CA GLY A 154 -30.94 -11.75 4.35
C GLY A 154 -31.24 -11.49 2.89
N GLU A 155 -32.51 -11.34 2.52
CA GLU A 155 -32.87 -11.09 1.13
C GLU A 155 -32.42 -9.70 0.70
N THR A 156 -31.96 -9.59 -0.55
CA THR A 156 -31.54 -8.32 -1.14
C THR A 156 -32.57 -7.92 -2.19
N THR A 157 -33.00 -6.66 -2.14
CA THR A 157 -34.04 -6.15 -3.01
C THR A 157 -33.55 -4.88 -3.71
N THR A 158 -33.76 -4.82 -5.02
CA THR A 158 -33.40 -3.65 -5.82
C THR A 158 -34.62 -3.15 -6.57
N THR A 159 -34.82 -1.83 -6.54
CA THR A 159 -35.94 -1.18 -7.22
C THR A 159 -35.45 0.10 -7.87
N GLU A 160 -36.17 0.56 -8.89
CA GLU A 160 -35.80 1.75 -9.64
C GLU A 160 -37.03 2.64 -9.81
N TYR A 161 -36.76 3.93 -10.01
CA TYR A 161 -37.78 4.92 -10.28
C TYR A 161 -37.26 5.90 -11.33
N SER A 162 -38.17 6.67 -11.91
CA SER A 162 -37.83 7.59 -12.99
C SER A 162 -38.16 9.02 -12.57
N ASN A 163 -37.25 9.94 -12.89
CA ASN A 163 -37.45 11.34 -12.55
C ASN A 163 -38.50 11.96 -13.45
N ALA A 164 -39.27 12.89 -12.89
CA ALA A 164 -40.27 13.64 -13.63
C ALA A 164 -39.75 14.97 -14.17
N ARG A 165 -38.50 15.33 -13.87
CA ARG A 165 -37.95 16.60 -14.31
C ARG A 165 -36.74 16.44 -15.23
N TYR A 166 -36.38 15.21 -15.60
CA TYR A 166 -35.23 14.98 -16.47
C TYR A 166 -35.48 15.54 -17.86
N VAL A 167 -34.43 16.10 -18.45
CA VAL A 167 -34.49 16.72 -19.77
C VAL A 167 -33.47 16.05 -20.67
N SER A 168 -33.87 15.74 -21.90
CA SER A 168 -33.04 15.00 -22.85
C SER A 168 -32.32 15.99 -23.76
N GLN A 169 -30.99 15.94 -23.75
CA GLN A 169 -30.15 16.73 -24.64
C GLN A 169 -28.93 15.92 -25.02
N GLN A 170 -28.34 16.25 -26.17
CA GLN A 170 -27.17 15.57 -26.69
C GLN A 170 -25.94 16.44 -26.42
N THR A 171 -25.22 16.11 -25.35
CA THR A 171 -24.03 16.86 -24.97
C THR A 171 -23.12 15.94 -24.18
N ARG A 172 -21.82 15.99 -24.47
CA ARG A 172 -20.83 15.12 -23.87
C ARG A 172 -19.83 15.94 -23.06
N ALA A 173 -18.95 15.24 -22.36
CA ALA A 173 -18.03 15.87 -21.43
C ALA A 173 -16.97 16.67 -22.16
N ASN A 174 -16.41 17.64 -21.45
CA ASN A 174 -15.39 18.52 -22.03
C ASN A 174 -14.10 17.76 -22.27
N PRO A 175 -13.50 17.87 -23.46
CA PRO A 175 -12.23 17.17 -23.70
C PRO A 175 -11.01 17.88 -23.14
N ASN A 176 -11.08 19.19 -22.90
CA ASN A 176 -9.92 19.96 -22.48
C ASN A 176 -9.68 19.78 -21.00
N PRO A 177 -8.48 19.36 -20.57
CA PRO A 177 -8.16 19.27 -19.14
C PRO A 177 -8.26 20.62 -18.45
N TYR A 178 -8.30 20.56 -17.12
CA TYR A 178 -8.41 21.75 -16.29
C TYR A 178 -7.03 22.25 -15.87
N THR A 179 -6.93 23.56 -15.68
CA THR A 179 -5.70 24.21 -15.25
C THR A 179 -5.94 24.98 -13.97
N SER A 180 -4.97 24.94 -13.05
CA SER A 180 -5.11 25.58 -11.76
C SER A 180 -3.81 26.30 -11.41
N ARG A 181 -3.93 27.29 -10.53
CA ARG A 181 -2.78 28.07 -10.09
C ARG A 181 -1.88 27.24 -9.17
N ARG A 182 -0.70 27.79 -8.88
CA ARG A 182 0.23 27.16 -7.97
C ARG A 182 -0.34 27.10 -6.56
N SER A 183 -0.14 25.96 -5.90
CA SER A 183 -0.64 25.79 -4.55
C SER A 183 0.11 26.69 -3.57
N VAL A 184 -0.62 27.21 -2.58
CA VAL A 184 -0.02 28.07 -1.55
C VAL A 184 0.22 27.33 -0.25
N ALA A 185 -0.38 26.16 -0.06
CA ALA A 185 -0.22 25.37 1.15
C ALA A 185 0.88 24.33 0.96
N SER A 186 0.99 23.42 1.93
CA SER A 186 1.95 22.32 1.88
C SER A 186 1.21 21.02 2.12
N ILE A 187 1.65 19.96 1.46
CA ILE A 187 0.98 18.66 1.50
C ILE A 187 1.99 17.60 1.94
N VAL A 188 1.58 16.78 2.90
CA VAL A 188 2.43 15.69 3.37
C VAL A 188 2.12 14.39 2.64
N GLY A 189 0.84 14.05 2.52
CA GLY A 189 0.44 12.85 1.83
C GLY A 189 -0.99 12.96 1.35
N THR A 190 -1.49 11.83 0.83
CA THR A 190 -2.86 11.73 0.35
C THR A 190 -3.70 10.92 1.33
N LEU A 191 -4.96 11.31 1.48
CA LEU A 191 -5.87 10.70 2.43
C LEU A 191 -6.71 9.64 1.73
N VAL A 192 -6.75 8.43 2.29
CA VAL A 192 -7.41 7.30 1.66
C VAL A 192 -8.17 6.49 2.70
N ARG A 193 -9.45 6.22 2.43
CA ARG A 193 -10.26 5.35 3.27
C ARG A 193 -9.81 3.91 3.09
N MET A 194 -9.98 3.11 4.13
CA MET A 194 -9.45 1.75 4.18
C MET A 194 -10.57 0.72 4.07
N ALA A 195 -10.41 -0.24 3.14
CA ALA A 195 -11.34 -1.32 2.86
C ALA A 195 -12.68 -0.81 2.36
N PRO A 196 -12.80 -0.45 1.08
CA PRO A 196 -11.78 -0.46 0.03
C PRO A 196 -10.99 0.83 -0.07
N VAL A 197 -10.06 0.93 -1.01
CA VAL A 197 -9.27 2.13 -1.23
C VAL A 197 -10.14 3.08 -2.05
N ILE A 198 -10.71 4.09 -1.38
CA ILE A 198 -11.54 5.10 -2.03
C ILE A 198 -11.04 6.47 -1.60
N GLY A 199 -10.91 7.38 -2.56
CA GLY A 199 -10.41 8.71 -2.27
C GLY A 199 -11.23 9.40 -1.20
N ALA A 200 -10.53 10.11 -0.32
CA ALA A 200 -11.18 10.83 0.79
C ALA A 200 -12.29 11.75 0.30
N CYS A 201 -12.03 12.52 -0.76
CA CYS A 201 -13.00 13.49 -1.23
C CYS A 201 -14.28 12.83 -1.74
N MET A 202 -14.21 11.57 -2.15
CA MET A 202 -15.38 10.88 -2.68
C MET A 202 -16.28 10.34 -1.58
N ALA A 203 -15.69 9.80 -0.51
CA ALA A 203 -16.45 9.19 0.55
C ALA A 203 -16.93 10.19 1.59
N ARG A 204 -16.28 11.36 1.69
CA ARG A 204 -16.65 12.34 2.70
C ARG A 204 -18.00 12.96 2.40
N GLN A 205 -18.35 13.09 1.11
CA GLN A 205 -19.63 13.64 0.69
C GLN A 205 -20.75 12.61 0.68
N ALA A 206 -20.44 11.35 1.03
CA ALA A 206 -21.46 10.30 1.06
C ALA A 206 -22.10 10.17 2.44
N GLU A 207 -21.32 10.33 3.50
CA GLU A 207 -21.83 10.23 4.86
C GLU A 207 -22.74 11.41 5.20
N ALA A 222 -15.95 7.73 14.31
CA ALA A 222 -16.11 8.70 13.23
C ALA A 222 -15.34 8.26 11.99
N MET A 223 -15.17 9.19 11.06
CA MET A 223 -14.43 8.90 9.84
C MET A 223 -12.96 8.67 10.15
N VAL A 224 -12.37 7.69 9.46
CA VAL A 224 -10.96 7.36 9.64
C VAL A 224 -10.24 7.51 8.30
N LEU A 225 -9.16 8.28 8.30
CA LEU A 225 -8.39 8.56 7.09
C LEU A 225 -6.91 8.34 7.40
N VAL A 226 -6.23 7.61 6.51
CA VAL A 226 -4.84 7.22 6.71
C VAL A 226 -4.04 7.58 5.47
N TYR A 227 -2.81 8.05 5.68
CA TYR A 227 -1.93 8.40 4.58
C TYR A 227 -1.69 7.19 3.67
N TYR A 228 -1.82 7.40 2.37
CA TYR A 228 -1.72 6.30 1.41
C TYR A 228 -0.28 5.80 1.29
N GLU A 229 0.70 6.71 1.30
CA GLU A 229 2.09 6.29 1.10
C GLU A 229 2.60 5.40 2.23
N SER A 230 1.90 5.35 3.37
CA SER A 230 2.32 4.54 4.49
C SER A 230 1.92 3.07 4.35
N ILE A 231 0.90 2.76 3.54
CA ILE A 231 0.41 1.40 3.42
C ILE A 231 0.86 0.70 2.14
N ALA A 232 1.35 1.45 1.15
CA ALA A 232 1.66 0.88 -0.15
C ALA A 232 2.73 -0.20 -0.10
N TYR A 233 3.54 -0.23 0.95
CA TYR A 233 4.51 -1.29 1.14
C TYR A 233 4.21 -2.03 2.43
N SER A 234 4.72 -3.25 2.53
CA SER A 234 4.48 -4.11 3.67
C SER A 234 5.52 -3.86 4.74
N PHE A 235 5.07 -3.67 5.98
CA PHE A 235 5.97 -3.49 7.11
C PHE A 235 6.50 -4.85 7.57
N GLY B 4 28.60 28.76 11.17
CA GLY B 4 29.70 27.88 11.51
C GLY B 4 29.82 26.68 10.60
N ILE B 5 30.93 25.96 10.69
CA ILE B 5 31.17 24.79 9.86
C ILE B 5 32.04 23.81 10.64
N VAL B 6 31.68 22.54 10.59
CA VAL B 6 32.45 21.49 11.26
C VAL B 6 33.71 21.21 10.45
N ILE B 7 34.86 21.29 11.12
CA ILE B 7 36.16 21.09 10.48
C ILE B 7 36.67 19.71 10.89
N PRO B 8 36.81 18.76 9.96
CA PRO B 8 37.29 17.42 10.30
C PRO B 8 38.72 17.47 10.85
N PRO B 9 39.16 16.42 11.55
CA PRO B 9 40.53 16.40 12.06
C PRO B 9 41.52 15.83 11.05
N GLN B 10 42.80 16.01 11.39
CA GLN B 10 43.88 15.71 10.45
C GLN B 10 44.14 14.21 10.30
N GLU B 11 43.89 13.42 11.35
CA GLU B 11 44.28 12.01 11.36
C GLU B 11 43.42 11.12 10.46
N GLN B 12 42.49 11.68 9.68
CA GLN B 12 41.59 10.89 8.85
C GLN B 12 41.99 10.89 7.38
N ILE B 13 43.15 11.42 7.04
CA ILE B 13 43.56 11.47 5.63
C ILE B 13 43.95 10.09 5.16
N THR B 14 43.64 9.80 3.89
CA THR B 14 43.95 8.53 3.26
C THR B 14 45.21 8.66 2.42
N GLN B 15 46.02 7.60 2.40
CA GLN B 15 47.34 7.68 1.79
C GLN B 15 47.31 7.57 0.27
N HIS B 16 46.24 7.05 -0.30
CA HIS B 16 46.12 6.89 -1.75
C HIS B 16 44.82 7.51 -2.22
N GLY B 17 44.91 8.64 -2.93
CA GLY B 17 43.72 9.34 -3.35
C GLY B 17 42.99 8.58 -4.44
N GLY B 18 41.76 8.98 -4.69
CA GLY B 18 40.93 8.31 -5.66
C GLY B 18 41.35 8.59 -7.09
N PRO B 19 41.28 7.57 -7.94
CA PRO B 19 41.68 7.73 -9.34
C PRO B 19 40.54 8.22 -10.22
N TYR B 20 40.62 9.49 -10.64
CA TYR B 20 39.72 10.17 -11.59
C TYR B 20 38.39 10.56 -10.95
N GLY B 21 38.27 10.48 -9.62
CA GLY B 21 37.08 10.94 -8.96
C GLY B 21 36.25 9.87 -8.29
N ARG B 22 36.77 8.65 -8.15
CA ARG B 22 36.08 7.58 -7.45
C ARG B 22 36.89 7.21 -6.20
N CYS B 23 36.47 7.76 -5.06
CA CYS B 23 37.08 7.39 -3.80
C CYS B 23 36.63 5.98 -3.42
N ALA B 24 37.42 5.33 -2.57
CA ALA B 24 37.09 3.98 -2.12
C ALA B 24 35.83 3.99 -1.27
N ASN B 25 35.40 2.80 -0.84
CA ASN B 25 34.22 2.67 -0.02
C ASN B 25 34.43 3.34 1.34
N LYS B 26 33.32 3.80 1.94
CA LYS B 26 33.30 4.45 3.25
C LYS B 26 34.22 5.67 3.28
N THR B 27 34.24 6.43 2.18
CA THR B 27 35.15 7.55 2.03
C THR B 27 34.47 8.60 1.16
N ARG B 28 34.88 9.86 1.32
CA ARG B 28 34.33 10.94 0.50
C ARG B 28 35.41 12.00 0.26
N ALA B 29 35.17 12.83 -0.75
CA ALA B 29 36.11 13.88 -1.13
C ALA B 29 36.11 15.01 -0.11
N LEU B 30 37.21 15.76 -0.10
CA LEU B 30 37.39 16.89 0.80
C LEU B 30 36.87 18.18 0.17
N THR B 31 36.20 18.99 0.97
CA THR B 31 35.69 20.27 0.48
C THR B 31 36.74 21.37 0.68
N VAL B 32 36.60 22.43 -0.13
CA VAL B 32 37.54 23.55 -0.08
C VAL B 32 37.46 24.28 1.25
N ALA B 33 36.23 24.54 1.74
CA ALA B 33 36.03 25.27 2.98
C ALA B 33 36.76 24.61 4.14
N GLU B 34 36.60 23.29 4.28
CA GLU B 34 37.28 22.55 5.34
C GLU B 34 38.79 22.69 5.21
N LEU B 35 39.29 22.65 3.97
CA LEU B 35 40.73 22.78 3.72
C LEU B 35 41.25 24.13 4.20
N ARG B 36 40.53 25.21 3.88
CA ARG B 36 40.98 26.55 4.26
C ARG B 36 41.15 26.69 5.76
N GLY B 37 40.19 26.17 6.54
CA GLY B 37 40.13 26.40 7.97
C GLY B 37 40.97 25.50 8.83
N SER B 38 41.90 24.75 8.25
CA SER B 38 42.73 23.80 8.99
C SER B 38 44.18 24.14 8.78
N GLY B 39 44.94 24.20 9.87
CA GLY B 39 46.37 24.48 9.80
C GLY B 39 47.19 23.22 9.60
N ASP B 40 46.87 22.19 10.38
CA ASP B 40 47.62 20.93 10.29
C ASP B 40 47.44 20.29 8.93
N LEU B 41 46.24 20.37 8.37
CA LEU B 41 46.00 19.81 7.04
C LEU B 41 46.82 20.53 5.97
N GLN B 42 46.90 21.86 6.04
CA GLN B 42 47.74 22.61 5.12
C GLN B 42 49.21 22.23 5.28
N GLU B 43 49.66 22.12 6.53
CA GLU B 43 51.04 21.74 6.79
C GLU B 43 51.35 20.35 6.25
N TYR B 44 50.40 19.42 6.36
CA TYR B 44 50.65 18.06 5.88
C TYR B 44 50.52 17.98 4.36
N LEU B 45 49.69 18.84 3.76
CA LEU B 45 49.63 18.91 2.31
C LEU B 45 50.98 19.34 1.75
N ARG B 46 51.54 20.42 2.31
CA ARG B 46 52.92 20.73 1.95
C ARG B 46 53.84 19.69 2.59
N HIS B 47 55.10 19.67 2.14
CA HIS B 47 56.15 18.70 2.52
C HIS B 47 55.88 17.36 1.82
N VAL B 48 54.83 17.26 1.01
CA VAL B 48 54.53 16.03 0.29
C VAL B 48 54.36 16.34 -1.20
N THR B 49 53.46 17.27 -1.54
CA THR B 49 53.32 17.65 -2.93
C THR B 49 54.59 18.32 -3.43
N ARG B 50 55.03 17.94 -4.63
CA ARG B 50 56.28 18.45 -5.17
C ARG B 50 56.06 18.70 -6.67
N GLY B 51 57.17 18.94 -7.37
CA GLY B 51 57.12 19.31 -8.78
C GLY B 51 56.11 20.40 -9.06
N TRP B 52 55.36 20.23 -10.14
CA TRP B 52 54.30 21.17 -10.48
C TRP B 52 52.92 20.53 -10.35
N SER B 53 52.84 19.46 -9.55
CA SER B 53 51.63 18.66 -9.33
C SER B 53 50.41 19.52 -9.03
N ILE B 54 49.37 19.34 -9.83
CA ILE B 54 48.10 20.00 -9.60
C ILE B 54 47.13 18.99 -9.01
N PHE B 55 46.23 19.47 -8.16
CA PHE B 55 45.21 18.63 -7.54
C PHE B 55 43.87 19.36 -7.56
N ALA B 56 42.79 18.58 -7.57
CA ALA B 56 41.44 19.12 -7.63
C ALA B 56 40.65 18.68 -6.41
N LEU B 57 39.88 19.60 -5.86
CA LEU B 57 39.02 19.33 -4.72
C LEU B 57 37.57 19.28 -5.19
N TYR B 58 36.66 19.12 -4.22
CA TYR B 58 35.25 18.93 -4.55
C TYR B 58 34.65 20.18 -5.20
N ASP B 59 34.98 21.36 -4.69
CA ASP B 59 34.36 22.61 -5.15
C ASP B 59 35.41 23.65 -5.49
N GLY B 60 36.51 23.22 -6.10
CA GLY B 60 37.54 24.17 -6.51
C GLY B 60 38.78 23.47 -7.03
N THR B 61 39.92 24.13 -6.88
CA THR B 61 41.18 23.63 -7.39
C THR B 61 42.29 23.96 -6.38
N TYR B 62 43.30 23.09 -6.34
CA TYR B 62 44.44 23.26 -5.45
C TYR B 62 45.72 23.25 -6.26
N LEU B 63 46.52 24.29 -6.13
CA LEU B 63 47.81 24.40 -6.82
C LEU B 63 48.91 24.20 -5.78
N GLY B 64 49.77 23.22 -6.02
CA GLY B 64 50.81 22.91 -5.06
C GLY B 64 52.18 22.76 -5.69
N GLY B 65 53.14 22.23 -4.93
CA GLY B 65 54.49 22.10 -5.41
C GLY B 65 55.19 23.43 -5.45
N GLU B 66 55.55 23.90 -6.64
CA GLU B 66 56.26 25.17 -6.79
C GLU B 66 55.34 26.34 -7.02
N TYR B 67 54.01 26.13 -6.95
CA TYR B 67 53.08 27.23 -7.06
C TYR B 67 52.95 28.04 -5.77
N GLY B 68 53.31 27.45 -4.63
CA GLY B 68 53.23 28.13 -3.35
C GLY B 68 52.00 27.83 -2.52
N GLY B 69 51.15 26.89 -2.94
CA GLY B 69 49.98 26.53 -2.18
C GLY B 69 48.84 27.53 -2.29
N VAL B 70 48.33 27.72 -3.49
CA VAL B 70 47.24 28.66 -3.76
C VAL B 70 45.95 27.89 -3.95
N ILE B 71 44.91 28.27 -3.21
CA ILE B 71 43.61 27.63 -3.28
C ILE B 71 42.66 28.52 -4.07
N LYS B 72 41.85 27.91 -4.94
CA LYS B 72 40.96 28.63 -5.83
C LYS B 72 39.56 27.99 -5.79
N ASP B 73 38.55 28.83 -5.97
CA ASP B 73 37.15 28.40 -5.92
C ASP B 73 36.62 28.10 -7.32
N GLY B 74 35.72 27.13 -7.40
CA GLY B 74 35.17 26.69 -8.67
C GLY B 74 33.80 26.08 -8.52
N THR B 75 33.26 25.63 -9.65
CA THR B 75 31.94 25.04 -9.68
C THR B 75 31.96 23.64 -9.07
N PRO B 76 30.82 23.17 -8.53
CA PRO B 76 30.79 21.81 -7.96
C PRO B 76 31.08 20.75 -9.01
N GLY B 77 31.85 19.74 -8.61
CA GLY B 77 32.22 18.61 -9.44
C GLY B 77 32.80 18.95 -10.80
N GLY B 78 33.35 20.16 -10.95
CA GLY B 78 33.85 20.65 -12.21
C GLY B 78 35.30 20.38 -12.52
N ALA B 79 36.01 19.62 -11.68
CA ALA B 79 37.43 19.39 -11.93
C ALA B 79 37.85 17.95 -11.66
N PHE B 80 36.92 17.00 -11.68
CA PHE B 80 37.23 15.62 -11.33
C PHE B 80 38.11 14.91 -12.36
N ASP B 81 38.35 15.51 -13.52
CA ASP B 81 39.08 14.84 -14.59
C ASP B 81 40.56 14.63 -14.29
N LEU B 82 41.10 15.23 -13.24
CA LEU B 82 42.51 15.03 -12.91
C LEU B 82 42.72 13.63 -12.33
N LYS B 83 43.99 13.24 -12.21
CA LYS B 83 44.35 11.88 -11.81
C LYS B 83 44.46 11.70 -10.29
N THR B 84 44.06 12.69 -9.50
CA THR B 84 44.09 12.51 -8.05
C THR B 84 43.08 13.45 -7.40
N THR B 85 42.31 12.92 -6.46
CA THR B 85 41.36 13.69 -5.66
C THR B 85 41.46 13.27 -4.20
N PHE B 86 41.66 14.24 -3.32
CA PHE B 86 41.81 13.94 -1.89
C PHE B 86 40.55 13.31 -1.32
N CYS B 87 40.72 12.18 -0.64
CA CYS B 87 39.61 11.44 -0.05
C CYS B 87 39.86 11.27 1.44
N ILE B 88 38.80 11.39 2.25
CA ILE B 88 38.90 11.33 3.71
C ILE B 88 37.89 10.32 4.25
N MET B 89 38.29 9.60 5.31
CA MET B 89 37.40 8.66 5.97
C MET B 89 36.30 9.40 6.72
N THR B 90 35.18 8.70 6.95
CA THR B 90 34.01 9.27 7.60
C THR B 90 33.64 8.52 8.88
N THR B 91 34.60 7.86 9.52
CA THR B 91 34.36 7.14 10.76
C THR B 91 35.48 7.45 11.75
N ARG B 92 35.10 7.58 13.03
CA ARG B 92 36.06 7.91 14.08
C ARG B 92 35.56 7.35 15.41
N ASN B 93 36.48 6.85 16.21
CA ASN B 93 36.18 6.39 17.57
C ASN B 93 36.58 7.48 18.55
N THR B 94 35.67 7.80 19.48
CA THR B 94 35.89 8.92 20.39
C THR B 94 36.53 8.48 21.70
N GLY B 95 36.25 7.27 22.17
CA GLY B 95 36.74 6.80 23.44
C GLY B 95 35.91 7.19 24.64
N GLN B 96 34.81 7.94 24.45
CA GLN B 96 33.95 8.31 25.56
C GLN B 96 33.12 7.11 26.01
N PRO B 97 32.64 7.12 27.28
CA PRO B 97 31.85 5.98 27.76
C PRO B 97 30.46 5.88 27.12
N ALA B 98 29.69 4.87 27.51
CA ALA B 98 28.36 4.62 26.95
C ALA B 98 27.38 5.62 27.55
N THR B 99 27.25 6.77 26.90
CA THR B 99 26.35 7.82 27.35
C THR B 99 24.91 7.49 26.97
N ASP B 100 24.00 8.41 27.29
CA ASP B 100 22.59 8.27 26.94
C ASP B 100 22.00 9.67 26.87
N HIS B 101 21.75 10.15 25.65
CA HIS B 101 21.28 11.50 25.44
C HIS B 101 20.02 11.49 24.58
N TYR B 102 19.20 12.53 24.76
CA TYR B 102 17.97 12.70 24.00
C TYR B 102 17.78 14.18 23.69
N TYR B 103 16.98 14.45 22.65
CA TYR B 103 16.79 15.81 22.16
C TYR B 103 15.34 16.25 22.03
N SER B 104 14.39 15.51 22.61
CA SER B 104 12.95 15.88 22.69
C SER B 104 12.40 16.10 21.29
N ASN B 105 11.48 17.06 21.12
CA ASN B 105 10.76 17.26 19.87
C ASN B 105 11.72 17.56 18.71
N VAL B 106 11.66 16.74 17.66
CA VAL B 106 12.47 16.86 16.45
C VAL B 106 11.70 16.23 15.29
N THR B 107 11.99 16.69 14.07
CA THR B 107 11.42 16.13 12.86
C THR B 107 12.52 15.81 11.86
N ALA B 108 12.43 14.64 11.23
CA ALA B 108 13.42 14.26 10.21
C ALA B 108 13.20 15.07 8.93
N THR B 109 14.31 15.45 8.29
CA THR B 109 14.20 16.31 7.11
C THR B 109 14.97 15.79 5.89
N ARG B 110 16.14 15.19 6.08
CA ARG B 110 17.01 14.82 4.98
C ARG B 110 17.52 13.40 5.16
N LEU B 111 17.87 12.77 4.04
CA LEU B 111 18.40 11.41 4.02
C LEU B 111 19.66 11.37 3.17
N LEU B 112 20.56 10.45 3.51
CA LEU B 112 21.82 10.27 2.81
C LEU B 112 22.16 8.80 2.78
N SER B 113 22.65 8.31 1.64
CA SER B 113 23.02 6.92 1.50
C SER B 113 24.03 6.77 0.38
N SER B 114 24.79 5.68 0.43
CA SER B 114 25.76 5.36 -0.61
C SER B 114 26.02 3.84 -0.56
N THR B 115 26.89 3.39 -1.46
CA THR B 115 27.29 1.99 -1.49
C THR B 115 27.85 1.57 -0.14
N ASN B 116 27.37 0.43 0.37
CA ASN B 116 27.63 0.00 1.74
C ASN B 116 27.30 1.14 2.68
N SER B 117 28.29 1.58 3.46
CA SER B 117 28.22 2.80 4.28
C SER B 117 27.01 2.73 5.22
N ARG B 118 26.13 3.74 5.22
CA ARG B 118 25.06 3.82 6.21
C ARG B 118 24.00 4.79 5.73
N LEU B 119 22.84 4.74 6.39
CA LEU B 119 21.74 5.66 6.15
C LEU B 119 21.69 6.67 7.29
N CYS B 120 21.61 7.96 6.95
CA CYS B 120 21.66 9.02 7.93
C CYS B 120 20.45 9.94 7.77
N ALA B 121 20.07 10.60 8.86
CA ALA B 121 18.95 11.52 8.86
C ALA B 121 19.33 12.78 9.62
N VAL B 122 18.70 13.90 9.24
CA VAL B 122 18.93 15.20 9.86
C VAL B 122 17.64 15.65 10.51
N PHE B 123 17.70 15.99 11.79
CA PHE B 123 16.53 16.33 12.58
C PHE B 123 16.44 17.85 12.76
N VAL B 124 15.22 18.38 12.74
CA VAL B 124 14.99 19.81 12.72
C VAL B 124 14.07 20.20 13.86
N ARG B 125 14.22 21.45 14.32
CA ARG B 125 13.29 22.06 15.26
C ARG B 125 13.15 23.53 14.88
N SER B 126 11.95 23.92 14.43
CA SER B 126 11.65 25.27 13.96
C SER B 126 12.65 25.76 12.92
N GLY B 127 12.99 24.88 11.98
CA GLY B 127 13.77 25.26 10.82
C GLY B 127 15.28 25.21 10.97
N GLN B 128 15.80 24.68 12.07
CA GLN B 128 17.25 24.64 12.25
C GLN B 128 17.70 23.23 12.62
N PRO B 129 18.85 22.80 12.12
CA PRO B 129 19.37 21.47 12.48
C PRO B 129 19.73 21.39 13.95
N VAL B 130 19.53 20.19 14.52
CA VAL B 130 19.82 19.94 15.93
C VAL B 130 20.87 18.84 16.10
N ILE B 131 20.69 17.71 15.42
CA ILE B 131 21.59 16.58 15.55
C ILE B 131 21.34 15.64 14.38
N GLY B 132 22.30 14.75 14.13
CA GLY B 132 22.15 13.74 13.10
C GLY B 132 22.52 12.38 13.63
N ALA B 133 21.90 11.36 13.05
CA ALA B 133 22.11 9.98 13.46
C ALA B 133 22.22 9.08 12.24
N CYS B 134 22.94 7.97 12.39
CA CYS B 134 23.16 7.03 11.29
C CYS B 134 23.09 5.60 11.81
N THR B 135 22.64 4.70 10.92
CA THR B 135 22.56 3.27 11.22
C THR B 135 23.13 2.48 10.05
N SER B 136 23.79 1.37 10.34
CA SER B 136 24.47 0.58 9.31
C SER B 136 24.45 -0.90 9.64
N PRO B 137 24.12 -1.76 8.67
CA PRO B 137 24.15 -3.21 8.90
C PRO B 137 25.48 -3.88 8.62
N TYR B 138 26.54 -3.11 8.33
CA TYR B 138 27.82 -3.69 7.99
C TYR B 138 28.86 -3.57 9.08
N ASP B 139 28.81 -2.52 9.90
CA ASP B 139 29.76 -2.32 10.97
C ASP B 139 29.12 -1.47 12.05
N GLY B 140 29.81 -1.35 13.18
CA GLY B 140 29.33 -0.57 14.29
C GLY B 140 28.87 -1.44 15.45
N LYS B 141 28.79 -0.80 16.62
CA LYS B 141 28.40 -1.53 17.83
C LYS B 141 26.92 -1.90 17.80
N TYR B 142 26.09 -1.08 17.16
CA TYR B 142 24.64 -1.25 17.15
C TYR B 142 24.13 -1.72 15.79
N TRP B 143 24.86 -2.63 15.15
CA TRP B 143 24.46 -3.14 13.84
C TRP B 143 23.22 -4.02 13.93
N SER B 144 23.04 -4.75 15.03
CA SER B 144 21.92 -5.66 15.17
C SER B 144 20.57 -4.96 15.31
N MET B 145 20.56 -3.66 15.53
CA MET B 145 19.33 -2.91 15.73
C MET B 145 18.81 -2.29 14.42
N TYR B 146 19.49 -2.54 13.30
CA TYR B 146 19.11 -1.90 12.04
C TYR B 146 17.74 -2.34 11.57
N SER B 147 17.49 -3.66 11.57
CA SER B 147 16.27 -4.22 11.01
C SER B 147 15.02 -3.75 11.73
N ARG B 148 15.16 -3.26 12.96
CA ARG B 148 14.03 -2.75 13.74
C ARG B 148 13.89 -1.24 13.62
N LEU B 149 15.01 -0.51 13.55
CA LEU B 149 14.95 0.94 13.46
C LEU B 149 14.58 1.44 12.07
N ARG B 150 14.92 0.70 11.02
CA ARG B 150 14.65 1.18 9.67
C ARG B 150 13.15 1.30 9.41
N LYS B 151 12.35 0.41 9.99
CA LYS B 151 10.90 0.47 9.83
C LYS B 151 10.35 1.77 10.41
N MET B 152 10.72 2.08 11.65
CA MET B 152 10.23 3.28 12.30
C MET B 152 10.78 4.54 11.61
N LEU B 153 12.01 4.50 11.12
CA LEU B 153 12.56 5.66 10.42
C LEU B 153 11.80 5.92 9.12
N TYR B 154 11.46 4.86 8.38
CA TYR B 154 10.61 5.01 7.20
C TYR B 154 9.26 5.59 7.59
N LEU B 155 8.66 5.07 8.67
CA LEU B 155 7.33 5.51 9.06
C LEU B 155 7.32 6.99 9.45
N ILE B 156 8.31 7.43 10.24
CA ILE B 156 8.34 8.82 10.65
C ILE B 156 8.61 9.72 9.46
N TYR B 157 9.53 9.33 8.56
CA TYR B 157 9.80 10.17 7.40
C TYR B 157 8.58 10.32 6.51
N VAL B 158 7.86 9.22 6.26
CA VAL B 158 6.70 9.29 5.37
C VAL B 158 5.55 10.05 6.03
N ALA B 159 5.28 9.79 7.31
CA ALA B 159 4.12 10.38 7.96
C ALA B 159 4.40 11.71 8.63
N GLY B 160 5.67 12.11 8.77
CA GLY B 160 6.01 13.36 9.42
C GLY B 160 5.66 13.41 10.90
N ILE B 161 5.99 12.34 11.63
CA ILE B 161 5.64 12.22 13.04
C ILE B 161 6.71 12.91 13.88
N SER B 162 6.28 13.69 14.87
CA SER B 162 7.19 14.32 15.81
C SER B 162 7.56 13.32 16.90
N VAL B 163 8.85 13.01 17.01
CA VAL B 163 9.33 11.93 17.86
C VAL B 163 10.53 12.41 18.67
N ARG B 164 10.93 11.57 19.62
CA ARG B 164 12.12 11.75 20.43
C ARG B 164 13.23 10.85 19.89
N VAL B 165 14.48 11.24 20.11
CA VAL B 165 15.63 10.55 19.54
C VAL B 165 16.61 10.19 20.64
N HIS B 166 16.88 8.90 20.80
CA HIS B 166 17.93 8.42 21.67
C HIS B 166 19.19 8.20 20.84
N VAL B 167 20.29 8.84 21.23
CA VAL B 167 21.53 8.81 20.47
C VAL B 167 22.66 8.41 21.40
N SER B 168 23.74 7.93 20.81
CA SER B 168 24.94 7.51 21.54
C SER B 168 26.14 8.25 20.97
N LYS B 169 26.92 8.89 21.84
CA LYS B 169 28.06 9.71 21.42
C LYS B 169 29.37 8.96 21.49
N GLU B 170 29.35 7.64 21.28
CA GLU B 170 30.60 6.88 21.22
C GLU B 170 31.32 7.06 19.90
N GLU B 171 30.59 7.22 18.79
CA GLU B 171 31.17 7.31 17.47
C GLU B 171 30.70 8.58 16.78
N GLN B 172 31.58 9.15 15.96
CA GLN B 172 31.27 10.36 15.21
C GLN B 172 31.49 10.12 13.71
N TYR B 173 30.56 10.60 12.89
CA TYR B 173 30.59 10.41 11.45
C TYR B 173 30.60 11.76 10.74
N TYR B 174 31.26 11.79 9.59
CA TYR B 174 31.40 12.99 8.75
C TYR B 174 30.93 12.72 7.34
N ASP B 175 29.74 12.12 7.20
CA ASP B 175 29.23 11.77 5.88
C ASP B 175 28.72 12.98 5.11
N TYR B 176 28.31 14.04 5.79
CA TYR B 176 27.75 15.21 5.13
C TYR B 176 28.84 16.19 4.71
N GLU B 177 28.58 16.93 3.65
CA GLU B 177 29.48 17.98 3.18
C GLU B 177 29.12 19.30 3.84
N ASP B 178 30.11 19.97 4.41
CA ASP B 178 29.97 21.30 5.02
C ASP B 178 28.86 21.31 6.07
N ALA B 179 28.84 20.28 6.91
CA ALA B 179 27.81 20.14 7.93
C ALA B 179 27.97 21.20 9.01
N THR B 180 26.84 21.71 9.49
CA THR B 180 26.79 22.63 10.61
C THR B 180 26.21 21.96 11.86
N PHE B 181 26.44 20.66 11.99
CA PHE B 181 25.93 19.88 13.11
C PHE B 181 26.84 18.67 13.29
N GLU B 182 26.73 18.04 14.44
CA GLU B 182 27.47 16.82 14.71
C GLU B 182 26.64 15.60 14.32
N THR B 183 27.32 14.46 14.22
CA THR B 183 26.66 13.21 13.85
C THR B 183 27.13 12.10 14.77
N TYR B 184 26.19 11.29 15.26
CA TYR B 184 26.51 10.19 16.16
C TYR B 184 25.67 8.97 15.75
N ALA B 185 25.73 7.91 16.54
CA ALA B 185 25.06 6.66 16.23
C ALA B 185 23.67 6.61 16.87
N LEU B 186 22.67 6.25 16.08
CA LEU B 186 21.31 6.14 16.58
C LEU B 186 21.16 4.88 17.44
N THR B 187 20.39 4.99 18.53
CA THR B 187 20.18 3.87 19.42
C THR B 187 18.76 3.72 19.92
N GLY B 188 17.82 4.54 19.47
CA GLY B 188 16.43 4.40 19.91
C GLY B 188 15.57 5.48 19.31
N ILE B 189 14.26 5.32 19.52
CA ILE B 189 13.26 6.26 19.02
C ILE B 189 11.94 5.99 19.73
N SER B 190 11.17 7.04 20.02
CA SER B 190 9.92 6.88 20.75
C SER B 190 8.93 7.96 20.34
N ILE B 191 7.68 7.55 20.11
CA ILE B 191 6.57 8.46 19.91
C ILE B 191 5.84 8.58 21.23
N CYS B 192 5.76 9.80 21.77
CA CYS B 192 5.24 10.02 23.11
C CYS B 192 4.22 11.14 23.16
N ASN B 193 3.28 11.00 24.09
CA ASN B 193 2.42 12.08 24.53
C ASN B 193 3.18 12.96 25.51
N PRO B 194 2.75 14.22 25.70
CA PRO B 194 3.44 15.09 26.68
C PRO B 194 3.41 14.54 28.09
N GLY B 195 4.60 14.33 28.65
CA GLY B 195 4.72 13.84 30.01
C GLY B 195 4.59 12.34 30.19
N SER B 196 4.74 11.55 29.14
CA SER B 196 4.61 10.11 29.27
C SER B 196 5.81 9.52 30.02
N SER B 197 5.60 8.37 30.64
CA SER B 197 6.66 7.72 31.40
C SER B 197 7.45 6.69 30.61
N LEU B 198 6.86 6.11 29.55
CA LEU B 198 7.54 5.06 28.79
C LEU B 198 8.68 5.57 27.92
N CYS B 199 8.80 6.88 27.75
CA CYS B 199 9.82 7.46 26.89
C CYS B 199 11.24 7.27 27.44
N PRO C 3 -12.89 -19.74 -27.18
CA PRO C 3 -13.26 -20.30 -25.88
C PRO C 3 -12.75 -21.73 -25.68
N GLY C 4 -11.87 -21.92 -24.71
CA GLY C 4 -11.26 -23.23 -24.51
C GLY C 4 -10.54 -23.28 -23.19
N ILE C 5 -9.91 -24.44 -22.95
CA ILE C 5 -9.16 -24.68 -21.72
C ILE C 5 -7.82 -25.29 -22.09
N VAL C 6 -6.88 -25.18 -21.16
CA VAL C 6 -5.56 -25.80 -21.31
C VAL C 6 -5.61 -27.19 -20.71
N ILE C 7 -5.26 -28.20 -21.51
CA ILE C 7 -5.33 -29.59 -21.11
C ILE C 7 -3.97 -30.02 -20.57
N PRO C 8 -3.86 -30.38 -19.30
CA PRO C 8 -2.58 -30.84 -18.78
C PRO C 8 -2.14 -32.13 -19.47
N PRO C 9 -0.84 -32.32 -19.65
CA PRO C 9 -0.35 -33.56 -20.26
C PRO C 9 -0.56 -34.76 -19.35
N LYS C 10 -0.47 -35.95 -19.95
CA LYS C 10 -0.75 -37.19 -19.24
C LYS C 10 0.31 -37.52 -18.20
N ALA C 11 1.55 -37.11 -18.44
CA ALA C 11 2.68 -37.52 -17.58
C ALA C 11 2.58 -36.97 -16.17
N LEU C 12 1.70 -36.00 -15.91
CA LEU C 12 1.56 -35.40 -14.60
C LEU C 12 0.67 -36.19 -13.66
N PHE C 13 0.09 -37.30 -14.11
CA PHE C 13 -0.80 -38.09 -13.27
C PHE C 13 -0.04 -38.68 -12.10
N THR C 14 -0.60 -38.53 -10.90
CA THR C 14 0.05 -38.99 -9.68
C THR C 14 -0.36 -40.43 -9.38
N GLN C 15 0.62 -41.27 -9.07
CA GLN C 15 0.33 -42.66 -8.75
C GLN C 15 -0.34 -42.79 -7.39
N GLN C 16 0.14 -42.06 -6.39
CA GLN C 16 -0.42 -42.11 -5.05
C GLN C 16 -1.45 -41.01 -4.92
N GLY C 17 -2.73 -41.38 -5.06
CA GLY C 17 -3.79 -40.39 -5.00
C GLY C 17 -4.00 -39.86 -3.59
N GLY C 18 -4.64 -38.69 -3.53
CA GLY C 18 -4.93 -38.07 -2.24
C GLY C 18 -6.14 -38.73 -1.60
N ALA C 19 -6.02 -39.03 -0.29
CA ALA C 19 -7.08 -39.66 0.45
C ALA C 19 -8.03 -38.60 1.02
N TYR C 20 -9.32 -38.75 0.71
CA TYR C 20 -10.38 -37.87 1.20
C TYR C 20 -10.13 -36.41 0.85
N GLY C 21 -9.58 -36.17 -0.35
CA GLY C 21 -9.44 -34.84 -0.88
C GLY C 21 -8.14 -34.15 -0.56
N ARG C 22 -7.35 -34.66 0.38
CA ARG C 22 -6.07 -34.06 0.72
C ARG C 22 -5.01 -34.69 -0.17
N CYS C 23 -4.70 -34.02 -1.27
CA CYS C 23 -3.57 -34.42 -2.10
C CYS C 23 -2.28 -33.94 -1.45
N PRO C 24 -1.15 -34.61 -1.70
CA PRO C 24 0.11 -34.19 -1.09
C PRO C 24 0.51 -32.80 -1.58
N ASN C 25 1.35 -32.13 -0.77
CA ASN C 25 1.70 -30.74 -1.01
C ASN C 25 2.37 -30.56 -2.37
N GLY C 26 2.10 -29.42 -3.00
CA GLY C 26 2.58 -29.17 -4.35
C GLY C 26 1.83 -29.92 -5.42
N THR C 27 0.58 -30.31 -5.17
CA THR C 27 -0.19 -31.09 -6.11
C THR C 27 -1.65 -30.66 -5.99
N ARG C 28 -2.39 -30.79 -7.10
CA ARG C 28 -3.75 -30.30 -7.19
C ARG C 28 -4.64 -31.37 -7.81
N ALA C 29 -5.94 -31.31 -7.48
CA ALA C 29 -6.92 -32.26 -8.01
C ALA C 29 -7.17 -32.00 -9.50
N LEU C 30 -8.08 -32.78 -10.08
CA LEU C 30 -8.35 -32.76 -11.50
C LEU C 30 -9.82 -32.49 -11.76
N THR C 31 -10.10 -31.75 -12.83
CA THR C 31 -11.45 -31.39 -13.24
C THR C 31 -11.95 -32.34 -14.33
N VAL C 32 -13.28 -32.47 -14.43
CA VAL C 32 -13.89 -33.37 -15.41
C VAL C 32 -13.63 -32.90 -16.83
N ALA C 33 -13.64 -31.58 -17.05
CA ALA C 33 -13.37 -31.04 -18.38
C ALA C 33 -11.97 -31.42 -18.85
N GLU C 34 -10.99 -31.36 -17.95
CA GLU C 34 -9.63 -31.74 -18.29
C GLU C 34 -9.50 -33.24 -18.48
N LEU C 35 -10.46 -34.02 -18.00
CA LEU C 35 -10.46 -35.46 -18.19
C LEU C 35 -11.11 -35.86 -19.51
N ARG C 36 -12.09 -35.09 -19.98
CA ARG C 36 -12.76 -35.42 -21.24
C ARG C 36 -11.98 -34.99 -22.47
N GLY C 37 -10.74 -34.50 -22.32
CA GLY C 37 -9.98 -34.03 -23.45
C GLY C 37 -8.61 -34.67 -23.58
N ASN C 38 -8.43 -35.83 -22.96
CA ASN C 38 -7.17 -36.57 -22.98
C ASN C 38 -7.46 -38.02 -23.35
N ALA C 39 -7.36 -38.33 -24.64
CA ALA C 39 -7.62 -39.70 -25.09
C ALA C 39 -6.57 -40.65 -24.53
N GLU C 40 -5.31 -40.23 -24.49
CA GLU C 40 -4.24 -41.09 -23.97
C GLU C 40 -4.45 -41.41 -22.50
N LEU C 41 -4.81 -40.41 -21.69
CA LEU C 41 -5.07 -40.64 -20.28
C LEU C 41 -6.25 -41.58 -20.08
N GLN C 42 -7.33 -41.38 -20.85
CA GLN C 42 -8.51 -42.22 -20.72
C GLN C 42 -8.20 -43.66 -21.10
N THR C 43 -7.43 -43.85 -22.18
CA THR C 43 -7.06 -45.20 -22.60
C THR C 43 -6.16 -45.86 -21.56
N TYR C 44 -5.26 -45.08 -20.97
CA TYR C 44 -4.37 -45.62 -19.94
C TYR C 44 -5.14 -45.98 -18.68
N LEU C 45 -6.17 -45.20 -18.34
CA LEU C 45 -6.91 -45.39 -17.10
C LEU C 45 -7.74 -46.68 -17.08
N ARG C 46 -8.02 -47.28 -18.25
CA ARG C 46 -8.91 -48.43 -18.27
C ARG C 46 -8.30 -49.68 -17.65
N GLN C 47 -6.97 -49.74 -17.54
CA GLN C 47 -6.28 -50.91 -17.01
C GLN C 47 -5.95 -50.78 -15.53
N ILE C 48 -6.44 -49.74 -14.86
CA ILE C 48 -6.06 -49.45 -13.49
C ILE C 48 -7.24 -49.46 -12.53
N THR C 49 -8.48 -49.46 -13.02
CA THR C 49 -9.67 -49.33 -12.16
C THR C 49 -10.63 -50.50 -12.38
N PRO C 50 -10.32 -51.70 -11.86
CA PRO C 50 -11.28 -52.80 -11.96
C PRO C 50 -12.13 -52.95 -10.71
N GLY C 51 -13.13 -53.82 -10.76
CA GLY C 51 -13.82 -54.29 -9.57
C GLY C 51 -14.80 -53.32 -8.93
N TRP C 52 -15.78 -52.86 -9.71
CA TRP C 52 -16.92 -52.08 -9.22
C TRP C 52 -16.53 -50.82 -8.45
N SER C 53 -15.31 -50.33 -8.63
CA SER C 53 -14.82 -49.22 -7.85
C SER C 53 -15.45 -47.91 -8.29
N ILE C 54 -15.35 -46.90 -7.42
CA ILE C 54 -15.81 -45.55 -7.72
C ILE C 54 -14.73 -44.58 -7.27
N TYR C 55 -14.54 -43.51 -8.04
CA TYR C 55 -13.47 -42.55 -7.81
C TYR C 55 -14.03 -41.13 -7.86
N GLY C 56 -13.43 -40.23 -7.09
CA GLY C 56 -13.89 -38.87 -6.99
C GLY C 56 -13.04 -37.89 -7.77
N LEU C 57 -13.66 -36.75 -8.11
CA LEU C 57 -13.01 -35.67 -8.84
C LEU C 57 -13.40 -34.36 -8.20
N TYR C 58 -12.86 -33.26 -8.74
CA TYR C 58 -13.12 -31.94 -8.18
C TYR C 58 -14.60 -31.59 -8.21
N ASP C 59 -15.25 -31.79 -9.36
CA ASP C 59 -16.65 -31.45 -9.52
C ASP C 59 -17.39 -32.57 -10.26
N GLY C 60 -17.13 -33.81 -9.86
CA GLY C 60 -17.78 -34.91 -10.53
C GLY C 60 -17.46 -36.23 -9.85
N THR C 61 -17.64 -37.31 -10.61
CA THR C 61 -17.44 -38.66 -10.11
C THR C 61 -17.07 -39.56 -11.27
N TYR C 62 -16.11 -40.45 -11.06
CA TYR C 62 -15.68 -41.41 -12.08
C TYR C 62 -16.04 -42.82 -11.63
N LEU C 63 -16.42 -43.66 -12.59
CA LEU C 63 -16.85 -45.02 -12.32
C LEU C 63 -15.89 -46.01 -12.96
N GLY C 64 -15.82 -47.21 -12.39
CA GLY C 64 -14.81 -48.18 -12.77
C GLY C 64 -15.16 -48.96 -14.03
N GLN C 65 -14.28 -49.92 -14.34
CA GLN C 65 -14.43 -50.72 -15.56
C GLN C 65 -15.61 -51.67 -15.49
N ALA C 66 -16.08 -52.02 -14.28
CA ALA C 66 -17.26 -52.87 -14.17
C ALA C 66 -18.50 -52.19 -14.74
N TYR C 67 -18.65 -50.89 -14.48
CA TYR C 67 -19.79 -50.17 -15.03
C TYR C 67 -19.56 -49.70 -16.46
N GLY C 68 -18.30 -49.48 -16.84
CA GLY C 68 -17.98 -49.09 -18.20
C GLY C 68 -17.24 -47.78 -18.34
N GLY C 69 -16.84 -47.17 -17.23
CA GLY C 69 -16.09 -45.92 -17.30
C GLY C 69 -16.91 -44.69 -17.59
N ILE C 70 -18.17 -44.65 -17.15
CA ILE C 70 -19.01 -43.48 -17.36
C ILE C 70 -18.47 -42.33 -16.50
N ILE C 71 -18.61 -41.10 -17.01
CA ILE C 71 -18.20 -39.90 -16.30
C ILE C 71 -19.44 -39.04 -16.09
N LYS C 72 -19.64 -38.59 -14.84
CA LYS C 72 -20.84 -37.86 -14.46
C LYS C 72 -20.45 -36.58 -13.74
N ASP C 73 -21.27 -35.55 -13.92
CA ASP C 73 -20.99 -34.23 -13.36
C ASP C 73 -21.67 -34.07 -12.00
N ALA C 74 -21.12 -33.14 -11.22
CA ALA C 74 -21.59 -32.90 -9.86
C ALA C 74 -21.22 -31.49 -9.45
N PRO C 75 -21.87 -30.93 -8.44
CA PRO C 75 -21.47 -29.60 -7.92
C PRO C 75 -20.10 -29.66 -7.28
N PRO C 76 -19.41 -28.52 -7.18
CA PRO C 76 -18.04 -28.52 -6.60
C PRO C 76 -18.02 -29.01 -5.17
N GLY C 77 -16.93 -29.70 -4.83
CA GLY C 77 -16.74 -30.23 -3.50
C GLY C 77 -17.44 -31.54 -3.22
N ALA C 78 -18.11 -32.13 -4.20
CA ALA C 78 -18.89 -33.34 -4.00
C ALA C 78 -18.09 -34.62 -4.24
N GLY C 79 -16.83 -34.51 -4.65
CA GLY C 79 -16.04 -35.69 -4.95
C GLY C 79 -15.18 -36.18 -3.82
N PHE C 80 -14.99 -35.34 -2.80
CA PHE C 80 -14.12 -35.69 -1.69
C PHE C 80 -14.80 -36.63 -0.69
N ILE C 81 -16.10 -36.89 -0.84
CA ILE C 81 -16.80 -37.78 0.06
C ILE C 81 -16.31 -39.21 -0.09
N TYR C 82 -15.78 -39.56 -1.27
CA TYR C 82 -15.27 -40.89 -1.51
C TYR C 82 -13.80 -40.99 -1.08
N ARG C 83 -13.33 -42.22 -0.97
CA ARG C 83 -12.00 -42.45 -0.41
C ARG C 83 -10.89 -42.04 -1.37
N GLU C 84 -11.01 -42.40 -2.64
CA GLU C 84 -9.94 -42.19 -3.60
C GLU C 84 -10.22 -41.00 -4.49
N THR C 85 -9.19 -40.22 -4.79
CA THR C 85 -9.31 -39.02 -5.59
C THR C 85 -8.11 -38.94 -6.53
N PHE C 86 -8.30 -38.31 -7.68
CA PHE C 86 -7.22 -38.11 -8.65
C PHE C 86 -6.55 -36.77 -8.41
N CYS C 87 -5.22 -36.77 -8.39
CA CYS C 87 -4.42 -35.57 -8.23
C CYS C 87 -3.36 -35.52 -9.33
N ILE C 88 -2.94 -34.31 -9.69
CA ILE C 88 -1.96 -34.09 -10.74
C ILE C 88 -0.90 -33.11 -10.24
N THR C 89 0.36 -33.40 -10.56
CA THR C 89 1.45 -32.48 -10.26
C THR C 89 1.31 -31.20 -11.08
N THR C 90 1.81 -30.10 -10.52
CA THR C 90 1.54 -28.77 -11.07
C THR C 90 2.77 -28.12 -11.70
N ILE C 91 3.81 -28.89 -11.99
CA ILE C 91 5.00 -28.37 -12.65
C ILE C 91 5.28 -29.19 -13.90
N TYR C 92 6.00 -28.58 -14.84
CA TYR C 92 6.32 -29.24 -16.10
C TYR C 92 7.57 -28.62 -16.68
N LYS C 93 8.60 -29.44 -16.92
CA LYS C 93 9.84 -28.98 -17.54
C LYS C 93 9.74 -29.18 -19.05
N THR C 94 9.71 -28.08 -19.79
CA THR C 94 9.50 -28.14 -21.24
C THR C 94 10.73 -28.66 -21.96
N GLY C 95 11.91 -28.45 -21.41
CA GLY C 95 13.14 -28.78 -22.12
C GLY C 95 13.36 -27.91 -23.34
N GLN C 96 13.15 -26.60 -23.21
CA GLN C 96 13.22 -25.64 -24.28
C GLN C 96 14.25 -24.56 -23.97
N PRO C 97 15.01 -24.08 -24.96
CA PRO C 97 15.97 -23.00 -24.70
C PRO C 97 15.30 -21.74 -24.16
N ALA C 98 15.99 -21.08 -23.23
CA ALA C 98 15.45 -19.94 -22.51
C ALA C 98 15.91 -18.64 -23.16
N ALA C 99 15.00 -17.68 -23.24
CA ALA C 99 15.28 -16.36 -23.80
C ALA C 99 14.38 -15.33 -23.15
N ASP C 100 14.73 -14.07 -23.31
CA ASP C 100 13.99 -12.97 -22.70
C ASP C 100 12.70 -12.73 -23.48
N HIS C 101 11.57 -13.08 -22.89
CA HIS C 101 10.25 -12.79 -23.44
C HIS C 101 9.53 -11.81 -22.52
N TYR C 102 8.76 -10.89 -23.10
CA TYR C 102 8.14 -9.85 -22.30
C TYR C 102 6.82 -9.42 -22.93
N TYR C 103 5.99 -8.78 -22.11
CA TYR C 103 4.69 -8.26 -22.50
C TYR C 103 4.55 -6.84 -21.94
N SER C 104 3.57 -6.10 -22.44
CA SER C 104 3.45 -4.68 -22.11
C SER C 104 2.01 -4.32 -21.78
N LYS C 105 1.87 -3.21 -21.02
CA LYS C 105 0.59 -2.58 -20.69
C LYS C 105 -0.32 -3.47 -19.86
N VAL C 106 0.26 -4.38 -19.08
CA VAL C 106 -0.51 -5.36 -18.29
C VAL C 106 -0.86 -4.80 -16.92
N THR C 107 -1.77 -5.48 -16.22
CA THR C 107 -2.15 -5.11 -14.86
C THR C 107 -2.53 -6.37 -14.09
N ALA C 108 -2.01 -6.51 -12.86
CA ALA C 108 -2.25 -7.70 -12.04
C ALA C 108 -3.62 -7.65 -11.37
N THR C 109 -4.33 -8.80 -11.39
CA THR C 109 -5.70 -8.85 -10.90
C THR C 109 -6.09 -10.10 -10.10
N ARG C 110 -5.19 -11.05 -9.87
CA ARG C 110 -5.59 -12.33 -9.29
C ARG C 110 -4.47 -12.85 -8.40
N LEU C 111 -4.83 -13.78 -7.51
CA LEU C 111 -3.89 -14.35 -6.56
C LEU C 111 -4.21 -15.82 -6.33
N LEU C 112 -3.21 -16.56 -5.85
CA LEU C 112 -3.33 -17.97 -5.51
C LEU C 112 -2.13 -18.36 -4.66
N ALA C 113 -2.37 -19.19 -3.65
CA ALA C 113 -1.30 -19.67 -2.78
C ALA C 113 -1.77 -20.93 -2.05
N SER C 114 -0.80 -21.68 -1.54
CA SER C 114 -1.08 -22.82 -0.67
C SER C 114 0.09 -22.94 0.30
N THR C 115 0.20 -24.12 0.93
CA THR C 115 1.21 -24.31 1.97
C THR C 115 2.63 -24.19 1.42
N ASN C 116 2.94 -24.93 0.37
CA ASN C 116 4.29 -24.97 -0.20
C ASN C 116 4.25 -24.73 -1.70
N SER C 117 3.48 -23.76 -2.15
CA SER C 117 3.31 -23.47 -3.56
C SER C 117 3.63 -22.02 -3.85
N ARG C 118 3.68 -21.71 -5.15
CA ARG C 118 4.04 -20.40 -5.63
C ARG C 118 2.92 -19.40 -5.34
N LEU C 119 3.29 -18.13 -5.37
CA LEU C 119 2.33 -17.03 -5.39
C LEU C 119 2.19 -16.64 -6.85
N CYS C 120 0.96 -16.69 -7.38
CA CYS C 120 0.73 -16.51 -8.80
C CYS C 120 -0.23 -15.36 -9.03
N ALA C 121 -0.14 -14.76 -10.21
CA ALA C 121 -0.98 -13.64 -10.58
C ALA C 121 -1.30 -13.72 -12.06
N VAL C 122 -2.40 -13.09 -12.44
CA VAL C 122 -2.86 -13.05 -13.82
C VAL C 122 -2.88 -11.60 -14.28
N PHE C 123 -2.21 -11.32 -15.39
CA PHE C 123 -2.09 -9.97 -15.92
C PHE C 123 -3.08 -9.80 -17.08
N VAL C 124 -3.82 -8.70 -17.06
CA VAL C 124 -4.92 -8.47 -17.99
C VAL C 124 -4.71 -7.16 -18.72
N ARG C 125 -4.94 -7.18 -20.03
CA ARG C 125 -4.89 -6.00 -20.87
C ARG C 125 -6.25 -5.81 -21.54
N ASP C 126 -6.83 -4.62 -21.37
CA ASP C 126 -8.11 -4.25 -21.98
C ASP C 126 -9.22 -5.22 -21.59
N GLY C 127 -9.22 -5.66 -20.33
CA GLY C 127 -10.27 -6.52 -19.82
C GLY C 127 -10.16 -7.99 -20.19
N GLN C 128 -9.04 -8.42 -20.75
CA GLN C 128 -8.85 -9.81 -21.15
C GLN C 128 -7.50 -10.30 -20.64
N SER C 129 -7.45 -11.57 -20.24
CA SER C 129 -6.23 -12.15 -19.73
C SER C 129 -5.16 -12.26 -20.82
N VAL C 130 -3.90 -12.14 -20.40
CA VAL C 130 -2.79 -12.18 -21.33
C VAL C 130 -1.82 -13.31 -20.97
N ILE C 131 -1.24 -13.26 -19.78
CA ILE C 131 -0.25 -14.24 -19.35
C ILE C 131 -0.30 -14.36 -17.84
N GLY C 132 0.16 -15.49 -17.32
CA GLY C 132 0.26 -15.71 -15.89
C GLY C 132 1.70 -15.93 -15.47
N ALA C 133 2.02 -15.56 -14.23
CA ALA C 133 3.36 -15.69 -13.69
C ALA C 133 3.31 -16.21 -12.27
N CYS C 134 4.39 -16.86 -11.84
CA CYS C 134 4.47 -17.45 -10.52
C CYS C 134 5.90 -17.34 -9.99
N ALA C 135 6.03 -17.39 -8.66
CA ALA C 135 7.33 -17.30 -8.01
C ALA C 135 7.30 -18.06 -6.68
N SER C 136 8.37 -18.78 -6.37
CA SER C 136 8.45 -19.62 -5.20
C SER C 136 9.72 -19.37 -4.40
N PRO C 137 9.66 -19.51 -3.08
CA PRO C 137 10.87 -19.38 -2.27
C PRO C 137 11.53 -20.73 -1.93
N TYR C 138 10.89 -21.84 -2.27
CA TYR C 138 11.43 -23.15 -1.92
C TYR C 138 11.98 -23.95 -3.08
N GLU C 139 11.59 -23.65 -4.31
CA GLU C 139 11.97 -24.49 -5.45
C GLU C 139 12.18 -23.63 -6.68
N GLY C 140 12.87 -24.21 -7.66
CA GLY C 140 13.07 -23.58 -8.94
C GLY C 140 14.45 -22.97 -9.08
N ARG C 141 14.76 -22.56 -10.31
CA ARG C 141 16.05 -21.93 -10.58
C ARG C 141 16.11 -20.50 -10.08
N TYR C 142 14.99 -19.78 -10.13
CA TYR C 142 14.93 -18.37 -9.75
C TYR C 142 14.25 -18.17 -8.40
N ARG C 143 14.48 -19.08 -7.46
CA ARG C 143 13.81 -19.01 -6.17
C ARG C 143 14.40 -17.93 -5.27
N ASP C 144 15.63 -17.50 -5.51
CA ASP C 144 16.28 -16.52 -4.65
C ASP C 144 15.67 -15.13 -4.79
N MET C 145 14.91 -14.89 -5.85
CA MET C 145 14.34 -13.57 -6.12
C MET C 145 12.97 -13.37 -5.50
N TYR C 146 12.44 -14.35 -4.76
CA TYR C 146 11.10 -14.21 -4.19
C TYR C 146 11.06 -13.07 -3.18
N ASP C 147 12.03 -13.03 -2.27
CA ASP C 147 12.08 -12.01 -1.23
C ASP C 147 12.22 -10.61 -1.80
N ALA C 148 12.78 -10.49 -3.01
CA ALA C 148 12.94 -9.21 -3.67
C ALA C 148 11.75 -8.86 -4.54
N LEU C 149 11.23 -9.82 -5.31
CA LEU C 149 10.14 -9.52 -6.23
C LEU C 149 8.81 -9.34 -5.52
N ARG C 150 8.63 -9.97 -4.35
CA ARG C 150 7.34 -9.90 -3.68
C ARG C 150 6.99 -8.47 -3.24
N ARG C 151 7.99 -7.68 -2.84
CA ARG C 151 7.73 -6.31 -2.39
C ARG C 151 7.16 -5.47 -3.53
N LEU C 152 7.81 -5.51 -4.69
CA LEU C 152 7.33 -4.76 -5.83
C LEU C 152 6.01 -5.31 -6.36
N LEU C 153 5.81 -6.63 -6.25
CA LEU C 153 4.53 -7.22 -6.65
C LEU C 153 3.39 -6.69 -5.79
N TYR C 154 3.60 -6.64 -4.48
CA TYR C 154 2.59 -6.07 -3.58
C TYR C 154 2.39 -4.59 -3.88
N MET C 155 3.47 -3.88 -4.19
CA MET C 155 3.35 -2.45 -4.50
C MET C 155 2.48 -2.23 -5.73
N ILE C 156 2.70 -3.01 -6.79
CA ILE C 156 1.92 -2.82 -8.01
C ILE C 156 0.52 -3.41 -7.88
N TYR C 157 0.28 -4.27 -6.88
CA TYR C 157 -1.08 -4.73 -6.64
C TYR C 157 -1.96 -3.60 -6.10
N MET C 158 -1.46 -2.83 -5.13
CA MET C 158 -2.29 -1.86 -4.43
C MET C 158 -2.73 -0.70 -5.32
N SER C 159 -1.96 -0.37 -6.34
CA SER C 159 -2.28 0.73 -7.23
C SER C 159 -2.38 0.25 -8.66
N GLY C 160 -3.17 0.95 -9.48
CA GLY C 160 -3.38 0.56 -10.85
C GLY C 160 -2.30 0.99 -11.82
N LEU C 161 -1.04 0.85 -11.42
CA LEU C 161 0.08 1.26 -12.26
C LEU C 161 0.34 0.22 -13.35
N ALA C 162 0.49 0.69 -14.58
CA ALA C 162 0.83 -0.20 -15.69
C ALA C 162 2.27 -0.67 -15.57
N VAL C 163 2.51 -1.93 -15.93
CA VAL C 163 3.79 -2.59 -15.72
C VAL C 163 4.15 -3.35 -17.00
N ARG C 164 5.45 -3.58 -17.19
CA ARG C 164 5.96 -4.52 -18.17
C ARG C 164 6.49 -5.74 -17.43
N VAL C 165 6.09 -6.92 -17.89
CA VAL C 165 6.37 -8.18 -17.19
C VAL C 165 7.33 -9.01 -18.03
N HIS C 166 8.39 -9.51 -17.39
CA HIS C 166 9.34 -10.41 -18.03
C HIS C 166 9.02 -11.84 -17.65
N VAL C 167 9.19 -12.75 -18.62
CA VAL C 167 8.73 -14.13 -18.50
C VAL C 167 9.81 -15.06 -19.02
N SER C 168 10.04 -16.16 -18.30
CA SER C 168 10.93 -17.23 -18.73
C SER C 168 10.09 -18.47 -19.06
N LYS C 169 10.44 -19.14 -20.16
CA LYS C 169 9.65 -20.24 -20.68
C LYS C 169 10.34 -21.59 -20.55
N GLU C 170 11.34 -21.70 -19.68
CA GLU C 170 12.01 -22.98 -19.48
C GLU C 170 11.11 -23.96 -18.72
N GLU C 171 10.14 -23.47 -17.98
CA GLU C 171 9.20 -24.33 -17.24
C GLU C 171 7.82 -23.72 -17.30
N GLN C 172 6.81 -24.59 -17.13
CA GLN C 172 5.41 -24.18 -17.20
C GLN C 172 4.67 -24.69 -15.98
N TYR C 173 3.65 -23.94 -15.56
CA TYR C 173 2.88 -24.23 -14.36
C TYR C 173 1.41 -24.44 -14.69
N TYR C 174 0.76 -25.32 -13.92
CA TYR C 174 -0.64 -25.69 -14.13
C TYR C 174 -1.42 -25.56 -12.83
N ASP C 175 -1.29 -24.42 -12.16
CA ASP C 175 -1.97 -24.23 -10.88
C ASP C 175 -3.46 -23.93 -11.07
N TYR C 176 -3.77 -22.86 -11.79
CA TYR C 176 -5.17 -22.45 -11.99
C TYR C 176 -5.94 -23.52 -12.75
N GLU C 177 -6.94 -24.11 -12.10
CA GLU C 177 -7.75 -25.11 -12.77
C GLU C 177 -8.65 -24.47 -13.82
N ASP C 178 -8.87 -25.19 -14.93
CA ASP C 178 -9.70 -24.73 -16.05
C ASP C 178 -9.25 -23.37 -16.56
N ALA C 179 -7.94 -23.19 -16.67
CA ALA C 179 -7.39 -21.91 -17.10
C ALA C 179 -7.52 -21.75 -18.61
N THR C 180 -7.84 -20.52 -19.04
CA THR C 180 -7.92 -20.17 -20.45
C THR C 180 -6.68 -19.42 -20.91
N PHE C 181 -5.55 -19.61 -20.23
CA PHE C 181 -4.32 -18.90 -20.55
C PHE C 181 -3.14 -19.72 -20.06
N GLN C 182 -1.95 -19.34 -20.51
CA GLN C 182 -0.73 -20.01 -20.11
C GLN C 182 -0.10 -19.29 -18.91
N THR C 183 0.65 -20.06 -18.11
CA THR C 183 1.38 -19.52 -16.97
C THR C 183 2.84 -19.97 -17.05
N TYR C 184 3.75 -19.05 -16.76
CA TYR C 184 5.18 -19.32 -16.78
C TYR C 184 5.81 -18.71 -15.53
N ALA C 185 7.14 -18.78 -15.45
CA ALA C 185 7.88 -18.20 -14.34
C ALA C 185 8.06 -16.69 -14.54
N LEU C 186 8.30 -15.99 -13.44
CA LEU C 186 8.50 -14.55 -13.43
C LEU C 186 9.95 -14.23 -13.13
N THR C 187 10.57 -13.40 -13.99
CA THR C 187 11.98 -13.05 -13.84
C THR C 187 12.23 -11.55 -13.91
N GLY C 188 11.20 -10.73 -13.79
CA GLY C 188 11.43 -9.30 -13.83
C GLY C 188 10.17 -8.45 -13.90
N ILE C 189 10.26 -7.23 -13.38
CA ILE C 189 9.17 -6.26 -13.39
C ILE C 189 9.75 -4.89 -13.71
N SER C 190 9.10 -4.16 -14.61
CA SER C 190 9.54 -2.82 -14.97
C SER C 190 8.32 -1.92 -15.11
N LEU C 191 8.33 -0.79 -14.40
CA LEU C 191 7.20 0.12 -14.47
C LEU C 191 7.17 0.85 -15.82
N CYS C 192 5.96 1.16 -16.27
CA CYS C 192 5.79 1.78 -17.58
C CYS C 192 6.20 3.25 -17.55
N ASN C 193 6.77 3.71 -18.65
CA ASN C 193 7.15 5.10 -18.83
C ASN C 193 7.12 5.41 -20.32
N PRO C 194 6.18 6.23 -20.79
CA PRO C 194 6.05 6.48 -22.23
C PRO C 194 7.08 7.46 -22.76
N ALA C 195 7.48 8.43 -21.93
CA ALA C 195 8.45 9.44 -22.36
C ALA C 195 9.81 8.82 -22.68
N ALA C 196 10.14 7.69 -22.06
CA ALA C 196 11.40 7.01 -22.31
C ALA C 196 11.23 5.79 -23.21
N SER C 197 10.03 5.56 -23.73
CA SER C 197 9.73 4.49 -24.68
C SER C 197 10.06 3.10 -24.11
N ILE C 198 9.37 2.76 -23.03
CA ILE C 198 9.47 1.45 -22.40
C ILE C 198 8.23 0.60 -22.70
N CYS C 199 7.04 1.16 -22.48
CA CYS C 199 5.80 0.44 -22.77
C CYS C 199 5.13 1.00 -24.02
N ASP D 1 33.33 2.95 -21.52
CA ASP D 1 32.78 3.74 -20.44
C ASP D 1 33.51 5.07 -20.29
N VAL D 2 32.84 6.04 -19.69
CA VAL D 2 33.46 7.35 -19.44
C VAL D 2 34.57 7.19 -18.41
N PRO D 3 35.79 7.67 -18.68
CA PRO D 3 36.90 7.43 -17.74
C PRO D 3 36.83 8.23 -16.46
N TYR D 4 35.92 9.19 -16.32
CA TYR D 4 35.87 10.02 -15.13
C TYR D 4 34.44 10.19 -14.65
N VAL D 5 34.30 10.45 -13.35
CA VAL D 5 33.00 10.46 -12.68
C VAL D 5 32.28 11.76 -12.98
N LEU D 6 30.96 11.70 -13.12
CA LEU D 6 30.12 12.86 -13.35
C LEU D 6 29.23 13.09 -12.13
N VAL D 7 28.81 14.34 -11.96
CA VAL D 7 27.92 14.73 -10.87
C VAL D 7 26.74 15.49 -11.47
N LYS D 8 25.53 15.13 -11.05
CA LYS D 8 24.31 15.77 -11.52
C LYS D 8 23.61 16.44 -10.36
N THR D 9 22.83 17.48 -10.66
CA THR D 9 22.14 18.24 -9.64
C THR D 9 20.71 18.50 -10.10
N ASN D 10 19.79 18.55 -9.12
CA ASN D 10 18.35 18.71 -9.36
C ASN D 10 17.79 17.57 -10.21
N MET D 11 17.84 16.36 -9.66
CA MET D 11 17.32 15.17 -10.31
C MET D 11 16.18 14.59 -9.49
N VAL D 12 15.14 14.14 -10.19
CA VAL D 12 13.95 13.56 -9.57
C VAL D 12 13.69 12.21 -10.23
N VAL D 13 13.44 11.19 -9.42
CA VAL D 13 13.18 9.85 -9.93
C VAL D 13 11.73 9.76 -10.38
N THR D 14 11.49 9.17 -11.56
CA THR D 14 10.16 9.04 -12.12
C THR D 14 9.73 7.60 -12.38
N SER D 15 10.65 6.65 -12.43
CA SER D 15 10.31 5.26 -12.72
C SER D 15 11.35 4.34 -12.10
N VAL D 16 10.91 3.14 -11.73
CA VAL D 16 11.78 2.13 -11.16
C VAL D 16 11.51 0.80 -11.88
N ALA D 17 12.43 -0.13 -11.71
CA ALA D 17 12.35 -1.43 -12.37
C ALA D 17 13.18 -2.41 -11.56
N MET D 18 13.28 -3.63 -12.07
CA MET D 18 14.04 -4.68 -11.38
C MET D 18 14.29 -5.79 -12.39
N LYS D 19 15.54 -6.28 -12.44
CA LYS D 19 15.93 -7.23 -13.47
C LYS D 19 17.12 -8.03 -12.97
N PRO D 20 17.36 -9.23 -13.53
CA PRO D 20 18.50 -10.05 -13.06
C PRO D 20 19.85 -9.55 -13.53
N TYR D 21 20.89 -10.29 -13.19
CA TYR D 21 22.27 -9.94 -13.54
C TYR D 21 22.79 -10.95 -14.56
N GLU D 22 23.29 -10.44 -15.68
CA GLU D 22 23.57 -11.29 -16.84
C GLU D 22 24.76 -12.22 -16.62
N VAL D 23 25.88 -11.68 -16.16
CA VAL D 23 27.14 -12.42 -16.28
C VAL D 23 27.37 -13.42 -15.14
N THR D 24 26.71 -13.26 -13.99
CA THR D 24 26.98 -14.16 -12.88
C THR D 24 25.80 -14.16 -11.91
N PRO D 25 25.34 -15.34 -11.47
CA PRO D 25 24.21 -15.40 -10.52
C PRO D 25 24.59 -14.91 -9.13
N THR D 26 23.65 -15.03 -8.18
CA THR D 26 23.79 -14.53 -6.80
C THR D 26 23.99 -13.02 -6.78
N ARG D 27 23.48 -12.33 -7.78
CA ARG D 27 23.53 -10.88 -7.88
C ARG D 27 22.25 -10.39 -8.52
N MET D 28 21.96 -9.11 -8.35
CA MET D 28 20.75 -8.51 -8.90
C MET D 28 20.99 -7.03 -9.13
N LEU D 29 20.30 -6.48 -10.12
CA LEU D 29 20.38 -5.06 -10.44
C LEU D 29 19.05 -4.37 -10.16
N VAL D 30 19.12 -3.14 -9.68
CA VAL D 30 17.96 -2.27 -9.48
C VAL D 30 18.23 -1.01 -10.27
N CYS D 31 17.26 -0.61 -11.10
CA CYS D 31 17.49 0.46 -12.05
C CYS D 31 16.28 1.38 -12.09
N GLY D 32 16.45 2.53 -12.73
CA GLY D 32 15.37 3.49 -12.85
C GLY D 32 15.72 4.61 -13.80
N ILE D 33 14.84 5.60 -13.83
CA ILE D 33 14.96 6.75 -14.72
C ILE D 33 14.87 8.02 -13.88
N ALA D 34 15.79 8.95 -14.11
CA ALA D 34 15.85 10.21 -13.37
C ALA D 34 15.65 11.38 -14.32
N ALA D 35 14.85 12.35 -13.88
CA ALA D 35 14.54 13.53 -14.66
C ALA D 35 15.11 14.76 -13.99
N LYS D 36 15.60 15.70 -14.80
CA LYS D 36 16.25 16.90 -14.28
C LYS D 36 15.32 18.10 -14.44
N LEU D 37 15.16 18.85 -13.36
CA LEU D 37 14.36 20.07 -13.40
C LEU D 37 15.05 21.12 -14.25
N GLY D 38 14.25 21.90 -14.96
CA GLY D 38 14.77 22.96 -15.81
C GLY D 38 15.25 22.51 -17.17
N ALA D 39 15.23 21.21 -17.46
CA ALA D 39 15.64 20.70 -18.75
C ALA D 39 14.56 20.93 -19.79
N ALA D 40 15.00 21.13 -21.04
CA ALA D 40 14.08 21.37 -22.14
C ALA D 40 13.23 20.14 -22.41
N ALA D 41 12.16 20.33 -23.19
CA ALA D 41 11.25 19.24 -23.51
C ALA D 41 11.94 18.12 -24.27
N SER D 42 12.93 18.44 -25.10
CA SER D 42 13.69 17.45 -25.83
C SER D 42 15.16 17.45 -25.43
N SER D 43 15.48 17.95 -24.23
CA SER D 43 16.87 18.07 -23.81
C SER D 43 17.49 16.69 -23.60
N PRO D 44 18.77 16.52 -23.96
CA PRO D 44 19.45 15.25 -23.66
C PRO D 44 19.62 14.98 -22.18
N ASP D 45 19.53 16.01 -21.33
CA ASP D 45 19.70 15.84 -19.89
C ASP D 45 18.46 15.24 -19.22
N ALA D 46 17.34 15.12 -19.93
CA ALA D 46 16.18 14.46 -19.38
C ALA D 46 16.31 12.94 -19.54
N HIS D 47 15.63 12.22 -18.65
CA HIS D 47 15.58 10.75 -18.59
C HIS D 47 16.98 10.12 -18.66
N VAL D 48 17.78 10.41 -17.64
CA VAL D 48 19.10 9.80 -17.48
C VAL D 48 18.92 8.53 -16.66
N PRO D 49 19.31 7.36 -17.18
CA PRO D 49 19.15 6.11 -16.43
C PRO D 49 20.30 5.85 -15.48
N PHE D 50 20.02 4.98 -14.50
CA PHE D 50 20.98 4.65 -13.46
C PHE D 50 20.69 3.27 -12.92
N CYS D 51 21.73 2.56 -12.50
CA CYS D 51 21.61 1.21 -11.97
C CYS D 51 22.55 1.04 -10.79
N PHE D 52 22.20 0.12 -9.89
CA PHE D 52 23.12 -0.33 -8.84
C PHE D 52 22.77 -1.75 -8.47
N GLY D 53 23.77 -2.46 -7.90
CA GLY D 53 23.65 -3.87 -7.64
C GLY D 53 23.23 -4.21 -6.22
N LYS D 54 22.85 -5.48 -6.05
CA LYS D 54 22.42 -6.00 -4.75
C LYS D 54 22.98 -7.40 -4.57
N ASP D 55 23.37 -7.73 -3.34
CA ASP D 55 23.85 -9.05 -2.99
C ASP D 55 22.67 -9.86 -2.42
N LEU D 56 22.55 -11.10 -2.87
CA LEU D 56 21.42 -11.95 -2.50
C LEU D 56 21.67 -12.84 -1.30
N LYS D 57 22.88 -12.83 -0.75
CA LYS D 57 23.16 -13.64 0.43
C LYS D 57 22.73 -12.96 1.72
N ARG D 58 22.43 -11.66 1.68
CA ARG D 58 22.01 -10.92 2.88
C ARG D 58 20.53 -10.61 2.78
N PRO D 59 19.67 -11.21 3.62
CA PRO D 59 18.25 -10.87 3.59
C PRO D 59 17.97 -9.43 4.02
N GLY D 60 16.71 -9.02 3.99
CA GLY D 60 16.40 -7.65 4.31
C GLY D 60 16.69 -6.71 3.15
N SER D 61 16.84 -5.43 3.48
CA SER D 61 17.08 -4.40 2.49
C SER D 61 18.29 -3.56 2.87
N SER D 62 19.11 -3.23 1.88
CA SER D 62 20.24 -2.34 2.07
C SER D 62 19.75 -0.90 2.20
N PRO D 63 20.55 0.00 2.79
CA PRO D 63 20.08 1.39 2.99
C PRO D 63 19.72 2.12 1.70
N MET D 64 20.44 1.83 0.61
CA MET D 64 20.19 2.50 -0.66
C MET D 64 18.77 2.27 -1.14
N GLU D 65 18.29 1.01 -1.05
CA GLU D 65 16.94 0.70 -1.49
C GLU D 65 15.90 1.46 -0.67
N VAL D 66 16.12 1.55 0.65
CA VAL D 66 15.17 2.26 1.52
C VAL D 66 15.10 3.73 1.15
N MET D 67 16.27 4.37 0.96
CA MET D 67 16.29 5.76 0.57
C MET D 67 15.63 5.97 -0.78
N LEU D 68 15.91 5.07 -1.74
CA LEU D 68 15.33 5.18 -3.06
C LEU D 68 13.81 5.09 -3.01
N ARG D 69 13.29 4.14 -2.23
CA ARG D 69 11.84 3.99 -2.10
C ARG D 69 11.23 5.25 -1.49
N ALA D 70 11.85 5.78 -0.44
CA ALA D 70 11.32 6.97 0.22
C ALA D 70 11.27 8.16 -0.74
N VAL D 71 12.39 8.44 -1.40
CA VAL D 71 12.44 9.63 -2.26
C VAL D 71 11.59 9.42 -3.51
N PHE D 72 11.38 8.17 -3.93
CA PHE D 72 10.48 7.91 -5.04
C PHE D 72 9.04 8.23 -4.65
N MET D 73 8.60 7.71 -3.49
CA MET D 73 7.23 7.94 -3.05
C MET D 73 6.97 9.42 -2.77
N GLN D 74 7.94 10.12 -2.21
CA GLN D 74 7.72 11.51 -1.82
C GLN D 74 8.03 12.52 -2.92
N GLN D 75 8.76 12.12 -3.97
CA GLN D 75 9.05 12.97 -5.14
C GLN D 75 9.75 14.27 -4.72
N ARG D 76 10.97 14.10 -4.22
CA ARG D 76 11.83 15.20 -3.81
C ARG D 76 13.03 15.32 -4.74
N PRO D 77 13.61 16.51 -4.89
CA PRO D 77 14.86 16.63 -5.64
C PRO D 77 16.02 16.00 -4.89
N LEU D 78 17.04 15.59 -5.64
CA LEU D 78 18.20 14.92 -5.09
C LEU D 78 19.45 15.33 -5.87
N ARG D 79 20.61 15.00 -5.28
CA ARG D 79 21.90 15.10 -5.95
C ARG D 79 22.40 13.70 -6.26
N MET D 80 23.01 13.54 -7.44
CA MET D 80 23.35 12.22 -7.97
C MET D 80 24.83 12.13 -8.29
N PHE D 81 25.46 11.04 -7.87
CA PHE D 81 26.79 10.67 -8.32
C PHE D 81 26.62 9.53 -9.34
N LEU D 82 27.08 9.77 -10.56
CA LEU D 82 26.90 8.81 -11.64
C LEU D 82 28.25 8.46 -12.25
N GLY D 83 28.34 7.24 -12.78
CA GLY D 83 29.55 6.78 -13.43
C GLY D 83 30.53 6.16 -12.46
N PRO D 84 31.69 5.73 -12.96
CA PRO D 84 32.15 5.77 -14.34
C PRO D 84 31.72 4.55 -15.18
N LYS D 85 31.45 3.41 -14.55
CA LYS D 85 31.11 2.21 -15.28
C LYS D 85 29.68 2.28 -15.82
N GLN D 86 29.35 1.34 -16.70
CA GLN D 86 28.06 1.29 -17.36
C GLN D 86 27.43 -0.09 -17.22
N LEU D 87 26.10 -0.11 -17.19
CA LEU D 87 25.36 -1.35 -17.04
C LEU D 87 24.18 -1.36 -18.01
N THR D 88 23.69 -2.55 -18.30
CA THR D 88 22.62 -2.73 -19.27
C THR D 88 21.25 -2.43 -18.66
N PHE D 89 20.35 -1.86 -19.47
CA PHE D 89 18.98 -1.59 -19.05
C PHE D 89 18.11 -1.45 -20.28
N GLU D 90 17.20 -2.40 -20.47
CA GLU D 90 16.19 -2.37 -21.55
C GLU D 90 16.82 -2.21 -22.93
N GLY D 91 17.91 -2.94 -23.17
CA GLY D 91 18.59 -2.87 -24.44
C GLY D 91 19.44 -1.65 -24.65
N LYS D 92 19.70 -0.87 -23.60
CA LYS D 92 20.54 0.32 -23.65
C LYS D 92 21.51 0.28 -22.48
N PRO D 93 22.69 0.89 -22.65
CA PRO D 93 23.64 0.97 -21.52
C PRO D 93 23.31 2.15 -20.62
N ALA D 94 23.43 1.93 -19.32
CA ALA D 94 23.14 2.94 -18.31
C ALA D 94 24.27 2.99 -17.29
N LEU D 95 24.46 4.18 -16.71
CA LEU D 95 25.56 4.41 -15.79
C LEU D 95 25.25 3.84 -14.41
N GLU D 96 26.27 3.79 -13.56
CA GLU D 96 26.15 3.28 -12.21
C GLU D 96 26.09 4.44 -11.21
N LEU D 97 25.37 4.23 -10.11
CA LEU D 97 25.24 5.20 -9.04
C LEU D 97 26.09 4.74 -7.87
N ILE D 98 26.86 5.65 -7.29
CA ILE D 98 27.78 5.30 -6.21
C ILE D 98 27.49 6.02 -4.91
N ARG D 99 26.71 7.11 -4.92
CA ARG D 99 26.38 7.88 -3.73
C ARG D 99 25.29 8.85 -4.11
N MET D 100 24.41 9.17 -3.16
CA MET D 100 23.21 9.90 -3.47
C MET D 100 22.71 10.62 -2.22
N VAL D 101 22.52 11.93 -2.32
CA VAL D 101 22.16 12.78 -1.20
C VAL D 101 21.01 13.68 -1.64
N GLU D 102 20.17 14.09 -0.69
CA GLU D 102 19.03 14.96 -0.97
C GLU D 102 19.46 16.42 -0.87
N CYS D 103 18.95 17.24 -1.80
CA CYS D 103 19.27 18.66 -1.78
C CYS D 103 18.50 19.38 -0.68
N SER D 104 19.15 20.39 -0.10
CA SER D 104 18.57 21.20 0.97
C SER D 104 18.17 22.59 0.52
N GLY D 105 18.94 23.21 -0.36
CA GLY D 105 18.62 24.55 -0.82
C GLY D 105 19.59 24.99 -1.89
N LYS D 106 19.52 26.29 -2.21
CA LYS D 106 20.40 26.85 -3.23
C LYS D 106 21.86 26.94 -2.80
N GLN D 107 22.15 26.71 -1.52
CA GLN D 107 23.53 26.82 -1.04
C GLN D 107 24.44 25.77 -1.68
N ASP D 108 23.97 24.53 -1.78
CA ASP D 108 24.79 23.46 -2.32
C ASP D 108 24.16 22.74 -3.51
N CYS D 109 23.00 23.17 -3.99
CA CYS D 109 22.39 22.62 -5.20
C CYS D 109 21.95 23.77 -6.11
N PRO D 110 22.92 24.46 -6.77
CA PRO D 110 22.59 25.60 -7.63
C PRO D 110 21.76 25.19 -8.86
N ASP E 1 -12.75 -33.50 14.58
CA ASP E 1 -12.23 -33.34 13.22
C ASP E 1 -13.30 -33.64 12.18
N VAL E 2 -13.23 -32.94 11.05
CA VAL E 2 -14.16 -33.15 9.95
C VAL E 2 -13.58 -34.24 9.06
N PRO E 3 -14.35 -35.30 8.74
CA PRO E 3 -13.79 -36.42 8.00
C PRO E 3 -13.34 -36.09 6.58
N TYR E 4 -13.83 -35.02 5.98
CA TYR E 4 -13.48 -34.70 4.61
C TYR E 4 -13.39 -33.19 4.42
N VAL E 5 -12.67 -32.78 3.38
CA VAL E 5 -12.39 -31.37 3.15
C VAL E 5 -13.66 -30.67 2.67
N LEU E 6 -13.97 -29.54 3.29
CA LEU E 6 -15.12 -28.73 2.89
C LEU E 6 -14.66 -27.55 2.05
N VAL E 7 -15.50 -27.17 1.08
CA VAL E 7 -15.23 -26.04 0.20
C VAL E 7 -16.37 -25.05 0.36
N LYS E 8 -16.04 -23.83 0.76
CA LYS E 8 -17.01 -22.75 0.90
C LYS E 8 -16.77 -21.73 -0.19
N THR E 9 -17.84 -21.07 -0.64
CA THR E 9 -17.78 -20.15 -1.76
C THR E 9 -18.22 -18.77 -1.34
N ASN E 10 -17.50 -17.75 -1.83
CA ASN E 10 -17.88 -16.34 -1.70
C ASN E 10 -17.82 -15.84 -0.25
N MET E 11 -16.66 -16.01 0.38
CA MET E 11 -16.44 -15.45 1.70
C MET E 11 -15.36 -14.37 1.64
N VAL E 12 -15.24 -13.63 2.75
CA VAL E 12 -14.23 -12.61 2.93
C VAL E 12 -13.55 -12.85 4.27
N VAL E 13 -12.38 -12.23 4.44
CA VAL E 13 -11.61 -12.30 5.68
C VAL E 13 -11.81 -10.99 6.42
N THR E 14 -12.26 -11.07 7.68
CA THR E 14 -12.66 -9.89 8.43
C THR E 14 -11.80 -9.59 9.66
N SER E 15 -10.91 -10.49 10.06
CA SER E 15 -10.04 -10.23 11.20
C SER E 15 -8.76 -11.05 11.04
N VAL E 16 -7.71 -10.61 11.75
CA VAL E 16 -6.42 -11.28 11.76
C VAL E 16 -5.90 -11.26 13.20
N ALA E 17 -5.23 -12.32 13.61
CA ALA E 17 -4.72 -12.43 14.97
C ALA E 17 -3.42 -13.21 14.95
N MET E 18 -2.67 -13.10 16.04
CA MET E 18 -1.44 -13.85 16.21
C MET E 18 -1.38 -14.43 17.61
N LYS E 19 -0.93 -15.68 17.73
CA LYS E 19 -0.91 -16.33 19.03
C LYS E 19 0.13 -17.44 19.04
N PRO E 20 0.88 -17.61 20.14
CA PRO E 20 1.90 -18.66 20.18
C PRO E 20 1.31 -20.06 20.09
N TYR E 21 2.09 -20.97 19.50
CA TYR E 21 1.68 -22.36 19.32
C TYR E 21 2.12 -23.16 20.54
N GLU E 22 1.17 -23.84 21.18
CA GLU E 22 1.43 -24.47 22.47
C GLU E 22 2.26 -25.74 22.37
N VAL E 23 2.08 -26.52 21.29
CA VAL E 23 2.71 -27.84 21.23
C VAL E 23 4.22 -27.72 21.05
N THR E 24 4.67 -26.82 20.16
CA THR E 24 6.08 -26.71 19.84
C THR E 24 6.46 -25.23 19.76
N PRO E 25 7.52 -24.80 20.46
CA PRO E 25 7.86 -23.37 20.50
C PRO E 25 8.32 -22.78 19.18
N THR E 26 8.73 -23.61 18.20
CA THR E 26 9.29 -23.09 16.96
C THR E 26 8.25 -22.69 15.93
N ARG E 27 7.00 -22.49 16.32
CA ARG E 27 5.95 -22.09 15.39
C ARG E 27 4.98 -21.15 16.10
N MET E 28 4.20 -20.43 15.30
CA MET E 28 3.04 -19.70 15.79
C MET E 28 1.94 -19.81 14.76
N LEU E 29 0.71 -19.51 15.19
CA LEU E 29 -0.46 -19.64 14.34
C LEU E 29 -1.05 -18.28 14.01
N VAL E 30 -1.34 -18.05 12.74
CA VAL E 30 -2.04 -16.87 12.28
C VAL E 30 -3.49 -17.26 12.10
N CYS E 31 -4.39 -16.58 12.79
CA CYS E 31 -5.79 -16.97 12.83
C CYS E 31 -6.67 -15.80 12.41
N GLY E 32 -7.80 -16.14 11.79
CA GLY E 32 -8.76 -15.14 11.36
C GLY E 32 -10.13 -15.77 11.27
N ILE E 33 -11.14 -14.91 11.13
CA ILE E 33 -12.54 -15.32 11.04
C ILE E 33 -13.08 -14.90 9.68
N ALA E 34 -13.69 -15.84 8.97
CA ALA E 34 -14.26 -15.59 7.65
C ALA E 34 -15.78 -15.52 7.73
N ALA E 35 -16.37 -14.75 6.81
CA ALA E 35 -17.81 -14.58 6.74
C ALA E 35 -18.27 -14.67 5.29
N LYS E 36 -19.38 -15.35 5.07
CA LYS E 36 -19.95 -15.49 3.74
C LYS E 36 -20.78 -14.26 3.39
N LEU E 37 -20.55 -13.71 2.20
CA LEU E 37 -21.22 -12.47 1.80
C LEU E 37 -22.71 -12.71 1.61
N GLY E 38 -23.52 -11.86 2.23
CA GLY E 38 -24.96 -11.92 2.08
C GLY E 38 -25.61 -13.19 2.61
N ALA E 39 -24.91 -13.94 3.44
CA ALA E 39 -25.45 -15.19 3.96
C ALA E 39 -26.49 -14.93 5.04
N ALA E 40 -27.25 -15.98 5.35
CA ALA E 40 -28.25 -15.89 6.40
C ALA E 40 -27.58 -15.74 7.76
N ALA E 41 -28.20 -14.95 8.64
CA ALA E 41 -27.63 -14.71 9.97
C ALA E 41 -27.61 -15.98 10.80
N SER E 42 -28.50 -16.93 10.53
CA SER E 42 -28.53 -18.20 11.24
C SER E 42 -27.78 -19.30 10.51
N SER E 43 -27.19 -19.01 9.35
CA SER E 43 -26.48 -20.02 8.59
C SER E 43 -25.18 -20.40 9.29
N PRO E 44 -24.73 -21.65 9.13
CA PRO E 44 -23.47 -22.07 9.76
C PRO E 44 -22.23 -21.46 9.12
N ASP E 45 -22.33 -20.89 7.92
CA ASP E 45 -21.19 -20.35 7.21
C ASP E 45 -21.01 -18.85 7.41
N ALA E 46 -21.80 -18.23 8.27
CA ALA E 46 -21.69 -16.80 8.52
C ALA E 46 -20.61 -16.45 9.54
N HIS E 47 -19.98 -17.44 10.15
CA HIS E 47 -18.94 -17.19 11.15
C HIS E 47 -18.10 -18.46 11.27
N VAL E 48 -16.86 -18.42 10.80
CA VAL E 48 -16.03 -19.62 10.77
C VAL E 48 -14.57 -19.28 11.07
N PRO E 49 -13.93 -20.00 11.99
CA PRO E 49 -12.52 -19.76 12.28
C PRO E 49 -11.59 -20.65 11.45
N PHE E 50 -10.33 -20.21 11.37
CA PHE E 50 -9.32 -20.93 10.62
C PHE E 50 -7.94 -20.47 11.06
N CYS E 51 -6.97 -21.38 11.01
CA CYS E 51 -5.60 -21.09 11.44
C CYS E 51 -4.63 -21.95 10.63
N PHE E 52 -3.39 -21.48 10.54
CA PHE E 52 -2.32 -22.23 9.88
C PHE E 52 -0.98 -21.87 10.51
N GLY E 53 -0.12 -22.87 10.66
CA GLY E 53 1.15 -22.70 11.36
C GLY E 53 2.32 -22.18 10.54
N LYS E 54 2.91 -21.07 11.00
CA LYS E 54 4.08 -20.47 10.37
C LYS E 54 5.36 -21.00 11.00
N ASP E 55 6.44 -20.98 10.22
CA ASP E 55 7.75 -21.42 10.67
C ASP E 55 8.61 -20.22 11.04
N LEU E 56 9.56 -20.43 11.96
CA LEU E 56 10.39 -19.36 12.49
C LEU E 56 11.85 -19.44 12.09
N LYS E 57 12.37 -20.65 11.79
CA LYS E 57 13.79 -20.81 11.55
C LYS E 57 14.27 -20.12 10.28
N ARG E 58 13.37 -19.65 9.43
CA ARG E 58 13.74 -19.01 8.17
C ARG E 58 13.03 -17.66 8.08
N PRO E 59 13.74 -16.58 7.83
CA PRO E 59 13.11 -15.27 7.74
C PRO E 59 12.38 -15.09 6.41
N GLY E 60 11.58 -14.04 6.36
CA GLY E 60 10.83 -13.74 5.16
C GLY E 60 9.39 -14.20 5.24
N SER E 61 8.51 -13.45 4.60
CA SER E 61 7.08 -13.76 4.64
C SER E 61 6.77 -14.98 3.78
N SER E 62 5.98 -15.90 4.34
CA SER E 62 5.53 -17.06 3.61
C SER E 62 4.56 -16.63 2.50
N PRO E 63 4.40 -17.45 1.46
CA PRO E 63 3.46 -17.08 0.37
C PRO E 63 2.04 -16.87 0.83
N MET E 64 1.60 -17.58 1.87
CA MET E 64 0.25 -17.40 2.39
C MET E 64 0.06 -16.03 3.03
N GLU E 65 1.05 -15.56 3.78
CA GLU E 65 0.90 -14.36 4.59
C GLU E 65 0.70 -13.12 3.73
N VAL E 66 1.45 -13.01 2.63
CA VAL E 66 1.33 -11.85 1.75
C VAL E 66 -0.06 -11.78 1.13
N MET E 67 -0.55 -12.93 0.65
CA MET E 67 -1.88 -12.97 0.05
C MET E 67 -2.95 -12.64 1.08
N LEU E 68 -2.83 -13.18 2.29
CA LEU E 68 -3.82 -12.90 3.32
C LEU E 68 -3.84 -11.42 3.67
N ARG E 69 -2.65 -10.80 3.79
CA ARG E 69 -2.57 -9.37 4.06
C ARG E 69 -3.23 -8.58 2.94
N ALA E 70 -2.94 -8.93 1.68
CA ALA E 70 -3.49 -8.20 0.54
C ALA E 70 -5.01 -8.29 0.50
N VAL E 71 -5.55 -9.49 0.70
CA VAL E 71 -7.00 -9.66 0.67
C VAL E 71 -7.65 -8.97 1.86
N PHE E 72 -7.01 -9.01 3.03
CA PHE E 72 -7.54 -8.33 4.20
C PHE E 72 -7.62 -6.82 3.98
N MET E 73 -6.59 -6.24 3.37
CA MET E 73 -6.62 -4.81 3.09
C MET E 73 -7.61 -4.44 2.01
N GLN E 74 -7.75 -5.29 0.98
CA GLN E 74 -8.57 -4.94 -0.17
C GLN E 74 -9.98 -5.53 -0.14
N GLN E 75 -10.21 -6.58 0.64
CA GLN E 75 -11.55 -7.16 0.88
C GLN E 75 -12.17 -7.69 -0.41
N ARG E 76 -11.43 -8.58 -1.06
CA ARG E 76 -12.02 -9.23 -2.22
C ARG E 76 -12.66 -10.56 -1.82
N PRO E 77 -13.65 -11.03 -2.57
CA PRO E 77 -14.18 -12.38 -2.34
C PRO E 77 -13.19 -13.43 -2.80
N LEU E 78 -13.27 -14.61 -2.18
CA LEU E 78 -12.36 -15.70 -2.51
C LEU E 78 -13.02 -17.03 -2.18
N ARG E 79 -12.34 -18.11 -2.59
CA ARG E 79 -12.71 -19.48 -2.26
C ARG E 79 -11.65 -20.08 -1.35
N MET E 80 -12.09 -20.67 -0.25
CA MET E 80 -11.16 -21.23 0.74
C MET E 80 -11.39 -22.72 0.94
N PHE E 81 -10.29 -23.46 1.02
CA PHE E 81 -10.30 -24.90 1.29
C PHE E 81 -10.02 -25.13 2.77
N LEU E 82 -10.97 -25.74 3.48
CA LEU E 82 -10.86 -25.92 4.91
C LEU E 82 -10.93 -27.40 5.27
N GLY E 83 -10.23 -27.78 6.33
CA GLY E 83 -10.16 -29.14 6.77
C GLY E 83 -8.86 -29.81 6.35
N PRO E 84 -8.66 -31.07 6.77
CA PRO E 84 -9.51 -31.88 7.65
C PRO E 84 -9.21 -31.68 9.13
N LYS E 85 -7.95 -31.46 9.49
CA LYS E 85 -7.56 -31.39 10.89
C LYS E 85 -8.06 -30.10 11.52
N GLN E 86 -8.19 -30.15 12.84
CA GLN E 86 -8.72 -29.03 13.61
C GLN E 86 -7.71 -28.55 14.65
N LEU E 87 -7.68 -27.24 14.86
CA LEU E 87 -6.88 -26.61 15.90
C LEU E 87 -7.82 -25.91 16.87
N THR E 88 -7.25 -25.19 17.82
CA THR E 88 -8.02 -24.45 18.82
C THR E 88 -7.78 -22.95 18.68
N PHE E 89 -8.86 -22.19 18.79
CA PHE E 89 -8.81 -20.74 18.71
C PHE E 89 -9.89 -20.17 19.62
N GLU E 90 -9.49 -19.25 20.51
CA GLU E 90 -10.40 -18.60 21.46
C GLU E 90 -11.07 -19.62 22.38
N GLY E 91 -10.40 -20.74 22.63
CA GLY E 91 -10.97 -21.80 23.43
C GLY E 91 -11.98 -22.66 22.73
N LYS E 92 -12.13 -22.52 21.41
CA LYS E 92 -13.11 -23.24 20.63
C LYS E 92 -12.46 -23.86 19.40
N PRO E 93 -13.02 -24.95 18.86
CA PRO E 93 -12.39 -25.60 17.70
C PRO E 93 -12.35 -24.70 16.47
N ALA E 94 -11.35 -24.94 15.62
CA ALA E 94 -11.20 -24.21 14.38
C ALA E 94 -10.54 -25.12 13.35
N LEU E 95 -10.79 -24.85 12.07
CA LEU E 95 -10.31 -25.69 10.99
C LEU E 95 -8.93 -25.21 10.50
N GLU E 96 -8.29 -26.05 9.70
CA GLU E 96 -6.99 -25.73 9.12
C GLU E 96 -7.16 -25.50 7.62
N LEU E 97 -6.55 -24.42 7.12
CA LEU E 97 -6.66 -24.05 5.72
C LEU E 97 -5.50 -24.61 4.92
N ILE E 98 -5.80 -25.25 3.79
CA ILE E 98 -4.79 -25.85 2.93
C ILE E 98 -4.59 -25.05 1.65
N ARG E 99 -5.66 -24.52 1.05
CA ARG E 99 -5.54 -23.78 -0.20
C ARG E 99 -6.40 -22.52 -0.14
N MET E 100 -6.01 -21.54 -0.95
CA MET E 100 -6.65 -20.23 -0.95
C MET E 100 -6.56 -19.63 -2.35
N VAL E 101 -7.71 -19.41 -2.99
CA VAL E 101 -7.77 -18.90 -4.35
C VAL E 101 -8.76 -17.74 -4.40
N GLU E 102 -8.32 -16.62 -4.97
CA GLU E 102 -9.21 -15.49 -5.20
C GLU E 102 -10.29 -15.86 -6.22
N CYS E 103 -11.46 -15.24 -6.09
CA CYS E 103 -12.56 -15.48 -7.00
C CYS E 103 -12.34 -14.79 -8.35
N SER E 104 -12.75 -15.47 -9.42
CA SER E 104 -12.59 -14.96 -10.78
C SER E 104 -13.90 -14.61 -11.46
N GLY E 105 -14.98 -15.35 -11.21
CA GLY E 105 -16.24 -15.05 -11.86
C GLY E 105 -17.29 -16.06 -11.50
N LYS E 106 -18.47 -15.87 -12.11
CA LYS E 106 -19.62 -16.73 -11.82
C LYS E 106 -19.40 -18.17 -12.25
N GLN E 107 -18.62 -18.39 -13.30
CA GLN E 107 -18.30 -19.75 -13.73
C GLN E 107 -17.40 -20.46 -12.73
N ASP E 108 -16.67 -19.72 -11.91
CA ASP E 108 -15.76 -20.30 -10.93
C ASP E 108 -16.32 -20.28 -9.51
N CYS E 109 -17.10 -19.25 -9.16
CA CYS E 109 -17.63 -19.06 -7.81
C CYS E 109 -19.15 -19.15 -7.87
N PRO E 110 -19.72 -20.36 -7.71
CA PRO E 110 -21.18 -20.59 -7.75
C PRO E 110 -21.97 -19.72 -6.77
N LEU F 2 0.33 -16.26 37.47
CA LEU F 2 0.01 -14.84 37.48
C LEU F 2 -1.33 -14.59 36.80
N PRO F 3 -2.06 -13.57 37.26
CA PRO F 3 -3.37 -13.27 36.65
C PRO F 3 -3.24 -12.86 35.20
N THR F 4 -4.27 -13.20 34.42
CA THR F 4 -4.36 -12.85 33.02
C THR F 4 -5.71 -12.18 32.76
N HIS F 5 -5.71 -11.11 31.99
CA HIS F 5 -6.91 -10.34 31.72
C HIS F 5 -7.01 -10.03 30.24
N LEU F 6 -8.24 -9.77 29.80
CA LEU F 6 -8.54 -9.48 28.40
C LEU F 6 -9.12 -8.08 28.28
N TYR F 7 -8.63 -7.32 27.31
CA TYR F 7 -9.16 -6.00 27.01
C TYR F 7 -9.61 -5.96 25.55
N LYS F 8 -10.76 -5.33 25.30
CA LYS F 8 -11.33 -5.30 23.96
C LYS F 8 -11.73 -3.88 23.59
N ASN F 9 -11.62 -3.58 22.30
CA ASN F 9 -12.01 -2.29 21.71
C ASN F 9 -11.19 -1.13 22.31
N PHE F 10 -9.88 -1.19 22.09
CA PHE F 10 -8.97 -0.12 22.44
C PHE F 10 -8.22 0.34 21.20
N THR F 11 -7.51 1.47 21.33
CA THR F 11 -6.76 2.07 20.23
C THR F 11 -5.34 2.35 20.68
N VAL F 12 -4.38 2.12 19.77
CA VAL F 12 -2.98 2.38 20.08
C VAL F 12 -2.74 3.89 20.04
N GLN F 13 -2.14 4.41 21.11
CA GLN F 13 -1.91 5.84 21.24
C GLN F 13 -0.43 6.22 21.24
N GLU F 14 0.45 5.34 21.72
CA GLU F 14 1.87 5.61 21.80
C GLU F 14 2.64 4.40 21.31
N LEU F 15 3.92 4.60 21.03
CA LEU F 15 4.76 3.53 20.52
C LEU F 15 6.21 3.90 20.74
N ALA F 16 7.02 2.96 21.20
CA ALA F 16 8.41 3.23 21.50
C ALA F 16 9.27 2.01 21.22
N LEU F 17 10.54 2.28 20.91
CA LEU F 17 11.55 1.23 20.75
C LEU F 17 12.86 1.75 21.31
N LYS F 18 13.37 1.10 22.34
CA LYS F 18 14.53 1.60 23.07
C LYS F 18 15.47 0.45 23.40
N LEU F 19 16.71 0.80 23.73
CA LEU F 19 17.70 -0.15 24.21
C LEU F 19 17.79 -0.02 25.73
N LYS F 20 17.37 -1.07 26.43
CA LYS F 20 17.34 -1.09 27.89
C LYS F 20 18.19 -2.27 28.35
N GLY F 21 19.38 -1.99 28.87
CA GLY F 21 20.30 -3.04 29.25
C GLY F 21 21.02 -3.64 28.06
N LYS F 22 21.23 -4.95 28.09
CA LYS F 22 21.91 -5.64 27.00
C LYS F 22 20.96 -6.12 25.91
N ASN F 23 19.66 -5.87 26.04
CA ASN F 23 18.67 -6.34 25.09
C ASN F 23 17.71 -5.20 24.74
N GLN F 24 17.09 -5.32 23.57
CA GLN F 24 16.15 -4.31 23.12
C GLN F 24 14.77 -4.53 23.74
N GLU F 25 13.94 -3.50 23.68
CA GLU F 25 12.64 -3.51 24.33
C GLU F 25 11.65 -2.76 23.45
N PHE F 26 10.37 -3.12 23.62
CA PHE F 26 9.28 -2.57 22.82
C PHE F 26 8.05 -2.42 23.71
N CYS F 27 7.42 -1.24 23.66
CA CYS F 27 6.30 -0.94 24.54
C CYS F 27 5.22 -0.20 23.75
N LEU F 28 3.99 -0.28 24.25
CA LEU F 28 2.84 0.38 23.62
C LEU F 28 1.81 0.71 24.68
N THR F 29 0.99 1.72 24.39
CA THR F 29 -0.06 2.19 25.29
C THR F 29 -1.39 2.22 24.56
N ALA F 30 -2.42 1.65 25.16
CA ALA F 30 -3.76 1.61 24.61
C ALA F 30 -4.62 2.72 25.20
N PHE F 31 -5.77 2.95 24.58
CA PHE F 31 -6.67 4.01 25.03
C PHE F 31 -8.11 3.67 24.68
N MET F 32 -9.02 4.00 25.60
CA MET F 32 -10.45 3.99 25.34
C MET F 32 -11.08 5.13 26.13
N SER F 33 -12.13 5.73 25.56
CA SER F 33 -12.75 6.90 26.15
C SER F 33 -13.39 6.56 27.50
N GLY F 34 -13.13 7.39 28.50
CA GLY F 34 -13.82 7.29 29.76
C GLY F 34 -13.35 6.19 30.69
N ARG F 35 -12.12 5.70 30.52
CA ARG F 35 -11.60 4.70 31.44
C ARG F 35 -10.08 4.82 31.51
N SER F 36 -9.46 3.91 32.24
CA SER F 36 -8.03 3.96 32.47
C SER F 36 -7.26 3.47 31.24
N LEU F 37 -5.95 3.72 31.26
CA LEU F 37 -5.06 3.28 30.19
C LEU F 37 -4.40 1.96 30.56
N VAL F 38 -3.98 1.23 29.54
CA VAL F 38 -3.33 -0.07 29.71
C VAL F 38 -2.00 -0.02 28.97
N ARG F 39 -0.93 -0.46 29.63
CA ARG F 39 0.41 -0.41 29.05
C ARG F 39 1.10 -1.74 29.25
N ALA F 40 1.82 -2.18 28.22
CA ALA F 40 2.51 -3.45 28.23
C ALA F 40 3.79 -3.32 27.42
N CYS F 41 4.72 -4.23 27.66
CA CYS F 41 6.02 -4.18 27.02
C CYS F 41 6.44 -5.59 26.63
N LEU F 42 7.30 -5.68 25.61
CA LEU F 42 7.82 -6.94 25.12
C LEU F 42 9.33 -6.79 24.94
N SER F 43 10.07 -7.80 25.39
CA SER F 43 11.52 -7.75 25.40
C SER F 43 12.11 -8.91 24.62
N ASP F 44 13.15 -8.64 23.84
CA ASP F 44 13.84 -9.66 23.08
C ASP F 44 14.84 -10.39 23.95
N ALA F 45 14.39 -10.89 25.09
CA ALA F 45 15.22 -11.66 26.02
C ALA F 45 14.59 -13.03 26.21
N GLY F 46 15.43 -14.04 26.28
CA GLY F 46 14.95 -15.42 26.23
C GLY F 46 14.81 -15.90 24.80
N HIS F 47 14.06 -15.16 23.99
CA HIS F 47 14.01 -15.42 22.56
C HIS F 47 15.29 -14.93 21.92
N GLU F 48 15.93 -15.78 21.14
CA GLU F 48 17.12 -15.39 20.38
C GLU F 48 17.25 -16.35 19.21
N HIS F 49 17.91 -15.87 18.15
CA HIS F 49 18.07 -16.61 16.90
C HIS F 49 16.72 -16.99 16.28
N ASP F 50 15.69 -16.20 16.57
CA ASP F 50 14.34 -16.44 16.08
C ASP F 50 13.75 -15.13 15.57
N THR F 51 12.76 -15.25 14.69
CA THR F 51 12.11 -14.11 14.07
C THR F 51 10.82 -13.68 14.79
N TRP F 52 10.65 -14.08 16.05
CA TRP F 52 9.43 -13.75 16.77
C TRP F 52 9.31 -12.25 17.00
N PHE F 53 10.40 -11.63 17.44
CA PHE F 53 10.38 -10.21 17.82
C PHE F 53 10.07 -9.33 16.62
N ASP F 54 10.73 -9.60 15.47
CA ASP F 54 10.52 -8.79 14.28
C ASP F 54 9.07 -8.89 13.79
N THR F 55 8.50 -10.10 13.80
CA THR F 55 7.11 -10.27 13.37
C THR F 55 6.15 -9.53 14.27
N MET F 56 6.36 -9.61 15.59
CA MET F 56 5.46 -8.89 16.50
C MET F 56 5.61 -7.38 16.32
N LEU F 57 6.85 -6.91 16.09
CA LEU F 57 7.06 -5.49 15.84
C LEU F 57 6.35 -5.04 14.58
N GLY F 58 6.44 -5.82 13.50
CA GLY F 58 5.76 -5.47 12.28
C GLY F 58 4.26 -5.45 12.43
N PHE F 59 3.71 -6.43 13.15
CA PHE F 59 2.27 -6.47 13.39
C PHE F 59 1.82 -5.24 14.17
N ALA F 60 2.56 -4.88 15.22
CA ALA F 60 2.17 -3.73 16.03
C ALA F 60 2.27 -2.43 15.24
N ILE F 61 3.33 -2.26 14.44
CA ILE F 61 3.47 -1.05 13.63
C ILE F 61 2.34 -0.96 12.61
N SER F 62 2.00 -2.09 11.97
CA SER F 62 0.90 -2.09 11.01
C SER F 62 -0.42 -1.75 11.69
N ALA F 63 -0.64 -2.26 12.91
CA ALA F 63 -1.85 -1.92 13.65
C ALA F 63 -1.90 -0.45 13.98
N TYR F 64 -0.77 0.15 14.34
CA TYR F 64 -0.76 1.57 14.66
C TYR F 64 -0.97 2.44 13.42
N ALA F 65 -0.40 2.04 12.28
CA ALA F 65 -0.49 2.84 11.07
C ALA F 65 -1.93 2.97 10.58
N LEU F 66 -2.69 1.88 10.63
CA LEU F 66 -4.06 1.87 10.13
C LEU F 66 -5.03 2.58 11.06
N LYS F 67 -4.61 2.94 12.28
CA LYS F 67 -5.46 3.61 13.26
C LYS F 67 -6.71 2.79 13.58
N SER F 68 -6.55 1.48 13.62
CA SER F 68 -7.65 0.56 13.85
C SER F 68 -7.68 0.11 15.31
N ARG F 69 -8.83 -0.46 15.70
CA ARG F 69 -9.04 -0.92 17.05
C ARG F 69 -8.42 -2.30 17.26
N ILE F 70 -7.94 -2.55 18.48
CA ILE F 70 -7.19 -3.75 18.78
C ILE F 70 -7.72 -4.39 20.05
N ALA F 71 -7.43 -5.68 20.19
CA ALA F 71 -7.72 -6.46 21.39
C ALA F 71 -6.42 -7.08 21.88
N LEU F 72 -6.14 -6.90 23.18
CA LEU F 72 -4.83 -7.25 23.72
C LEU F 72 -4.97 -8.06 25.00
N THR F 73 -4.01 -8.96 25.20
CA THR F 73 -3.90 -9.77 26.40
C THR F 73 -2.62 -9.38 27.14
N VAL F 74 -2.75 -9.14 28.44
CA VAL F 74 -1.64 -8.67 29.26
C VAL F 74 -1.52 -9.54 30.51
N GLU F 75 -0.28 -9.85 30.88
CA GLU F 75 0.01 -10.61 32.08
C GLU F 75 0.33 -9.64 33.22
N ASP F 76 -0.24 -9.90 34.40
CA ASP F 76 -0.14 -8.98 35.51
C ASP F 76 1.30 -8.82 35.98
N SER F 77 1.69 -7.59 36.25
CA SER F 77 3.03 -7.32 36.75
C SER F 77 3.14 -7.80 38.20
N PRO F 78 4.26 -8.43 38.57
CA PRO F 78 4.43 -8.87 39.96
C PRO F 78 4.50 -7.74 40.97
N TYR F 79 4.81 -6.52 40.54
CA TYR F 79 4.85 -5.35 41.40
C TYR F 79 4.16 -4.19 40.70
N PRO F 80 3.49 -3.32 41.45
CA PRO F 80 2.61 -2.32 40.82
C PRO F 80 3.37 -1.22 40.11
N GLY F 81 2.65 -0.53 39.23
CA GLY F 81 3.20 0.61 38.51
C GLY F 81 4.20 0.26 37.43
N THR F 82 4.13 -0.96 36.88
CA THR F 82 5.10 -1.42 35.90
C THR F 82 4.35 -2.12 34.77
N PRO F 83 4.81 -1.98 33.52
CA PRO F 83 4.20 -2.72 32.42
C PRO F 83 4.32 -4.23 32.61
N GLY F 84 3.33 -4.95 32.10
CA GLY F 84 3.32 -6.40 32.12
C GLY F 84 3.99 -6.98 30.91
N ASP F 85 3.61 -8.22 30.59
CA ASP F 85 4.14 -8.94 29.45
C ASP F 85 3.02 -9.19 28.44
N LEU F 86 3.29 -8.88 27.18
CA LEU F 86 2.30 -9.07 26.12
C LEU F 86 2.21 -10.54 25.72
N LEU F 87 0.98 -11.00 25.50
CA LEU F 87 0.73 -12.38 25.12
C LEU F 87 0.07 -12.53 23.76
N GLU F 88 -0.94 -11.72 23.43
CA GLU F 88 -1.70 -11.91 22.21
C GLU F 88 -2.20 -10.56 21.73
N LEU F 89 -2.20 -10.36 20.41
CA LEU F 89 -2.68 -9.15 19.78
C LEU F 89 -3.65 -9.50 18.67
N GLN F 90 -4.76 -8.76 18.59
CA GLN F 90 -5.80 -9.01 17.61
C GLN F 90 -6.24 -7.69 16.99
N ILE F 91 -6.44 -7.70 15.68
CA ILE F 91 -6.89 -6.52 14.94
C ILE F 91 -8.39 -6.64 14.73
N CYS F 92 -9.15 -5.67 15.23
CA CYS F 92 -10.58 -5.65 15.02
C CYS F 92 -10.87 -5.33 13.55
N PRO F 93 -12.06 -5.70 13.06
CA PRO F 93 -12.37 -5.45 11.65
C PRO F 93 -12.30 -3.96 11.30
N LEU F 94 -11.85 -3.69 10.08
CA LEU F 94 -11.66 -2.32 9.64
C LEU F 94 -12.98 -1.58 9.58
N ASN F 95 -12.97 -0.34 10.07
CA ASN F 95 -14.15 0.53 10.17
C ASN F 95 -15.23 -0.07 11.05
N GLY F 96 -14.85 -0.95 11.98
CA GLY F 96 -15.84 -1.63 12.81
C GLY F 96 -15.37 -1.97 14.21
N TYR F 97 -16.05 -2.91 14.85
CA TYR F 97 -15.78 -3.31 16.22
C TYR F 97 -15.63 -4.83 16.28
N CYS F 98 -14.84 -5.30 17.23
CA CYS F 98 -14.74 -6.73 17.45
C CYS F 98 -16.03 -7.26 18.08
N GLU F 99 -16.27 -8.54 17.90
CA GLU F 99 -17.47 -9.18 18.44
C GLU F 99 -17.25 -9.63 19.88
N ILE G 2 -29.36 11.50 20.23
CA ILE G 2 -30.58 11.80 19.52
C ILE G 2 -31.64 12.30 20.50
N VAL G 3 -32.43 13.29 20.09
CA VAL G 3 -33.44 13.91 20.94
C VAL G 3 -34.80 13.62 20.32
N LEU G 4 -35.74 13.17 21.15
CA LEU G 4 -37.08 12.82 20.71
C LEU G 4 -38.10 13.69 21.43
N THR G 5 -39.08 14.19 20.68
CA THR G 5 -40.12 15.05 21.22
C THR G 5 -41.47 14.48 20.86
N GLN G 6 -42.38 14.44 21.84
CA GLN G 6 -43.74 13.99 21.64
C GLN G 6 -44.71 15.07 22.09
N SER G 7 -45.92 15.04 21.53
CA SER G 7 -46.94 16.01 21.91
C SER G 7 -48.30 15.44 21.55
N PRO G 8 -49.33 15.63 22.39
CA PRO G 8 -49.31 16.30 23.70
C PRO G 8 -48.78 15.38 24.80
N ALA G 9 -48.50 15.94 25.99
CA ALA G 9 -48.03 15.12 27.09
C ALA G 9 -49.09 14.09 27.51
N THR G 10 -50.35 14.51 27.56
CA THR G 10 -51.46 13.63 27.88
C THR G 10 -52.56 13.82 26.85
N LEU G 11 -53.23 12.74 26.50
CA LEU G 11 -54.25 12.76 25.46
C LEU G 11 -55.59 12.33 26.03
N SER G 12 -56.64 13.06 25.67
CA SER G 12 -58.01 12.76 26.08
C SER G 12 -58.89 12.64 24.86
N VAL G 13 -59.78 11.65 24.85
CA VAL G 13 -60.59 11.35 23.68
C VAL G 13 -61.85 10.63 24.16
N SER G 14 -62.92 10.71 23.36
CA SER G 14 -64.15 9.97 23.59
C SER G 14 -64.02 8.56 23.01
N PRO G 15 -64.77 7.59 23.55
CA PRO G 15 -64.63 6.21 23.06
C PRO G 15 -65.05 6.07 21.61
N GLY G 16 -64.37 5.18 20.89
CA GLY G 16 -64.73 4.83 19.53
C GLY G 16 -64.21 5.76 18.47
N GLU G 17 -63.48 6.81 18.84
CA GLU G 17 -63.04 7.82 17.89
C GLU G 17 -61.72 7.40 17.23
N ARG G 18 -61.12 8.32 16.50
CA ARG G 18 -59.86 8.10 15.81
C ARG G 18 -58.89 9.20 16.20
N VAL G 19 -57.71 8.83 16.70
CA VAL G 19 -56.72 9.79 17.16
C VAL G 19 -55.33 9.23 16.83
N THR G 20 -54.35 10.14 16.76
CA THR G 20 -52.98 9.79 16.41
C THR G 20 -52.00 10.53 17.31
N LEU G 21 -50.79 9.98 17.44
CA LEU G 21 -49.69 10.62 18.14
C LEU G 21 -48.45 10.60 17.26
N THR G 22 -47.63 11.65 17.41
CA THR G 22 -46.42 11.84 16.62
C THR G 22 -45.22 12.03 17.52
N CYS G 23 -44.12 11.33 17.23
CA CYS G 23 -42.86 11.55 17.93
C CYS G 23 -41.80 11.92 16.89
N SER G 24 -41.19 13.09 17.07
CA SER G 24 -40.24 13.63 16.12
C SER G 24 -38.81 13.42 16.61
N ALA G 25 -37.86 13.60 15.70
CA ALA G 25 -36.45 13.36 16.01
C ALA G 25 -35.60 14.52 15.53
N SER G 26 -34.44 14.69 16.17
CA SER G 26 -33.52 15.76 15.80
C SER G 26 -32.77 15.46 14.50
N SER G 27 -32.54 14.19 14.21
CA SER G 27 -31.89 13.78 12.97
C SER G 27 -32.66 12.62 12.35
N SER G 28 -32.49 12.46 11.04
CA SER G 28 -33.26 11.46 10.30
C SER G 28 -32.79 10.05 10.65
N VAL G 29 -33.75 9.16 10.87
CA VAL G 29 -33.50 7.75 11.09
C VAL G 29 -34.39 6.94 10.17
N SER G 30 -33.97 5.71 9.88
CA SER G 30 -34.66 4.90 8.89
C SER G 30 -35.96 4.29 9.41
N PHE G 31 -36.03 3.94 10.69
CA PHE G 31 -37.17 3.21 11.21
C PHE G 31 -37.58 3.77 12.58
N MET G 32 -38.81 3.43 12.98
CA MET G 32 -39.43 4.01 14.17
C MET G 32 -40.21 2.92 14.89
N TYR G 33 -39.63 2.38 15.96
CA TYR G 33 -40.31 1.37 16.76
C TYR G 33 -41.35 2.02 17.66
N TRP G 34 -42.27 1.22 18.18
CA TRP G 34 -43.30 1.73 19.08
C TRP G 34 -43.58 0.72 20.19
N TYR G 35 -43.92 1.25 21.36
CA TYR G 35 -44.13 0.45 22.56
C TYR G 35 -45.35 0.95 23.31
N GLN G 36 -46.01 0.04 24.01
CA GLN G 36 -47.13 0.36 24.89
C GLN G 36 -46.74 0.03 26.33
N GLN G 37 -47.15 0.87 27.27
CA GLN G 37 -46.76 0.71 28.68
C GLN G 37 -47.96 0.95 29.58
N LYS G 38 -48.17 0.03 30.53
CA LYS G 38 -49.25 0.07 31.51
C LYS G 38 -48.71 0.38 32.90
N PRO G 39 -49.50 1.05 33.75
CA PRO G 39 -49.01 1.38 35.10
C PRO G 39 -48.74 0.12 35.92
N GLY G 40 -47.69 0.19 36.74
CA GLY G 40 -47.36 -0.86 37.68
C GLY G 40 -46.93 -2.18 37.08
N ARG G 41 -46.67 -2.23 35.77
CA ARG G 41 -46.29 -3.46 35.10
C ARG G 41 -45.28 -3.11 34.00
N ALA G 42 -44.82 -4.14 33.30
CA ALA G 42 -43.82 -3.94 32.26
C ALA G 42 -44.49 -3.51 30.96
N PRO G 43 -43.81 -2.68 30.17
CA PRO G 43 -44.32 -2.33 28.83
C PRO G 43 -44.17 -3.50 27.87
N LYS G 44 -45.00 -3.47 26.82
CA LYS G 44 -45.02 -4.56 25.85
C LYS G 44 -44.83 -4.04 24.44
N PRO G 45 -44.17 -4.82 23.57
CA PRO G 45 -43.93 -4.38 22.20
C PRO G 45 -45.21 -4.18 21.42
N LEU G 46 -45.19 -3.22 20.49
CA LEU G 46 -46.40 -2.91 19.74
C LEU G 46 -46.17 -2.87 18.23
N ILE G 47 -45.06 -2.30 17.76
CA ILE G 47 -44.73 -2.23 16.34
C ILE G 47 -43.22 -2.43 16.22
N TYR G 48 -42.79 -3.05 15.13
CA TYR G 48 -41.38 -3.14 14.79
C TYR G 48 -41.20 -2.78 13.33
N LEU G 49 -40.01 -2.23 13.02
CA LEU G 49 -39.73 -1.54 11.75
C LEU G 49 -40.76 -0.43 11.63
N THR G 50 -41.62 -0.41 10.62
CA THR G 50 -42.72 0.54 10.55
C THR G 50 -43.85 -0.10 9.75
N SER G 51 -45.09 0.15 10.18
CA SER G 51 -46.30 -0.37 9.52
C SER G 51 -46.27 -1.89 9.46
N ASN G 52 -45.75 -2.53 10.51
CA ASN G 52 -45.58 -3.98 10.54
C ASN G 52 -45.92 -4.45 11.94
N LEU G 53 -47.02 -5.23 12.07
CA LEU G 53 -47.50 -5.62 13.38
C LEU G 53 -46.90 -6.96 13.80
N PRO G 54 -46.70 -7.19 15.09
CA PRO G 54 -46.25 -8.50 15.57
C PRO G 54 -47.43 -9.45 15.74
N SER G 55 -47.11 -10.67 16.16
CA SER G 55 -48.14 -11.68 16.39
C SER G 55 -48.83 -11.44 17.72
N GLY G 56 -50.17 -11.41 17.68
CA GLY G 56 -51.00 -11.30 18.86
C GLY G 56 -51.58 -9.90 19.09
N VAL G 57 -50.91 -8.87 18.62
CA VAL G 57 -51.43 -7.51 18.77
C VAL G 57 -52.62 -7.32 17.82
N PRO G 58 -53.71 -6.70 18.26
CA PRO G 58 -54.88 -6.57 17.39
C PRO G 58 -54.58 -5.74 16.15
N ALA G 59 -55.31 -6.02 15.07
CA ALA G 59 -55.12 -5.35 13.79
C ALA G 59 -55.60 -3.90 13.83
N ARG G 60 -56.27 -3.47 14.89
CA ARG G 60 -56.81 -2.12 14.98
C ARG G 60 -55.75 -1.05 15.27
N PHE G 61 -54.46 -1.37 15.14
CA PHE G 61 -53.38 -0.42 15.32
C PHE G 61 -52.50 -0.41 14.08
N SER G 62 -52.12 0.78 13.63
CA SER G 62 -51.29 0.94 12.46
C SER G 62 -50.47 2.22 12.58
N GLY G 63 -49.39 2.28 11.83
CA GLY G 63 -48.53 3.45 11.85
C GLY G 63 -47.93 3.72 10.49
N SER G 64 -47.58 4.98 10.26
CA SER G 64 -47.01 5.40 8.99
C SER G 64 -46.24 6.69 9.20
N GLY G 65 -45.37 6.99 8.25
CA GLY G 65 -44.58 8.20 8.32
C GLY G 65 -43.44 8.19 7.32
N SER G 66 -42.49 9.10 7.52
CA SER G 66 -41.33 9.22 6.66
C SER G 66 -40.14 9.66 7.51
N GLY G 67 -39.08 10.12 6.86
CA GLY G 67 -37.92 10.61 7.55
C GLY G 67 -38.19 11.78 8.49
N THR G 68 -37.67 11.70 9.71
CA THR G 68 -37.74 12.73 10.75
C THR G 68 -39.19 13.03 11.17
N SER G 69 -40.15 12.19 10.80
CA SER G 69 -41.54 12.38 11.22
C SER G 69 -42.29 11.07 11.08
N TYR G 70 -42.75 10.51 12.19
CA TYR G 70 -43.52 9.28 12.20
C TYR G 70 -44.74 9.44 13.07
N THR G 71 -45.79 8.69 12.73
CA THR G 71 -47.08 8.79 13.40
C THR G 71 -47.58 7.40 13.74
N LEU G 72 -48.40 7.30 14.78
CA LEU G 72 -49.10 6.08 15.16
C LEU G 72 -50.59 6.35 15.13
N THR G 73 -51.34 5.50 14.41
CA THR G 73 -52.76 5.71 14.19
C THR G 73 -53.58 4.75 15.02
N ILE G 74 -54.52 5.28 15.80
CA ILE G 74 -55.44 4.49 16.61
C ILE G 74 -56.81 4.59 15.97
N ASN G 75 -57.33 3.47 15.46
CA ASN G 75 -58.57 3.47 14.70
C ASN G 75 -59.77 2.92 15.46
N SER G 76 -59.56 2.24 16.59
CA SER G 76 -60.67 1.69 17.37
C SER G 76 -60.29 1.79 18.85
N LEU G 77 -60.86 2.79 19.52
CA LEU G 77 -60.53 3.06 20.92
C LEU G 77 -61.42 2.24 21.85
N GLU G 78 -60.82 1.80 22.95
CA GLU G 78 -61.54 1.09 24.01
C GLU G 78 -60.93 1.50 25.35
N ALA G 79 -61.55 1.01 26.43
CA ALA G 79 -61.02 1.27 27.77
C ALA G 79 -59.67 0.57 28.00
N GLU G 80 -59.36 -0.46 27.20
CA GLU G 80 -58.09 -1.16 27.35
C GLU G 80 -56.91 -0.28 26.98
N ASP G 81 -57.10 0.66 26.05
CA ASP G 81 -56.02 1.47 25.50
C ASP G 81 -55.45 2.50 26.47
N ALA G 82 -55.91 2.53 27.73
CA ALA G 82 -55.40 3.48 28.72
C ALA G 82 -54.00 3.02 29.12
N ALA G 83 -52.99 3.62 28.50
CA ALA G 83 -51.61 3.18 28.68
C ALA G 83 -50.67 4.31 28.28
N THR G 84 -49.38 4.00 28.17
CA THR G 84 -48.35 4.95 27.78
C THR G 84 -47.58 4.43 26.57
N TYR G 85 -47.23 5.32 25.66
CA TYR G 85 -46.58 4.96 24.40
C TYR G 85 -45.19 5.59 24.29
N TYR G 86 -44.23 4.81 23.79
CA TYR G 86 -42.86 5.27 23.60
C TYR G 86 -42.36 4.82 22.23
N CYS G 87 -41.39 5.58 21.68
CA CYS G 87 -40.79 5.23 20.40
C CYS G 87 -39.26 5.16 20.54
N GLN G 88 -38.64 4.18 19.86
CA GLN G 88 -37.24 3.83 20.04
C GLN G 88 -36.50 3.83 18.69
N GLN G 89 -35.25 4.30 18.70
CA GLN G 89 -34.36 4.19 17.56
C GLN G 89 -33.15 3.34 17.93
N TRP G 90 -32.65 2.58 16.96
CA TRP G 90 -31.48 1.72 17.15
C TRP G 90 -30.64 1.74 15.87
N SER G 91 -30.64 2.86 15.15
CA SER G 91 -29.82 2.97 13.96
C SER G 91 -28.43 3.54 14.24
N SER G 92 -28.29 4.35 15.28
CA SER G 92 -27.00 4.89 15.68
C SER G 92 -26.82 4.68 17.18
N HIS G 93 -25.68 4.12 17.55
CA HIS G 93 -25.42 3.83 18.96
C HIS G 93 -25.21 5.14 19.72
N PRO G 94 -25.79 5.30 20.91
CA PRO G 94 -26.71 4.39 21.63
C PRO G 94 -28.19 4.69 21.34
N PRO G 95 -29.11 3.80 21.73
CA PRO G 95 -30.54 4.06 21.49
C PRO G 95 -31.06 5.19 22.36
N THR G 96 -32.16 5.79 21.89
CA THR G 96 -32.85 6.85 22.62
C THR G 96 -34.33 6.53 22.68
N PHE G 97 -34.96 6.92 23.80
CA PHE G 97 -36.37 6.69 24.03
C PHE G 97 -37.09 8.02 24.17
N GLY G 98 -38.30 8.10 23.66
CA GLY G 98 -39.13 9.26 23.89
C GLY G 98 -39.62 9.32 25.32
N SER G 99 -39.91 10.53 25.79
CA SER G 99 -40.37 10.72 27.17
C SER G 99 -41.70 10.03 27.42
N GLY G 100 -42.55 9.93 26.40
CA GLY G 100 -43.77 9.16 26.49
C GLY G 100 -45.00 10.04 26.65
N THR G 101 -46.16 9.42 26.41
CA THR G 101 -47.45 10.08 26.52
C THR G 101 -48.47 9.09 27.06
N LYS G 102 -49.25 9.51 28.06
CA LYS G 102 -50.28 8.68 28.65
C LYS G 102 -51.63 9.03 28.03
N LEU G 103 -52.53 8.05 28.00
CA LEU G 103 -53.85 8.21 27.42
C LEU G 103 -54.91 8.18 28.52
N GLU G 104 -55.93 9.02 28.38
CA GLU G 104 -57.00 9.14 29.34
C GLU G 104 -58.34 9.05 28.61
N ILE G 105 -59.30 8.35 29.22
CA ILE G 105 -60.63 8.13 28.65
C ILE G 105 -61.59 9.11 29.29
N LYS G 106 -62.38 9.80 28.47
CA LYS G 106 -63.37 10.76 28.95
C LYS G 106 -64.49 10.07 29.73
N VAL H 2 -41.26 -19.52 28.51
CA VAL H 2 -40.11 -18.65 28.72
C VAL H 2 -40.52 -17.41 29.50
N GLN H 3 -39.98 -17.28 30.71
CA GLN H 3 -40.28 -16.15 31.59
C GLN H 3 -39.00 -15.65 32.20
N LEU H 4 -39.07 -14.45 32.77
CA LEU H 4 -37.96 -13.86 33.51
C LEU H 4 -38.42 -13.55 34.92
N VAL H 5 -37.70 -14.05 35.91
CA VAL H 5 -38.01 -13.81 37.32
C VAL H 5 -36.82 -13.15 37.99
N GLN H 6 -37.10 -12.15 38.81
CA GLN H 6 -36.09 -11.27 39.37
C GLN H 6 -36.23 -11.23 40.89
N SER H 7 -35.38 -10.41 41.53
CA SER H 7 -35.34 -10.30 42.98
C SER H 7 -36.42 -9.32 43.45
N GLY H 8 -36.36 -8.95 44.72
CA GLY H 8 -37.32 -8.04 45.31
C GLY H 8 -36.83 -6.60 45.34
N ALA H 9 -37.56 -5.78 46.09
CA ALA H 9 -37.22 -4.38 46.28
C ALA H 9 -36.27 -4.22 47.47
N GLU H 10 -35.30 -3.34 47.33
CA GLU H 10 -34.28 -3.13 48.36
C GLU H 10 -34.26 -1.67 48.81
N VAL H 11 -33.58 -1.45 49.93
CA VAL H 11 -33.24 -0.12 50.41
C VAL H 11 -31.79 -0.14 50.88
N LYS H 12 -31.03 0.90 50.52
CA LYS H 12 -29.60 0.94 50.80
C LYS H 12 -29.21 2.32 51.31
N LYS H 13 -28.07 2.36 52.00
CA LYS H 13 -27.42 3.56 52.49
C LYS H 13 -26.50 4.12 51.42
N PRO H 14 -26.55 5.44 51.15
CA PRO H 14 -25.71 6.00 50.07
C PRO H 14 -24.22 5.80 50.34
N GLY H 15 -23.48 5.56 49.25
CA GLY H 15 -22.08 5.24 49.32
C GLY H 15 -21.75 3.78 49.17
N ALA H 16 -22.74 2.90 49.28
CA ALA H 16 -22.56 1.47 49.14
C ALA H 16 -22.84 1.05 47.69
N SER H 17 -22.96 -0.26 47.45
CA SER H 17 -23.22 -0.79 46.13
C SER H 17 -24.32 -1.84 46.20
N VAL H 18 -24.98 -2.07 45.06
CA VAL H 18 -26.10 -2.98 44.96
C VAL H 18 -25.83 -3.96 43.81
N LYS H 19 -26.49 -5.12 43.88
CA LYS H 19 -26.34 -6.16 42.87
C LYS H 19 -27.69 -6.82 42.66
N VAL H 20 -28.14 -6.91 41.40
CA VAL H 20 -29.48 -7.35 41.06
C VAL H 20 -29.38 -8.56 40.13
N SER H 21 -30.36 -9.45 40.22
CA SER H 21 -30.40 -10.67 39.43
C SER H 21 -31.63 -10.70 38.54
N CYS H 22 -31.52 -11.41 37.41
CA CYS H 22 -32.62 -11.61 36.46
C CYS H 22 -32.45 -13.00 35.86
N LYS H 23 -33.14 -13.99 36.41
CA LYS H 23 -32.97 -15.37 35.98
C LYS H 23 -33.89 -15.67 34.80
N ALA H 24 -33.36 -16.40 33.83
CA ALA H 24 -34.08 -16.76 32.61
C ALA H 24 -34.18 -18.27 32.49
N SER H 25 -35.30 -18.75 31.98
CA SER H 25 -35.51 -20.18 31.79
C SER H 25 -36.48 -20.40 30.65
N GLY H 26 -36.39 -21.59 30.05
CA GLY H 26 -37.27 -22.00 28.97
C GLY H 26 -36.63 -22.10 27.61
N TYR H 27 -35.38 -21.67 27.46
CA TYR H 27 -34.70 -21.72 26.18
C TYR H 27 -33.19 -21.69 26.41
N LYS H 28 -32.44 -21.98 25.35
CA LYS H 28 -30.98 -21.95 25.41
C LYS H 28 -30.52 -20.51 25.57
N PHE H 29 -30.03 -20.17 26.76
CA PHE H 29 -29.67 -18.80 27.11
C PHE H 29 -28.37 -18.34 26.46
N THR H 30 -27.59 -19.24 25.87
CA THR H 30 -26.25 -18.88 25.41
C THR H 30 -26.25 -18.00 24.16
N SER H 31 -27.33 -18.01 23.38
CA SER H 31 -27.29 -17.35 22.07
C SER H 31 -28.32 -16.25 21.94
N TYR H 32 -28.44 -15.39 22.95
CA TYR H 32 -29.32 -14.23 22.87
C TYR H 32 -28.79 -13.14 23.79
N TRP H 33 -28.79 -11.90 23.29
CA TRP H 33 -28.41 -10.75 24.09
C TRP H 33 -29.51 -10.39 25.09
N MET H 34 -29.12 -9.74 26.17
CA MET H 34 -30.05 -9.17 27.14
C MET H 34 -29.70 -7.72 27.39
N HIS H 35 -30.71 -6.87 27.44
CA HIS H 35 -30.53 -5.43 27.59
C HIS H 35 -30.97 -4.99 28.99
N TRP H 36 -30.33 -3.93 29.49
CA TRP H 36 -30.64 -3.37 30.80
C TRP H 36 -31.14 -1.94 30.61
N VAL H 37 -32.33 -1.66 31.12
CA VAL H 37 -32.98 -0.35 30.98
C VAL H 37 -33.60 0.00 32.33
N ARG H 38 -33.49 1.27 32.73
CA ARG H 38 -34.05 1.74 33.98
C ARG H 38 -34.98 2.92 33.73
N GLN H 39 -35.94 3.10 34.64
CA GLN H 39 -36.95 4.14 34.54
C GLN H 39 -37.05 4.86 35.88
N ALA H 40 -36.64 6.12 35.89
CA ALA H 40 -36.78 6.94 37.09
C ALA H 40 -38.27 7.26 37.32
N PRO H 41 -38.67 7.51 38.56
CA PRO H 41 -40.09 7.82 38.83
C PRO H 41 -40.51 9.12 38.15
N GLY H 42 -41.54 9.01 37.32
CA GLY H 42 -42.02 10.16 36.57
C GLY H 42 -41.08 10.64 35.48
N GLN H 43 -40.25 9.76 34.94
CA GLN H 43 -39.31 10.10 33.89
C GLN H 43 -39.26 8.99 32.86
N GLY H 44 -38.62 9.28 31.73
CA GLY H 44 -38.55 8.35 30.63
C GLY H 44 -37.51 7.26 30.83
N LEU H 45 -37.48 6.33 29.88
CA LEU H 45 -36.56 5.21 29.95
C LEU H 45 -35.14 5.67 29.65
N GLU H 46 -34.18 4.77 29.90
CA GLU H 46 -32.77 5.11 29.79
C GLU H 46 -31.98 3.81 29.62
N TRP H 47 -30.97 3.83 28.76
CA TRP H 47 -30.22 2.64 28.41
C TRP H 47 -28.95 2.54 29.23
N ILE H 48 -28.65 1.31 29.68
CA ILE H 48 -27.47 1.03 30.51
C ILE H 48 -26.43 0.23 29.73
N GLY H 49 -26.77 -0.98 29.31
CA GLY H 49 -25.82 -1.81 28.60
C GLY H 49 -26.43 -3.13 28.23
N ASN H 50 -25.63 -3.98 27.59
CA ASN H 50 -26.06 -5.30 27.20
C ASN H 50 -24.88 -6.27 27.24
N ILE H 51 -25.21 -7.56 27.33
CA ILE H 51 -24.21 -8.62 27.43
C ILE H 51 -24.64 -9.79 26.56
N PHE H 52 -23.67 -10.44 25.93
CA PHE H 52 -23.91 -11.66 25.15
C PHE H 52 -23.30 -12.84 25.89
N PRO H 53 -24.10 -13.75 26.43
CA PRO H 53 -23.53 -14.88 27.20
C PRO H 53 -22.60 -15.78 26.40
N GLY H 54 -22.85 -15.95 25.09
CA GLY H 54 -22.05 -16.87 24.30
C GLY H 54 -20.63 -16.42 24.06
N SER H 55 -20.37 -15.11 24.12
CA SER H 55 -19.04 -14.57 23.92
C SER H 55 -18.48 -13.81 25.11
N GLY H 56 -19.33 -13.37 26.03
CA GLY H 56 -18.89 -12.61 27.18
C GLY H 56 -18.56 -11.16 26.89
N SER H 57 -18.77 -10.69 25.67
CA SER H 57 -18.49 -9.30 25.34
C SER H 57 -19.64 -8.41 25.78
N THR H 58 -19.30 -7.23 26.29
CA THR H 58 -20.28 -6.30 26.83
C THR H 58 -20.07 -4.93 26.20
N ASN H 59 -21.15 -4.15 26.19
CA ASN H 59 -21.11 -2.76 25.74
C ASN H 59 -21.83 -1.91 26.78
N TYR H 60 -21.20 -0.79 27.15
CA TYR H 60 -21.73 0.12 28.17
C TYR H 60 -21.88 1.51 27.59
N ALA H 61 -22.79 2.28 28.16
CA ALA H 61 -22.90 3.69 27.80
C ALA H 61 -21.70 4.46 28.35
N GLN H 62 -21.44 5.62 27.74
CA GLN H 62 -20.30 6.43 28.14
C GLN H 62 -20.44 6.92 29.58
N LYS H 63 -21.64 7.30 29.98
CA LYS H 63 -21.86 7.89 31.30
C LYS H 63 -21.86 6.87 32.43
N PHE H 64 -22.02 5.58 32.13
CA PHE H 64 -21.88 4.52 33.13
C PHE H 64 -20.52 3.84 33.08
N GLN H 65 -19.59 4.32 32.26
CA GLN H 65 -18.27 3.71 32.19
C GLN H 65 -17.51 3.92 33.50
N GLY H 66 -17.00 2.83 34.05
CA GLY H 66 -16.30 2.87 35.32
C GLY H 66 -17.17 2.66 36.54
N ARG H 67 -18.49 2.63 36.38
CA ARG H 67 -19.42 2.46 37.49
C ARG H 67 -20.14 1.13 37.47
N VAL H 68 -20.50 0.61 36.30
CA VAL H 68 -21.36 -0.56 36.20
C VAL H 68 -20.52 -1.73 35.68
N THR H 69 -21.02 -2.94 35.93
CA THR H 69 -20.38 -4.16 35.46
C THR H 69 -21.45 -5.23 35.31
N LEU H 70 -21.50 -5.84 34.13
CA LEU H 70 -22.50 -6.86 33.81
C LEU H 70 -21.85 -8.23 33.80
N THR H 71 -22.47 -9.17 34.50
CA THR H 71 -21.98 -10.54 34.59
C THR H 71 -23.13 -11.51 34.40
N VAL H 72 -22.83 -12.70 33.91
CA VAL H 72 -23.82 -13.74 33.67
C VAL H 72 -23.27 -15.07 34.19
N ASP H 73 -24.14 -15.84 34.84
CA ASP H 73 -23.79 -17.15 35.37
C ASP H 73 -24.54 -18.21 34.58
N THR H 74 -23.81 -19.08 33.89
CA THR H 74 -24.43 -20.08 33.04
C THR H 74 -25.05 -21.22 33.83
N SER H 75 -24.54 -21.50 35.03
CA SER H 75 -25.04 -22.62 35.82
C SER H 75 -26.50 -22.40 36.22
N THR H 76 -26.82 -21.18 36.68
CA THR H 76 -28.18 -20.84 37.09
C THR H 76 -28.94 -20.08 36.03
N SER H 77 -28.30 -19.76 34.89
CA SER H 77 -28.91 -18.96 33.82
C SER H 77 -29.45 -17.64 34.35
N THR H 78 -28.67 -17.00 35.22
CA THR H 78 -29.04 -15.75 35.86
C THR H 78 -28.02 -14.68 35.51
N ALA H 79 -28.50 -13.51 35.12
CA ALA H 79 -27.63 -12.37 34.82
C ALA H 79 -27.55 -11.47 36.04
N TYR H 80 -26.37 -10.89 36.26
CA TYR H 80 -26.14 -10.01 37.40
C TYR H 80 -25.68 -8.63 36.92
N MET H 81 -26.26 -7.60 37.53
CA MET H 81 -25.89 -6.21 37.28
C MET H 81 -25.44 -5.58 38.59
N GLU H 82 -24.28 -4.93 38.57
CA GLU H 82 -23.68 -4.34 39.76
C GLU H 82 -23.36 -2.88 39.50
N LEU H 83 -23.79 -2.00 40.40
CA LEU H 83 -23.54 -0.57 40.28
C LEU H 83 -22.97 -0.07 41.61
N SER H 84 -21.90 0.70 41.53
CA SER H 84 -21.18 1.17 42.70
C SER H 84 -21.22 2.69 42.78
N SER H 85 -20.90 3.21 43.97
CA SER H 85 -20.86 4.64 44.27
C SER H 85 -22.22 5.29 44.00
N LEU H 86 -23.23 4.80 44.73
CA LEU H 86 -24.59 5.26 44.54
C LEU H 86 -24.77 6.68 45.03
N ARG H 87 -25.65 7.42 44.34
CA ARG H 87 -26.12 8.74 44.78
C ARG H 87 -27.63 8.74 44.75
N SER H 88 -28.22 9.84 45.23
CA SER H 88 -29.66 9.94 45.34
C SER H 88 -30.36 9.94 43.98
N GLU H 89 -29.64 10.25 42.91
CA GLU H 89 -30.23 10.28 41.57
C GLU H 89 -30.43 8.89 40.99
N ASP H 90 -29.91 7.84 41.63
CA ASP H 90 -29.93 6.49 41.08
C ASP H 90 -31.20 5.72 41.42
N THR H 91 -32.13 6.32 42.17
CA THR H 91 -33.38 5.64 42.52
C THR H 91 -34.25 5.46 41.28
N ALA H 92 -34.46 4.22 40.86
CA ALA H 92 -35.20 3.94 39.64
C ALA H 92 -35.65 2.49 39.66
N VAL H 93 -36.49 2.15 38.68
CA VAL H 93 -36.99 0.79 38.47
C VAL H 93 -36.21 0.18 37.33
N TYR H 94 -35.68 -1.03 37.54
CA TYR H 94 -34.73 -1.63 36.62
C TYR H 94 -35.35 -2.84 35.93
N TYR H 95 -35.15 -2.94 34.61
CA TYR H 95 -35.76 -3.97 33.79
C TYR H 95 -34.70 -4.76 33.04
N CYS H 96 -35.03 -6.00 32.69
CA CYS H 96 -34.21 -6.85 31.86
C CYS H 96 -35.06 -7.41 30.72
N THR H 97 -34.55 -7.30 29.49
CA THR H 97 -35.32 -7.68 28.31
C THR H 97 -34.40 -8.42 27.33
N ARG H 98 -35.02 -9.13 26.40
CA ARG H 98 -34.30 -9.97 25.45
C ARG H 98 -34.33 -9.36 24.04
N TRP H 99 -33.25 -9.58 23.29
CA TRP H 99 -33.13 -9.17 21.91
C TRP H 99 -33.07 -10.42 21.02
N LEU H 100 -33.56 -10.29 19.79
CA LEU H 100 -33.70 -11.43 18.88
C LEU H 100 -32.73 -11.40 17.71
N SER H 101 -31.64 -10.62 17.80
CA SER H 101 -30.74 -10.38 16.67
C SER H 101 -31.52 -9.89 15.46
N GLY H 102 -32.43 -8.96 15.72
CA GLY H 102 -33.47 -8.55 14.81
C GLY H 102 -34.80 -8.49 15.53
N ALA H 103 -35.84 -8.20 14.76
CA ALA H 103 -37.24 -8.16 15.24
C ALA H 103 -37.34 -7.11 16.34
N TYR H 104 -37.63 -7.47 17.58
CA TYR H 104 -37.96 -6.50 18.62
C TYR H 104 -37.76 -7.12 19.99
N PHE H 105 -37.74 -6.27 21.01
CA PHE H 105 -37.77 -6.75 22.39
C PHE H 105 -39.13 -7.36 22.70
N ASP H 106 -39.12 -8.55 23.29
CA ASP H 106 -40.37 -9.28 23.51
C ASP H 106 -40.67 -9.54 24.98
N TYR H 107 -39.74 -10.11 25.73
CA TYR H 107 -40.00 -10.58 27.09
C TYR H 107 -39.33 -9.65 28.09
N TRP H 108 -40.13 -8.91 28.84
CA TRP H 108 -39.69 -8.01 29.89
C TRP H 108 -39.77 -8.73 31.25
N GLY H 109 -39.76 -7.95 32.33
CA GLY H 109 -39.82 -8.51 33.68
C GLY H 109 -40.46 -7.58 34.68
N GLN H 110 -40.40 -7.92 35.96
CA GLN H 110 -41.04 -7.13 37.01
C GLN H 110 -40.18 -5.93 37.37
N GLY H 111 -40.53 -5.25 38.46
CA GLY H 111 -39.95 -3.95 38.76
C GLY H 111 -38.59 -3.91 39.42
N THR H 112 -38.44 -4.59 40.56
CA THR H 112 -37.23 -4.59 41.38
C THR H 112 -36.73 -3.17 41.66
N THR H 113 -37.57 -2.41 42.38
CA THR H 113 -37.25 -1.03 42.71
C THR H 113 -36.09 -0.99 43.71
N VAL H 114 -35.26 0.04 43.60
CA VAL H 114 -34.14 0.27 44.51
C VAL H 114 -34.25 1.67 45.05
N THR H 115 -34.20 1.82 46.37
CA THR H 115 -34.33 3.11 47.03
C THR H 115 -33.01 3.45 47.71
N VAL H 116 -32.51 4.66 47.46
CA VAL H 116 -31.25 5.11 48.03
C VAL H 116 -31.49 6.38 48.84
N VAL I 3 -21.80 -48.85 -29.37
CA VAL I 3 -22.84 -49.17 -30.33
C VAL I 3 -24.06 -48.30 -30.05
N MET I 4 -24.74 -47.87 -31.11
CA MET I 4 -25.84 -46.93 -30.96
C MET I 4 -26.86 -47.21 -32.06
N THR I 5 -28.15 -47.06 -31.72
CA THR I 5 -29.24 -47.44 -32.61
C THR I 5 -30.30 -46.35 -32.63
N GLN I 6 -31.18 -46.44 -33.63
CA GLN I 6 -32.30 -45.52 -33.80
C GLN I 6 -33.54 -46.29 -34.24
N SER I 7 -34.68 -45.63 -34.11
CA SER I 7 -35.95 -46.16 -34.58
C SER I 7 -36.93 -45.00 -34.74
N PRO I 8 -37.77 -45.00 -35.78
CA PRO I 8 -37.89 -45.98 -36.88
C PRO I 8 -36.78 -45.85 -37.91
N SER I 9 -36.50 -46.89 -38.68
CA SER I 9 -35.54 -46.78 -39.77
C SER I 9 -36.05 -45.86 -40.87
N SER I 10 -37.34 -45.95 -41.19
CA SER I 10 -37.96 -45.08 -42.18
C SER I 10 -39.33 -44.68 -41.69
N LEU I 11 -39.76 -43.47 -42.06
CA LEU I 11 -41.04 -42.94 -41.62
C LEU I 11 -41.54 -41.94 -42.64
N SER I 12 -42.85 -41.93 -42.87
CA SER I 12 -43.48 -41.02 -43.80
C SER I 12 -44.72 -40.40 -43.15
N ALA I 13 -44.99 -39.15 -43.50
CA ALA I 13 -46.14 -38.44 -42.95
C ALA I 13 -46.67 -37.42 -43.95
N SER I 14 -47.29 -36.35 -43.44
CA SER I 14 -47.84 -35.29 -44.28
C SER I 14 -47.62 -33.96 -43.61
N VAL I 15 -47.84 -32.88 -44.38
CA VAL I 15 -47.61 -31.54 -43.87
C VAL I 15 -48.55 -31.25 -42.71
N GLY I 16 -47.97 -30.96 -41.54
CA GLY I 16 -48.72 -30.68 -40.34
C GLY I 16 -48.71 -31.79 -39.31
N ASP I 17 -48.05 -32.91 -39.60
CA ASP I 17 -48.04 -34.06 -38.71
C ASP I 17 -46.86 -33.98 -37.75
N ARG I 18 -47.15 -33.91 -36.46
CA ARG I 18 -46.10 -33.92 -35.45
C ARG I 18 -45.38 -35.26 -35.47
N VAL I 19 -44.05 -35.23 -35.49
CA VAL I 19 -43.24 -36.41 -35.69
C VAL I 19 -42.11 -36.41 -34.67
N THR I 20 -41.83 -37.58 -34.08
CA THR I 20 -40.75 -37.75 -33.13
C THR I 20 -39.87 -38.91 -33.56
N ILE I 21 -38.58 -38.80 -33.23
CA ILE I 21 -37.58 -39.80 -33.57
C ILE I 21 -36.91 -40.25 -32.28
N SER I 22 -36.79 -41.57 -32.10
CA SER I 22 -36.22 -42.14 -30.89
C SER I 22 -34.81 -42.63 -31.17
N CYS I 23 -33.84 -42.06 -30.46
CA CYS I 23 -32.44 -42.47 -30.54
C CYS I 23 -31.95 -42.75 -29.13
N ARG I 24 -31.32 -43.89 -28.93
CA ARG I 24 -30.94 -44.36 -27.60
C ARG I 24 -29.52 -44.89 -27.62
N ALA I 25 -28.91 -44.92 -26.44
CA ALA I 25 -27.54 -45.38 -26.29
C ALA I 25 -27.49 -46.59 -25.37
N SER I 26 -26.30 -47.19 -25.26
CA SER I 26 -26.13 -48.41 -24.47
C SER I 26 -26.00 -48.14 -22.98
N GLN I 27 -25.60 -46.94 -22.59
CA GLN I 27 -25.38 -46.63 -21.18
C GLN I 27 -25.50 -45.13 -21.00
N ASP I 28 -25.31 -44.68 -19.76
CA ASP I 28 -25.47 -43.26 -19.43
C ASP I 28 -24.41 -42.44 -20.18
N ILE I 29 -24.86 -41.36 -20.80
CA ILE I 29 -24.00 -40.50 -21.59
C ILE I 29 -23.95 -39.06 -21.09
N ASP I 30 -24.75 -38.73 -20.07
CA ASP I 30 -24.73 -37.42 -19.40
C ASP I 30 -25.04 -36.28 -20.38
N ASN I 31 -26.15 -36.45 -21.12
CA ASN I 31 -26.79 -35.39 -21.90
C ASN I 31 -25.96 -34.88 -23.07
N TYR I 32 -24.99 -35.66 -23.57
CA TYR I 32 -24.16 -35.24 -24.70
C TYR I 32 -24.64 -35.92 -25.99
N LEU I 33 -25.71 -35.38 -26.56
CA LEU I 33 -26.15 -35.76 -27.90
C LEU I 33 -26.26 -34.55 -28.81
N SER I 34 -25.84 -34.74 -30.06
CA SER I 34 -25.95 -33.73 -31.09
C SER I 34 -26.65 -34.33 -32.30
N TRP I 35 -27.57 -33.56 -32.89
CA TRP I 35 -28.34 -33.98 -34.04
C TRP I 35 -27.83 -33.30 -35.31
N PHE I 36 -27.99 -33.97 -36.45
CA PHE I 36 -27.51 -33.47 -37.73
C PHE I 36 -28.54 -33.72 -38.81
N GLN I 37 -28.57 -32.83 -39.80
CA GLN I 37 -29.49 -32.93 -40.93
C GLN I 37 -28.69 -32.91 -42.22
N GLN I 38 -28.92 -33.91 -43.08
CA GLN I 38 -28.17 -34.06 -44.33
C GLN I 38 -29.14 -34.11 -45.50
N LYS I 39 -29.24 -32.99 -46.22
CA LYS I 39 -30.09 -32.92 -47.40
C LYS I 39 -29.44 -33.69 -48.55
N PRO I 40 -30.22 -34.07 -49.57
CA PRO I 40 -29.63 -34.86 -50.67
C PRO I 40 -28.43 -34.21 -51.36
N GLY I 41 -28.27 -32.89 -51.25
CA GLY I 41 -27.18 -32.17 -51.89
C GLY I 41 -25.81 -32.47 -51.33
N GLY I 42 -25.72 -33.12 -50.17
CA GLY I 42 -24.47 -33.52 -49.57
C GLY I 42 -23.98 -32.64 -48.44
N THR I 43 -24.54 -31.44 -48.27
CA THR I 43 -24.14 -30.57 -47.18
C THR I 43 -24.74 -31.05 -45.87
N VAL I 44 -23.93 -31.01 -44.81
CA VAL I 44 -24.34 -31.52 -43.50
C VAL I 44 -24.32 -30.37 -42.50
N LYS I 45 -25.47 -30.08 -41.91
CA LYS I 45 -25.64 -28.97 -40.98
C LYS I 45 -26.00 -29.50 -39.59
N LEU I 46 -25.75 -28.66 -38.59
CA LEU I 46 -26.05 -28.98 -37.19
C LEU I 46 -27.38 -28.34 -36.80
N LEU I 47 -28.15 -29.06 -36.00
CA LEU I 47 -29.47 -28.61 -35.54
C LEU I 47 -29.51 -28.36 -34.04
N ILE I 48 -29.01 -29.30 -33.24
CA ILE I 48 -29.01 -29.21 -31.78
C ILE I 48 -27.71 -29.83 -31.30
N TYR I 49 -26.91 -29.08 -30.53
CA TYR I 49 -25.60 -29.54 -30.11
C TYR I 49 -25.58 -30.07 -28.69
N TYR I 50 -25.93 -29.23 -27.72
CA TYR I 50 -26.18 -29.69 -26.36
C TYR I 50 -27.67 -29.95 -26.22
N THR I 51 -28.03 -30.85 -25.31
CA THR I 51 -29.41 -31.32 -25.23
C THR I 51 -30.42 -30.18 -25.03
N SER I 52 -31.47 -30.20 -25.84
CA SER I 52 -32.61 -29.27 -25.77
C SER I 52 -32.20 -27.79 -25.87
N ARG I 53 -31.17 -27.47 -26.65
CA ARG I 53 -30.85 -26.09 -26.96
C ARG I 53 -30.59 -25.95 -28.45
N LEU I 54 -31.18 -24.91 -29.05
CA LEU I 54 -31.23 -24.78 -30.51
C LEU I 54 -30.04 -23.97 -31.02
N HIS I 55 -29.38 -24.51 -32.04
CA HIS I 55 -28.25 -23.83 -32.66
C HIS I 55 -28.73 -22.63 -33.46
N SER I 56 -27.82 -21.70 -33.72
CA SER I 56 -28.15 -20.49 -34.45
C SER I 56 -28.51 -20.81 -35.89
N GLY I 57 -29.62 -20.24 -36.36
CA GLY I 57 -30.11 -20.46 -37.70
C GLY I 57 -31.21 -21.51 -37.81
N VAL I 58 -31.34 -22.37 -36.81
CA VAL I 58 -32.38 -23.40 -36.83
C VAL I 58 -33.69 -22.80 -36.33
N PRO I 59 -34.79 -22.94 -37.06
CA PRO I 59 -36.07 -22.40 -36.59
C PRO I 59 -36.56 -23.11 -35.34
N SER I 60 -37.40 -22.41 -34.59
CA SER I 60 -37.86 -22.86 -33.27
C SER I 60 -38.76 -24.09 -33.32
N ARG I 61 -39.06 -24.63 -34.50
CA ARG I 61 -39.89 -25.83 -34.59
C ARG I 61 -39.22 -27.02 -33.93
N PHE I 62 -37.92 -27.21 -34.18
CA PHE I 62 -37.21 -28.35 -33.63
C PHE I 62 -36.98 -28.19 -32.13
N SER I 63 -37.04 -29.31 -31.41
CA SER I 63 -36.77 -29.33 -29.98
C SER I 63 -36.44 -30.75 -29.57
N GLY I 64 -35.78 -30.88 -28.41
CA GLY I 64 -35.40 -32.18 -27.91
C GLY I 64 -35.62 -32.27 -26.41
N SER I 65 -35.57 -33.50 -25.90
CA SER I 65 -35.70 -33.75 -24.47
C SER I 65 -35.11 -35.11 -24.16
N GLY I 66 -34.82 -35.32 -22.88
CA GLY I 66 -34.41 -36.64 -22.42
C GLY I 66 -33.35 -36.63 -21.34
N SER I 67 -33.02 -37.81 -20.84
CA SER I 67 -31.98 -37.98 -19.84
C SER I 67 -31.62 -39.46 -19.79
N GLY I 68 -30.47 -39.76 -19.18
CA GLY I 68 -30.03 -41.13 -19.05
C GLY I 68 -29.68 -41.78 -20.38
N THR I 69 -30.53 -42.68 -20.85
CA THR I 69 -30.29 -43.41 -22.09
C THR I 69 -31.22 -43.03 -23.23
N ASP I 70 -32.40 -42.50 -22.94
CA ASP I 70 -33.39 -42.19 -23.96
C ASP I 70 -33.45 -40.69 -24.21
N TYR I 71 -33.34 -40.30 -25.49
CA TYR I 71 -33.49 -38.92 -25.91
C TYR I 71 -34.27 -38.89 -27.21
N THR I 72 -35.27 -38.02 -27.28
CA THR I 72 -36.18 -37.97 -28.41
C THR I 72 -36.18 -36.59 -29.04
N LEU I 73 -35.95 -36.53 -30.35
CA LEU I 73 -36.08 -35.30 -31.12
C LEU I 73 -37.53 -35.16 -31.59
N THR I 74 -38.04 -33.94 -31.56
CA THR I 74 -39.43 -33.67 -31.91
C THR I 74 -39.51 -32.54 -32.93
N ILE I 75 -40.36 -32.73 -33.94
CA ILE I 75 -40.64 -31.72 -34.95
C ILE I 75 -42.09 -31.29 -34.79
N SER I 76 -42.31 -29.98 -34.68
CA SER I 76 -43.67 -29.45 -34.51
C SER I 76 -44.53 -29.76 -35.73
N SER I 77 -43.99 -29.54 -36.93
CA SER I 77 -44.74 -29.78 -38.16
C SER I 77 -43.77 -29.92 -39.32
N LEU I 78 -44.07 -30.84 -40.22
CA LEU I 78 -43.21 -31.11 -41.36
C LEU I 78 -43.59 -30.22 -42.53
N GLN I 79 -42.60 -29.62 -43.16
CA GLN I 79 -42.74 -28.77 -44.32
C GLN I 79 -41.95 -29.36 -45.49
N PRO I 80 -42.27 -28.97 -46.75
CA PRO I 80 -41.59 -29.58 -47.92
C PRO I 80 -40.06 -29.49 -47.90
N GLU I 81 -39.52 -28.59 -47.09
CA GLU I 81 -38.07 -28.35 -47.03
C GLU I 81 -37.42 -29.15 -45.90
N ASP I 82 -38.15 -30.05 -45.26
CA ASP I 82 -37.64 -30.82 -44.13
C ASP I 82 -37.27 -32.25 -44.53
N ILE I 83 -37.48 -32.64 -45.78
CA ILE I 83 -37.21 -33.99 -46.23
C ILE I 83 -35.70 -34.19 -46.32
N ALA I 84 -35.16 -35.05 -45.48
CA ALA I 84 -33.72 -35.33 -45.42
C ALA I 84 -33.51 -36.56 -44.54
N THR I 85 -32.27 -36.79 -44.14
CA THR I 85 -31.90 -37.86 -43.23
C THR I 85 -31.27 -37.25 -41.98
N TYR I 86 -31.66 -37.75 -40.81
CA TYR I 86 -31.22 -37.21 -39.53
C TYR I 86 -30.32 -38.21 -38.82
N PHE I 87 -29.47 -37.70 -37.93
CA PHE I 87 -28.52 -38.53 -37.21
C PHE I 87 -28.36 -38.02 -35.77
N CYS I 88 -27.87 -38.89 -34.90
CA CYS I 88 -27.58 -38.55 -33.51
C CYS I 88 -26.16 -38.98 -33.18
N GLN I 89 -25.40 -38.08 -32.54
CA GLN I 89 -23.99 -38.32 -32.22
C GLN I 89 -23.74 -38.07 -30.74
N GLN I 90 -22.93 -38.95 -30.13
CA GLN I 90 -22.59 -38.84 -28.72
C GLN I 90 -21.22 -38.22 -28.54
N GLY I 91 -21.01 -37.57 -27.40
CA GLY I 91 -19.77 -36.87 -27.14
C GLY I 91 -19.23 -36.99 -25.72
N ASN I 92 -19.45 -38.15 -25.08
CA ASN I 92 -19.04 -38.31 -23.69
C ASN I 92 -17.63 -38.86 -23.56
N THR I 93 -17.26 -39.85 -24.39
CA THR I 93 -15.98 -40.52 -24.26
C THR I 93 -15.39 -40.79 -25.63
N PHE I 94 -14.09 -40.57 -25.77
CA PHE I 94 -13.41 -40.90 -27.01
C PHE I 94 -13.32 -42.42 -27.17
N PRO I 95 -13.51 -42.95 -28.38
CA PRO I 95 -13.87 -42.24 -29.62
C PRO I 95 -15.36 -41.96 -29.72
N TRP I 96 -15.74 -40.96 -30.50
CA TRP I 96 -17.14 -40.64 -30.70
C TRP I 96 -17.76 -41.60 -31.71
N THR I 97 -19.06 -41.84 -31.55
CA THR I 97 -19.80 -42.78 -32.39
C THR I 97 -21.05 -42.10 -32.91
N PHE I 98 -21.41 -42.43 -34.16
CA PHE I 98 -22.58 -41.87 -34.82
C PHE I 98 -23.67 -42.92 -34.92
N GLY I 99 -24.90 -42.44 -35.16
CA GLY I 99 -26.05 -43.32 -35.28
C GLY I 99 -26.21 -43.90 -36.68
N GLY I 100 -27.31 -44.63 -36.85
CA GLY I 100 -27.59 -45.29 -38.12
C GLY I 100 -28.38 -44.44 -39.09
N GLY I 101 -29.00 -43.39 -38.60
CA GLY I 101 -29.74 -42.50 -39.48
C GLY I 101 -31.19 -42.93 -39.67
N THR I 102 -32.03 -41.94 -39.95
CA THR I 102 -33.45 -42.17 -40.19
C THR I 102 -33.88 -41.40 -41.42
N LYS I 103 -34.54 -42.09 -42.35
CA LYS I 103 -35.02 -41.47 -43.58
C LYS I 103 -36.47 -41.06 -43.40
N LEU I 104 -36.76 -39.80 -43.71
CA LEU I 104 -38.08 -39.23 -43.48
C LEU I 104 -38.65 -38.67 -44.79
N GLU I 105 -39.67 -39.33 -45.32
CA GLU I 105 -40.34 -38.92 -46.55
C GLU I 105 -41.64 -38.20 -46.24
N ILE I 106 -42.18 -37.55 -47.27
CA ILE I 106 -43.45 -36.82 -47.17
C ILE I 106 -44.41 -37.38 -48.22
N LYS I 107 -45.60 -37.76 -47.78
CA LYS I 107 -46.60 -38.33 -48.68
C LYS I 107 -47.25 -37.24 -49.54
N VAL J 2 -18.92 -17.99 -42.62
CA VAL J 2 -17.94 -19.01 -42.28
C VAL J 2 -18.15 -20.25 -43.14
N GLN J 3 -17.13 -20.62 -43.91
CA GLN J 3 -17.23 -21.74 -44.82
C GLN J 3 -15.86 -22.40 -44.95
N VAL J 4 -15.86 -23.62 -45.47
CA VAL J 4 -14.64 -24.38 -45.68
C VAL J 4 -14.83 -25.28 -46.89
N VAL J 5 -13.80 -25.39 -47.72
CA VAL J 5 -13.86 -26.12 -48.98
C VAL J 5 -12.69 -27.09 -49.05
N GLU J 6 -12.94 -28.28 -49.58
CA GLU J 6 -11.92 -29.30 -49.76
C GLU J 6 -11.58 -29.46 -51.23
N SER J 7 -10.35 -29.89 -51.50
CA SER J 7 -9.88 -30.13 -52.85
C SER J 7 -8.99 -31.37 -52.85
N GLY J 8 -8.93 -32.04 -54.00
CA GLY J 8 -8.12 -33.22 -54.14
C GLY J 8 -8.93 -34.51 -54.04
N GLY J 9 -8.40 -35.56 -54.64
CA GLY J 9 -9.03 -36.86 -54.63
C GLY J 9 -8.63 -37.65 -55.86
N GLY J 10 -9.57 -38.45 -56.37
CA GLY J 10 -9.35 -39.22 -57.58
C GLY J 10 -9.07 -40.68 -57.34
N LEU J 11 -8.06 -41.22 -58.02
CA LEU J 11 -7.73 -42.64 -57.97
C LEU J 11 -6.34 -42.82 -57.40
N VAL J 12 -6.20 -43.70 -56.42
CA VAL J 12 -4.92 -44.05 -55.82
C VAL J 12 -4.77 -45.56 -55.86
N GLN J 13 -3.65 -46.04 -56.41
CA GLN J 13 -3.39 -47.45 -56.46
C GLN J 13 -3.04 -47.98 -55.07
N PRO J 14 -3.24 -49.28 -54.83
CA PRO J 14 -2.82 -49.86 -53.54
C PRO J 14 -1.33 -49.69 -53.31
N GLY J 15 -0.97 -49.37 -52.07
CA GLY J 15 0.41 -49.12 -51.72
C GLY J 15 0.92 -47.74 -52.06
N ARG J 16 0.06 -46.82 -52.49
CA ARG J 16 0.46 -45.48 -52.88
C ARG J 16 -0.07 -44.46 -51.88
N SER J 17 0.66 -43.36 -51.73
CA SER J 17 0.35 -42.33 -50.77
C SER J 17 -0.38 -41.16 -51.44
N LEU J 18 -1.03 -40.35 -50.61
CA LEU J 18 -1.75 -39.18 -51.10
C LEU J 18 -1.97 -38.22 -49.94
N ARG J 19 -2.16 -36.94 -50.28
CA ARG J 19 -2.48 -35.91 -49.31
C ARG J 19 -3.63 -35.06 -49.85
N LEU J 20 -4.54 -34.68 -48.96
CA LEU J 20 -5.73 -33.91 -49.29
C LEU J 20 -5.55 -32.46 -48.86
N SER J 21 -6.63 -31.68 -48.93
CA SER J 21 -6.58 -30.28 -48.54
C SER J 21 -7.90 -29.87 -47.89
N CYS J 22 -7.84 -28.81 -47.08
CA CYS J 22 -9.01 -28.27 -46.39
C CYS J 22 -8.70 -26.80 -46.10
N THR J 23 -9.24 -25.90 -46.90
CA THR J 23 -8.93 -24.48 -46.84
C THR J 23 -10.08 -23.72 -46.18
N THR J 24 -9.73 -22.83 -45.25
CA THR J 24 -10.71 -22.15 -44.42
C THR J 24 -10.72 -20.65 -44.71
N SER J 25 -11.81 -20.00 -44.32
CA SER J 25 -11.95 -18.56 -44.46
C SER J 25 -13.06 -18.08 -43.53
N GLY J 26 -12.91 -16.85 -43.04
CA GLY J 26 -13.92 -16.18 -42.25
C GLY J 26 -13.70 -16.20 -40.76
N PHE J 27 -12.84 -17.08 -40.26
CA PHE J 27 -12.60 -17.19 -38.82
C PHE J 27 -11.10 -17.23 -38.55
N THR J 28 -10.72 -16.81 -37.35
CA THR J 28 -9.33 -16.83 -36.92
C THR J 28 -8.82 -18.26 -36.86
N PHE J 29 -7.87 -18.61 -37.73
CA PHE J 29 -7.47 -19.99 -37.89
C PHE J 29 -6.66 -20.53 -36.71
N THR J 30 -6.05 -19.66 -35.92
CA THR J 30 -5.16 -20.10 -34.86
C THR J 30 -5.87 -20.31 -33.52
N ASP J 31 -7.18 -20.16 -33.47
CA ASP J 31 -7.92 -20.25 -32.21
C ASP J 31 -8.79 -21.48 -32.07
N TYR J 32 -9.22 -22.09 -33.16
CA TYR J 32 -10.27 -23.10 -33.13
C TYR J 32 -9.72 -24.48 -33.50
N TYR J 33 -10.46 -25.50 -33.09
CA TYR J 33 -10.12 -26.89 -33.36
C TYR J 33 -10.80 -27.33 -34.66
N VAL J 34 -10.06 -28.06 -35.49
CA VAL J 34 -10.60 -28.65 -36.71
C VAL J 34 -10.35 -30.15 -36.68
N SER J 35 -11.15 -30.90 -37.44
CA SER J 35 -11.14 -32.35 -37.39
C SER J 35 -11.51 -32.93 -38.74
N TRP J 36 -11.47 -34.26 -38.83
CA TRP J 36 -11.73 -35.00 -40.07
C TRP J 36 -12.77 -36.09 -39.80
N VAL J 37 -13.60 -36.36 -40.81
CA VAL J 37 -14.66 -37.36 -40.71
C VAL J 37 -14.60 -38.25 -41.95
N ARG J 38 -15.15 -39.46 -41.84
CA ARG J 38 -15.19 -40.44 -42.91
C ARG J 38 -16.62 -40.97 -43.04
N GLN J 39 -16.96 -41.51 -44.21
CA GLN J 39 -18.30 -42.06 -44.45
C GLN J 39 -18.19 -43.20 -45.47
N ALA J 40 -18.14 -44.43 -44.97
CA ALA J 40 -18.15 -45.58 -45.86
C ALA J 40 -19.49 -45.64 -46.59
N PRO J 41 -19.50 -46.08 -47.86
CA PRO J 41 -20.76 -46.09 -48.64
C PRO J 41 -21.91 -46.85 -47.99
N GLY J 42 -21.64 -48.02 -47.42
CA GLY J 42 -22.70 -48.82 -46.84
C GLY J 42 -22.73 -48.79 -45.33
N LYS J 43 -22.03 -47.83 -44.72
CA LYS J 43 -21.89 -47.74 -43.27
C LYS J 43 -22.18 -46.32 -42.83
N ALA J 44 -22.07 -46.09 -41.52
CA ALA J 44 -22.31 -44.80 -40.90
C ALA J 44 -21.06 -43.92 -40.94
N LEU J 45 -20.96 -42.99 -40.00
CA LEU J 45 -19.88 -42.02 -39.94
C LEU J 45 -18.90 -42.44 -38.86
N GLU J 46 -17.59 -42.39 -39.18
CA GLU J 46 -16.56 -42.70 -38.21
C GLU J 46 -15.57 -41.55 -38.10
N TRP J 47 -15.03 -41.38 -36.89
CA TRP J 47 -14.23 -40.22 -36.51
C TRP J 47 -12.75 -40.57 -36.56
N LEU J 48 -11.94 -39.65 -37.09
CA LEU J 48 -10.51 -39.89 -37.29
C LEU J 48 -9.63 -39.20 -36.25
N GLY J 49 -9.74 -37.88 -36.15
CA GLY J 49 -8.91 -37.15 -35.20
C GLY J 49 -9.07 -35.66 -35.38
N PHE J 50 -8.32 -34.92 -34.58
CA PHE J 50 -8.38 -33.46 -34.61
C PHE J 50 -7.06 -32.87 -34.16
N ILE J 51 -6.84 -31.60 -34.54
CA ILE J 51 -5.65 -30.85 -34.14
C ILE J 51 -6.08 -29.74 -33.18
N ARG J 52 -5.30 -29.55 -32.12
CA ARG J 52 -5.60 -28.51 -31.15
C ARG J 52 -5.17 -27.13 -31.67
N ASN J 53 -5.50 -26.10 -30.88
CA ASN J 53 -5.25 -24.72 -31.26
C ASN J 53 -3.91 -24.24 -30.70
N LYS J 54 -3.69 -22.92 -30.77
CA LYS J 54 -2.39 -22.35 -30.41
C LYS J 54 -2.09 -22.49 -28.92
N VAL J 55 -3.08 -22.20 -28.07
CA VAL J 55 -2.86 -22.19 -26.62
C VAL J 55 -2.45 -23.58 -26.13
N ASN J 56 -3.01 -24.63 -26.72
CA ASN J 56 -2.68 -25.99 -26.31
C ASN J 56 -1.41 -26.51 -26.96
N GLY J 57 -0.78 -25.73 -27.84
CA GLY J 57 0.52 -26.09 -28.38
C GLY J 57 0.51 -27.01 -29.58
N TYR J 58 -0.56 -26.97 -30.38
CA TYR J 58 -0.68 -27.70 -31.65
C TYR J 58 -0.34 -29.20 -31.50
N THR J 59 -1.08 -29.87 -30.62
CA THR J 59 -0.98 -31.31 -30.47
C THR J 59 -2.17 -31.98 -31.13
N THR J 60 -2.02 -33.27 -31.45
CA THR J 60 -3.03 -33.99 -32.20
C THR J 60 -3.41 -35.29 -31.50
N GLU J 61 -4.66 -35.72 -31.74
CA GLU J 61 -5.20 -36.96 -31.22
C GLU J 61 -5.71 -37.81 -32.37
N PHE J 62 -5.52 -39.13 -32.27
CA PHE J 62 -5.88 -40.05 -33.33
C PHE J 62 -6.72 -41.19 -32.80
N SER J 63 -7.60 -41.70 -33.65
CA SER J 63 -8.42 -42.85 -33.31
C SER J 63 -7.61 -44.14 -33.51
N SER J 64 -8.02 -45.19 -32.78
CA SER J 64 -7.28 -46.45 -32.80
C SER J 64 -7.35 -47.15 -34.15
N SER J 65 -8.37 -46.86 -34.96
CA SER J 65 -8.54 -47.55 -36.23
C SER J 65 -7.37 -47.28 -37.18
N VAL J 66 -6.90 -46.03 -37.23
CA VAL J 66 -5.89 -45.61 -38.19
C VAL J 66 -4.61 -45.10 -37.50
N LYS J 67 -4.35 -45.55 -36.27
CA LYS J 67 -3.11 -45.19 -35.57
C LYS J 67 -1.88 -45.49 -36.40
N GLY J 68 -1.01 -44.49 -36.50
CA GLY J 68 0.25 -44.59 -37.22
C GLY J 68 0.10 -44.80 -38.71
N ARG J 69 -0.77 -44.01 -39.34
CA ARG J 69 -0.91 -44.07 -40.79
C ARG J 69 -1.31 -42.72 -41.37
N PHE J 70 -2.24 -42.04 -40.71
CA PHE J 70 -2.78 -40.76 -41.18
C PHE J 70 -2.37 -39.66 -40.21
N THR J 71 -1.45 -38.80 -40.63
CA THR J 71 -1.01 -37.68 -39.81
C THR J 71 -1.72 -36.40 -40.24
N ILE J 72 -1.61 -35.37 -39.39
CA ILE J 72 -2.29 -34.10 -39.61
C ILE J 72 -1.28 -32.98 -39.36
N SER J 73 -1.23 -32.00 -40.26
CA SER J 73 -0.27 -30.91 -40.16
C SER J 73 -0.97 -29.59 -40.44
N ARG J 74 -0.43 -28.51 -39.88
CA ARG J 74 -0.96 -27.17 -40.04
C ARG J 74 0.03 -26.30 -40.80
N ASP J 75 -0.50 -25.32 -41.53
CA ASP J 75 0.30 -24.30 -42.19
C ASP J 75 -0.40 -22.95 -41.94
N ASN J 76 0.00 -22.28 -40.86
CA ASN J 76 -0.69 -21.06 -40.44
C ASN J 76 -0.52 -19.94 -41.45
N SER J 77 0.61 -19.86 -42.13
CA SER J 77 0.86 -18.80 -43.09
C SER J 77 -0.10 -18.84 -44.27
N LYS J 78 -0.67 -20.01 -44.58
CA LYS J 78 -1.59 -20.16 -45.69
C LYS J 78 -3.00 -20.55 -45.28
N SER J 79 -3.23 -20.86 -43.99
CA SER J 79 -4.53 -21.31 -43.48
C SER J 79 -5.03 -22.54 -44.23
N ILE J 80 -4.14 -23.52 -44.40
CA ILE J 80 -4.44 -24.75 -45.11
C ILE J 80 -4.23 -25.93 -44.17
N LEU J 81 -5.15 -26.88 -44.22
CA LEU J 81 -5.03 -28.14 -43.48
C LEU J 81 -4.66 -29.25 -44.43
N TYR J 82 -3.66 -30.05 -44.04
CA TYR J 82 -3.20 -31.18 -44.83
C TYR J 82 -3.44 -32.48 -44.07
N LEU J 83 -3.73 -33.54 -44.82
CA LEU J 83 -3.97 -34.87 -44.25
C LEU J 83 -3.24 -35.89 -45.11
N GLN J 84 -2.20 -36.50 -44.55
CA GLN J 84 -1.34 -37.43 -45.28
C GLN J 84 -1.81 -38.86 -45.04
N MET J 85 -1.61 -39.71 -46.05
CA MET J 85 -2.02 -41.11 -46.00
C MET J 85 -0.85 -41.98 -46.45
N ASN J 86 -0.19 -42.63 -45.50
CA ASN J 86 0.99 -43.44 -45.82
C ASN J 86 0.62 -44.66 -46.68
N SER J 87 -0.50 -45.29 -46.38
CA SER J 87 -0.96 -46.43 -47.17
C SER J 87 -2.46 -46.32 -47.40
N LEU J 88 -2.93 -46.91 -48.49
CA LEU J 88 -4.35 -46.95 -48.82
C LEU J 88 -4.73 -48.35 -49.28
N LYS J 89 -5.93 -48.78 -48.91
CA LYS J 89 -6.44 -50.10 -49.28
C LYS J 89 -7.81 -49.95 -49.92
N ILE J 90 -8.39 -51.09 -50.31
CA ILE J 90 -9.67 -51.10 -51.02
C ILE J 90 -10.79 -50.62 -50.11
N GLU J 91 -10.72 -50.98 -48.82
CA GLU J 91 -11.81 -50.70 -47.89
C GLU J 91 -11.92 -49.23 -47.51
N ASP J 92 -10.98 -48.40 -47.94
CA ASP J 92 -10.89 -47.01 -47.50
C ASP J 92 -11.64 -46.04 -48.42
N THR J 93 -12.35 -46.53 -49.42
CA THR J 93 -13.13 -45.65 -50.29
C THR J 93 -14.28 -45.04 -49.50
N ALA J 94 -14.35 -43.70 -49.51
CA ALA J 94 -15.33 -42.99 -48.69
C ALA J 94 -15.35 -41.53 -49.13
N VAL J 95 -16.35 -40.82 -48.63
CA VAL J 95 -16.42 -39.37 -48.75
C VAL J 95 -15.84 -38.77 -47.48
N TYR J 96 -14.88 -37.86 -47.63
CA TYR J 96 -14.13 -37.29 -46.51
C TYR J 96 -14.60 -35.87 -46.24
N TYR J 97 -14.82 -35.55 -44.96
CA TYR J 97 -15.28 -34.23 -44.52
C TYR J 97 -14.30 -33.68 -43.49
N CYS J 98 -14.03 -32.38 -43.56
CA CYS J 98 -13.27 -31.69 -42.52
C CYS J 98 -14.18 -30.69 -41.82
N ALA J 99 -14.17 -30.71 -40.49
CA ALA J 99 -15.17 -30.00 -39.70
C ALA J 99 -14.50 -29.28 -38.53
N ARG J 100 -15.23 -28.29 -38.00
CA ARG J 100 -14.77 -27.46 -36.89
C ARG J 100 -15.32 -27.99 -35.57
N VAL J 101 -14.71 -27.54 -34.47
CA VAL J 101 -15.09 -27.96 -33.12
C VAL J 101 -15.16 -26.72 -32.24
N SER J 102 -16.22 -26.63 -31.43
CA SER J 102 -16.41 -25.55 -30.47
C SER J 102 -16.26 -26.07 -29.05
N TYR J 103 -16.54 -25.22 -28.07
CA TYR J 103 -16.47 -25.61 -26.66
C TYR J 103 -17.55 -24.88 -25.87
N TYR J 104 -18.43 -25.65 -25.20
CA TYR J 104 -19.53 -25.11 -24.41
C TYR J 104 -19.11 -25.05 -22.94
N GLY J 105 -20.02 -25.35 -22.01
CA GLY J 105 -19.72 -25.31 -20.60
C GLY J 105 -18.63 -26.29 -20.25
N ARG J 106 -18.86 -27.58 -20.54
CA ARG J 106 -17.83 -28.60 -20.39
C ARG J 106 -18.11 -29.68 -21.44
N GLY J 107 -17.76 -29.37 -22.69
CA GLY J 107 -17.96 -30.32 -23.77
C GLY J 107 -17.33 -29.83 -25.05
N TRP J 108 -17.58 -30.58 -26.13
CA TRP J 108 -17.08 -30.23 -27.46
C TRP J 108 -18.10 -30.67 -28.48
N TYR J 109 -18.35 -29.81 -29.48
CA TYR J 109 -19.37 -30.12 -30.48
C TYR J 109 -18.99 -29.56 -31.84
N PHE J 110 -19.44 -30.25 -32.89
CA PHE J 110 -19.19 -29.84 -34.27
C PHE J 110 -20.22 -28.78 -34.66
N ASP J 111 -19.80 -27.81 -35.47
CA ASP J 111 -20.72 -26.75 -35.88
C ASP J 111 -20.69 -26.39 -37.37
N TYR J 112 -19.67 -26.80 -38.13
CA TYR J 112 -19.65 -26.55 -39.57
C TYR J 112 -18.96 -27.73 -40.24
N TRP J 113 -19.33 -28.01 -41.49
CA TRP J 113 -18.86 -29.24 -42.12
C TRP J 113 -18.23 -29.09 -43.50
N GLY J 114 -18.52 -28.03 -44.25
CA GLY J 114 -17.99 -27.98 -45.60
C GLY J 114 -18.89 -28.62 -46.65
N GLN J 115 -18.27 -29.19 -47.69
CA GLN J 115 -19.03 -29.77 -48.81
C GLN J 115 -18.63 -31.18 -49.18
N GLY J 116 -17.43 -31.65 -48.81
CA GLY J 116 -17.05 -33.03 -49.04
C GLY J 116 -16.36 -33.25 -50.38
N THR J 117 -15.68 -34.39 -50.47
CA THR J 117 -15.02 -34.82 -51.69
C THR J 117 -14.92 -36.35 -51.68
N THR J 118 -14.73 -36.91 -52.86
CA THR J 118 -14.73 -38.36 -53.05
C THR J 118 -13.33 -38.86 -53.34
N LEU J 119 -12.90 -39.89 -52.61
CA LEU J 119 -11.62 -40.55 -52.83
C LEU J 119 -11.88 -42.03 -53.06
N THR J 120 -11.26 -42.60 -54.08
CA THR J 120 -11.52 -43.97 -54.50
C THR J 120 -10.20 -44.71 -54.66
N VAL J 121 -10.19 -45.98 -54.25
CA VAL J 121 -9.05 -46.87 -54.43
C VAL J 121 -9.51 -48.02 -55.32
N SER J 122 -8.81 -48.22 -56.43
CA SER J 122 -9.19 -49.24 -57.40
C SER J 122 -7.95 -49.65 -58.20
N SER J 123 -8.07 -50.79 -58.87
CA SER J 123 -6.99 -51.30 -59.70
C SER J 123 -7.47 -51.53 -61.14
N VAL K 3 54.93 37.64 2.24
CA VAL K 3 55.06 39.05 2.59
C VAL K 3 54.08 39.88 1.77
N MET K 4 53.78 41.08 2.24
CA MET K 4 52.80 41.91 1.56
C MET K 4 53.17 43.37 1.78
N THR K 5 53.02 44.18 0.73
CA THR K 5 53.45 45.58 0.74
C THR K 5 52.37 46.50 0.18
N GLN K 6 52.48 47.77 0.52
CA GLN K 6 51.57 48.82 0.06
C GLN K 6 52.36 50.04 -0.36
N SER K 7 51.72 50.87 -1.19
CA SER K 7 52.28 52.14 -1.63
C SER K 7 51.13 53.01 -2.11
N PRO K 8 51.20 54.34 -1.91
CA PRO K 8 52.24 55.12 -1.22
C PRO K 8 52.12 55.03 0.30
N SER K 9 53.19 55.31 1.04
CA SER K 9 53.10 55.32 2.49
C SER K 9 52.21 56.44 2.99
N SER K 10 52.32 57.64 2.41
CA SER K 10 51.51 58.77 2.82
C SER K 10 50.97 59.50 1.59
N LEU K 11 49.78 60.05 1.73
CA LEU K 11 49.13 60.79 0.65
C LEU K 11 48.17 61.79 1.26
N SER K 12 47.99 62.92 0.57
CA SER K 12 47.19 64.02 1.08
C SER K 12 46.26 64.55 0.00
N ALA K 13 45.15 65.15 0.45
CA ALA K 13 44.16 65.73 -0.44
C ALA K 13 43.37 66.77 0.36
N SER K 14 42.23 67.20 -0.18
CA SER K 14 41.39 68.20 0.46
C SER K 14 39.93 67.78 0.33
N VAL K 15 39.03 68.72 0.62
CA VAL K 15 37.60 68.41 0.59
C VAL K 15 37.16 68.14 -0.84
N GLY K 16 36.27 67.17 -1.01
CA GLY K 16 35.74 66.83 -2.32
C GLY K 16 36.77 66.32 -3.29
N ASP K 17 37.88 65.78 -2.79
CA ASP K 17 38.97 65.28 -3.62
C ASP K 17 38.92 63.75 -3.64
N ARG K 18 38.64 63.19 -4.81
CA ARG K 18 38.64 61.74 -4.95
C ARG K 18 40.06 61.21 -4.85
N VAL K 19 40.25 60.17 -4.06
CA VAL K 19 41.56 59.58 -3.82
C VAL K 19 41.41 58.06 -3.76
N THR K 20 42.41 57.35 -4.28
CA THR K 20 42.42 55.90 -4.28
C THR K 20 43.75 55.39 -3.76
N ILE K 21 43.69 54.31 -2.99
CA ILE K 21 44.87 53.72 -2.35
C ILE K 21 45.13 52.36 -2.97
N SER K 22 46.41 52.01 -3.09
CA SER K 22 46.82 50.74 -3.66
C SER K 22 47.17 49.74 -2.56
N CYS K 23 47.01 48.46 -2.89
CA CYS K 23 47.21 47.36 -1.94
C CYS K 23 47.36 46.08 -2.75
N ARG K 24 48.46 45.37 -2.54
CA ARG K 24 48.78 44.20 -3.36
C ARG K 24 49.44 43.14 -2.48
N ALA K 25 49.60 41.94 -3.05
CA ALA K 25 50.17 40.82 -2.34
C ALA K 25 51.21 40.13 -3.22
N SER K 26 51.90 39.15 -2.64
CA SER K 26 52.95 38.44 -3.36
C SER K 26 52.39 37.65 -4.53
N GLN K 27 51.25 36.98 -4.33
CA GLN K 27 50.68 36.09 -5.32
C GLN K 27 49.16 36.22 -5.28
N ASP K 28 48.49 35.45 -6.14
CA ASP K 28 47.04 35.47 -6.18
C ASP K 28 46.46 34.97 -4.85
N ILE K 29 45.49 35.70 -4.32
CA ILE K 29 44.91 35.41 -3.02
C ILE K 29 43.45 35.00 -3.11
N ASP K 30 42.88 34.92 -4.31
CA ASP K 30 41.50 34.46 -4.53
C ASP K 30 40.48 35.31 -3.78
N ASN K 31 40.60 36.63 -3.94
CA ASN K 31 39.60 37.60 -3.50
C ASN K 31 39.42 37.64 -1.98
N TYR K 32 40.38 37.12 -1.21
CA TYR K 32 40.32 37.18 0.25
C TYR K 32 41.22 38.31 0.74
N LEU K 33 40.69 39.53 0.69
CA LEU K 33 41.43 40.72 1.13
C LEU K 33 40.48 41.63 1.88
N SER K 34 40.96 42.18 3.00
CA SER K 34 40.15 43.03 3.86
C SER K 34 40.87 44.34 4.14
N TRP K 35 40.10 45.33 4.59
CA TRP K 35 40.60 46.66 4.89
C TRP K 35 40.25 47.03 6.34
N PHE K 36 40.91 48.06 6.84
CA PHE K 36 40.71 48.50 8.22
C PHE K 36 40.90 50.01 8.30
N GLN K 37 40.43 50.59 9.41
CA GLN K 37 40.55 52.02 9.66
C GLN K 37 40.95 52.21 11.12
N GLN K 38 42.22 52.55 11.34
CA GLN K 38 42.73 52.85 12.68
C GLN K 38 42.76 54.36 12.88
N LYS K 39 41.76 54.88 13.61
CA LYS K 39 41.65 56.28 14.03
C LYS K 39 42.94 56.77 14.71
N PRO K 40 43.13 58.08 14.91
CA PRO K 40 44.43 58.56 15.43
C PRO K 40 44.88 57.93 16.75
N GLY K 41 43.95 57.47 17.59
CA GLY K 41 44.36 56.81 18.81
C GLY K 41 43.36 55.79 19.33
N GLY K 42 43.83 54.54 19.50
CA GLY K 42 43.09 53.50 20.19
C GLY K 42 41.72 53.15 19.66
N THR K 43 41.59 52.96 18.34
CA THR K 43 40.31 52.54 17.77
C THR K 43 40.56 51.86 16.42
N VAL K 44 39.96 50.69 16.24
CA VAL K 44 40.05 49.93 15.00
C VAL K 44 38.64 49.58 14.56
N LYS K 45 38.36 49.75 13.27
CA LYS K 45 37.06 49.39 12.70
C LYS K 45 37.26 48.82 11.30
N LEU K 46 36.59 47.70 11.02
CA LEU K 46 36.65 47.08 9.71
C LEU K 46 35.87 47.92 8.69
N LEU K 47 36.33 47.90 7.45
CA LEU K 47 35.66 48.64 6.38
C LEU K 47 35.16 47.76 5.25
N ILE K 48 35.94 46.77 4.81
CA ILE K 48 35.60 45.87 3.71
C ILE K 48 36.21 44.53 4.03
N TYR K 49 35.43 43.45 3.89
CA TYR K 49 35.91 42.12 4.26
C TYR K 49 36.17 41.23 3.06
N TYR K 50 35.20 41.08 2.15
CA TYR K 50 35.44 40.41 0.87
C TYR K 50 36.14 41.42 -0.05
N THR K 51 36.34 41.09 -1.32
CA THR K 51 36.93 42.05 -2.24
C THR K 51 36.06 43.29 -2.39
N SER K 52 34.74 43.10 -2.52
CA SER K 52 33.82 44.19 -2.78
C SER K 52 32.70 44.34 -1.76
N ARG K 53 32.43 43.31 -0.95
CA ARG K 53 31.31 43.35 -0.02
C ARG K 53 31.57 44.34 1.10
N LEU K 54 30.54 45.11 1.46
CA LEU K 54 30.66 46.22 2.38
C LEU K 54 30.04 45.85 3.71
N HIS K 55 30.74 46.15 4.80
CA HIS K 55 30.22 45.92 6.14
C HIS K 55 29.13 46.92 6.49
N SER K 56 28.21 46.51 7.35
CA SER K 56 27.13 47.38 7.77
C SER K 56 27.66 48.47 8.69
N GLY K 57 27.08 49.66 8.57
CA GLY K 57 27.51 50.81 9.34
C GLY K 57 28.56 51.67 8.68
N VAL K 58 29.27 51.13 7.70
CA VAL K 58 30.25 51.92 6.94
C VAL K 58 29.50 52.76 5.91
N PRO K 59 29.82 54.05 5.75
CA PRO K 59 29.13 54.86 4.75
C PRO K 59 29.39 54.35 3.34
N SER K 60 28.39 54.55 2.47
CA SER K 60 28.42 54.01 1.12
C SER K 60 29.45 54.67 0.22
N ARG K 61 30.04 55.79 0.66
CA ARG K 61 31.02 56.50 -0.15
C ARG K 61 32.25 55.64 -0.45
N PHE K 62 32.66 54.82 0.53
CA PHE K 62 33.77 53.90 0.31
C PHE K 62 33.40 52.86 -0.74
N SER K 63 34.41 52.43 -1.51
CA SER K 63 34.20 51.41 -2.52
C SER K 63 35.51 50.65 -2.71
N GLY K 64 35.38 49.44 -3.25
CA GLY K 64 36.54 48.59 -3.48
C GLY K 64 36.30 47.66 -4.64
N SER K 65 37.37 47.32 -5.33
CA SER K 65 37.31 46.39 -6.46
C SER K 65 38.71 45.84 -6.72
N GLY K 66 38.76 44.72 -7.40
CA GLY K 66 40.02 44.11 -7.76
C GLY K 66 39.88 42.63 -8.02
N SER K 67 40.99 42.03 -8.41
CA SER K 67 41.09 40.60 -8.66
C SER K 67 42.56 40.24 -8.76
N GLY K 68 42.85 38.95 -8.65
CA GLY K 68 44.21 38.46 -8.76
C GLY K 68 45.13 38.98 -7.68
N THR K 69 46.04 39.89 -8.05
CA THR K 69 46.99 40.46 -7.10
C THR K 69 46.79 41.95 -6.86
N ASP K 70 45.93 42.61 -7.63
CA ASP K 70 45.74 44.05 -7.53
C ASP K 70 44.39 44.36 -6.91
N TYR K 71 44.39 45.17 -5.85
CA TYR K 71 43.17 45.59 -5.18
C TYR K 71 43.28 47.06 -4.80
N THR K 72 42.19 47.80 -4.99
CA THR K 72 42.15 49.22 -4.72
C THR K 72 40.90 49.58 -3.94
N LEU K 73 40.99 50.65 -3.15
CA LEU K 73 39.86 51.20 -2.42
C LEU K 73 39.69 52.66 -2.81
N THR K 74 38.45 53.07 -3.03
CA THR K 74 38.15 54.41 -3.52
C THR K 74 37.08 55.04 -2.65
N ILE K 75 37.35 56.26 -2.19
CA ILE K 75 36.37 57.07 -1.48
C ILE K 75 35.87 58.13 -2.45
N SER K 76 34.55 58.31 -2.49
CA SER K 76 33.96 59.26 -3.45
C SER K 76 34.42 60.69 -3.16
N SER K 77 34.41 61.09 -1.90
CA SER K 77 34.82 62.44 -1.52
C SER K 77 35.29 62.44 -0.07
N LEU K 78 36.38 63.14 0.19
CA LEU K 78 36.96 63.16 1.52
C LEU K 78 36.26 64.19 2.41
N GLN K 79 36.12 63.83 3.67
CA GLN K 79 35.56 64.67 4.73
C GLN K 79 36.55 64.66 5.88
N PRO K 80 36.50 65.67 6.78
CA PRO K 80 37.52 65.75 7.85
C PRO K 80 37.68 64.49 8.67
N GLU K 81 36.58 63.80 8.97
CA GLU K 81 36.59 62.62 9.85
C GLU K 81 37.43 61.48 9.30
N ASP K 82 37.87 61.55 8.04
CA ASP K 82 38.52 60.44 7.36
C ASP K 82 39.99 60.29 7.70
N ILE K 83 40.58 61.19 8.48
CA ILE K 83 42.00 61.10 8.78
C ILE K 83 42.24 59.92 9.71
N ALA K 84 43.01 58.95 9.24
CA ALA K 84 43.26 57.70 9.94
C ALA K 84 44.33 56.93 9.17
N THR K 85 44.70 55.77 9.70
CA THR K 85 45.64 54.87 9.05
C THR K 85 44.90 53.63 8.58
N TYR K 86 45.16 53.21 7.34
CA TYR K 86 44.49 52.09 6.72
C TYR K 86 45.49 50.96 6.46
N PHE K 87 44.98 49.72 6.47
CA PHE K 87 45.83 48.55 6.30
C PHE K 87 45.13 47.57 5.36
N CYS K 88 45.71 46.38 5.25
CA CYS K 88 45.20 45.29 4.43
C CYS K 88 45.49 43.96 5.13
N GLN K 89 44.67 42.96 4.86
CA GLN K 89 44.83 41.64 5.48
C GLN K 89 44.25 40.58 4.56
N GLN K 90 44.95 39.46 4.44
CA GLN K 90 44.53 38.37 3.56
C GLN K 90 44.20 37.13 4.37
N GLY K 91 43.32 36.29 3.80
CA GLY K 91 42.87 35.10 4.48
C GLY K 91 42.82 33.86 3.62
N ASN K 92 43.75 33.75 2.67
CA ASN K 92 43.77 32.59 1.79
C ASN K 92 44.33 31.36 2.48
N THR K 93 45.37 31.54 3.29
CA THR K 93 46.02 30.42 3.95
C THR K 93 46.70 30.90 5.23
N PHE K 94 46.87 29.97 6.17
CA PHE K 94 47.50 30.32 7.44
C PHE K 94 49.00 30.55 7.27
N PRO K 95 49.61 31.37 8.15
CA PRO K 95 48.96 32.32 9.07
C PRO K 95 48.55 33.60 8.36
N TRP K 96 47.58 34.34 8.89
CA TRP K 96 47.20 35.60 8.27
C TRP K 96 48.28 36.65 8.46
N THR K 97 48.35 37.59 7.52
CA THR K 97 49.37 38.62 7.51
C THR K 97 48.72 39.96 7.21
N PHE K 98 49.26 41.03 7.78
CA PHE K 98 48.78 42.38 7.57
C PHE K 98 49.80 43.17 6.76
N GLY K 99 49.48 44.43 6.47
CA GLY K 99 50.33 45.29 5.68
C GLY K 99 51.20 46.21 6.54
N GLY K 100 51.81 47.18 5.86
CA GLY K 100 52.68 48.12 6.54
C GLY K 100 51.95 49.35 7.03
N GLY K 101 50.83 49.69 6.40
CA GLY K 101 50.06 50.85 6.76
C GLY K 101 50.12 51.94 5.70
N THR K 102 49.15 52.85 5.77
CA THR K 102 49.04 53.98 4.86
C THR K 102 48.36 55.12 5.59
N LYS K 103 48.97 56.31 5.53
CA LYS K 103 48.46 57.46 6.26
C LYS K 103 47.79 58.44 5.30
N LEU K 104 46.66 59.01 5.74
CA LEU K 104 45.93 60.02 4.98
C LEU K 104 45.98 61.32 5.75
N GLU K 105 46.41 62.38 5.09
CA GLU K 105 46.60 63.69 5.73
C GLU K 105 45.83 64.74 4.94
N ILE K 106 45.71 65.93 5.53
CA ILE K 106 45.03 67.06 4.91
C ILE K 106 45.94 68.28 5.04
N LYS K 107 46.13 68.99 3.92
CA LYS K 107 46.89 70.23 3.93
C LYS K 107 46.48 71.11 2.74
N VAL L 2 26.92 45.29 20.89
CA VAL L 2 28.02 44.39 21.22
C VAL L 2 29.20 45.19 21.78
N GLN L 3 29.73 44.74 22.92
CA GLN L 3 30.82 45.42 23.59
C GLN L 3 31.89 44.40 23.94
N VAL L 4 33.13 44.70 23.58
CA VAL L 4 34.29 43.87 23.91
C VAL L 4 35.36 44.78 24.50
N VAL L 5 35.76 44.50 25.75
CA VAL L 5 36.71 45.33 26.47
C VAL L 5 37.72 44.43 27.17
N GLU L 6 39.00 44.80 27.07
CA GLU L 6 40.09 44.07 27.70
C GLU L 6 40.44 44.68 29.04
N SER L 7 41.27 43.96 29.80
CA SER L 7 41.75 44.44 31.10
C SER L 7 43.01 43.68 31.46
N GLY L 8 43.77 44.26 32.38
CA GLY L 8 45.00 43.65 32.85
C GLY L 8 46.23 44.21 32.15
N GLY L 9 47.38 44.00 32.78
CA GLY L 9 48.64 44.47 32.22
C GLY L 9 49.46 45.30 33.19
N GLY L 10 49.92 46.46 32.73
CA GLY L 10 50.73 47.32 33.57
C GLY L 10 52.21 47.24 33.25
N LEU L 11 53.00 46.71 34.18
CA LEU L 11 54.44 46.55 34.00
C LEU L 11 54.85 45.16 34.47
N VAL L 12 55.81 44.57 33.77
CA VAL L 12 56.30 43.22 34.06
C VAL L 12 57.79 43.20 33.79
N GLN L 13 58.52 42.33 34.52
CA GLN L 13 59.95 42.16 34.41
C GLN L 13 60.28 40.80 33.78
N PRO L 14 61.44 40.65 33.13
CA PRO L 14 61.77 39.39 32.44
C PRO L 14 61.54 38.14 33.28
N GLY L 15 60.82 37.19 32.71
CA GLY L 15 60.57 35.92 33.35
C GLY L 15 59.28 35.85 34.14
N ARG L 16 58.53 36.95 34.20
CA ARG L 16 57.31 37.04 34.99
C ARG L 16 56.11 36.85 34.07
N SER L 17 55.19 35.97 34.46
CA SER L 17 54.00 35.74 33.68
C SER L 17 52.95 36.80 34.01
N LEU L 18 51.84 36.77 33.26
CA LEU L 18 50.71 37.67 33.45
C LEU L 18 49.56 37.24 32.53
N ARG L 19 48.35 37.19 33.08
CA ARG L 19 47.17 36.76 32.33
C ARG L 19 46.27 37.96 32.07
N LEU L 20 45.84 38.12 30.83
CA LEU L 20 44.96 39.21 30.43
C LEU L 20 43.52 38.72 30.37
N SER L 21 42.58 39.63 30.62
CA SER L 21 41.16 39.30 30.58
C SER L 21 40.47 40.08 29.47
N CYS L 22 39.66 39.38 28.68
CA CYS L 22 38.81 39.97 27.66
C CYS L 22 37.38 39.52 27.93
N THR L 23 36.54 40.46 28.38
CA THR L 23 35.18 40.16 28.81
C THR L 23 34.18 40.74 27.81
N THR L 24 33.25 39.92 27.36
CA THR L 24 32.35 40.26 26.27
C THR L 24 30.90 40.25 26.74
N SER L 25 30.02 40.76 25.89
CA SER L 25 28.59 40.80 26.15
C SER L 25 27.85 41.01 24.85
N GLY L 26 26.54 40.72 24.87
CA GLY L 26 25.67 40.97 23.75
C GLY L 26 25.50 39.84 22.76
N PHE L 27 26.25 38.75 22.91
CA PHE L 27 26.12 37.63 21.98
C PHE L 27 26.34 36.32 22.72
N THR L 28 25.93 35.23 22.07
CA THR L 28 26.12 33.89 22.62
C THR L 28 27.59 33.52 22.53
N PHE L 29 28.24 33.36 23.69
CA PHE L 29 29.68 33.18 23.75
C PHE L 29 30.12 31.80 23.26
N THR L 30 29.22 30.84 23.24
CA THR L 30 29.60 29.46 22.95
C THR L 30 29.68 29.14 21.45
N ASP L 31 29.35 30.08 20.56
CA ASP L 31 29.27 29.77 19.15
C ASP L 31 30.28 30.49 18.26
N TYR L 32 30.95 31.53 18.76
CA TYR L 32 31.84 32.35 17.95
C TYR L 32 33.29 32.14 18.37
N TYR L 33 34.21 32.74 17.61
CA TYR L 33 35.64 32.66 17.84
C TYR L 33 36.16 33.96 18.44
N VAL L 34 37.37 33.89 18.98
CA VAL L 34 38.05 35.03 19.59
C VAL L 34 39.53 34.94 19.23
N SER L 35 40.15 36.09 18.94
CA SER L 35 41.55 36.14 18.53
C SER L 35 42.28 37.25 19.29
N TRP L 36 43.60 37.14 19.34
CA TRP L 36 44.47 38.12 20.01
C TRP L 36 45.55 38.60 19.04
N VAL L 37 45.58 39.91 18.79
CA VAL L 37 46.51 40.54 17.87
C VAL L 37 47.28 41.62 18.65
N ARG L 38 48.49 41.95 18.16
CA ARG L 38 49.36 42.92 18.81
C ARG L 38 49.75 43.99 17.80
N GLN L 39 50.31 45.10 18.31
CA GLN L 39 50.70 46.24 17.48
C GLN L 39 52.03 46.84 17.96
N ALA L 40 53.11 46.05 17.88
CA ALA L 40 54.41 46.53 18.34
C ALA L 40 54.80 47.78 17.54
N PRO L 41 55.51 48.76 18.19
CA PRO L 41 55.91 50.01 17.51
C PRO L 41 56.45 49.84 16.09
N GLY L 42 55.82 50.49 15.13
CA GLY L 42 56.19 50.30 13.74
C GLY L 42 55.09 49.58 12.98
N LYS L 43 53.85 49.74 13.46
CA LYS L 43 52.63 49.14 12.89
C LYS L 43 52.87 47.64 12.72
N ALA L 44 52.59 47.05 11.56
CA ALA L 44 52.82 45.62 11.29
C ALA L 44 52.08 44.72 12.28
N LEU L 45 50.75 44.88 12.32
CA LEU L 45 49.89 44.05 13.14
C LEU L 45 50.18 42.57 12.91
N GLU L 46 50.37 41.82 13.99
CA GLU L 46 50.74 40.41 13.88
C GLU L 46 49.68 39.54 14.52
N TRP L 47 49.18 38.57 13.77
CA TRP L 47 48.16 37.63 14.25
C TRP L 47 48.83 36.54 15.09
N LEU L 48 48.18 36.14 16.18
CA LEU L 48 48.79 35.13 17.05
C LEU L 48 47.98 33.83 17.13
N GLY L 49 46.69 33.89 17.46
CA GLY L 49 45.96 32.64 17.62
C GLY L 49 44.48 32.86 17.77
N PHE L 50 43.75 31.75 17.83
CA PHE L 50 42.31 31.77 17.98
C PHE L 50 41.85 30.50 18.70
N ILE L 51 40.68 30.58 19.33
CA ILE L 51 40.06 29.43 19.96
C ILE L 51 38.75 29.14 19.23
N ARG L 52 38.36 27.87 19.18
CA ARG L 52 37.20 27.46 18.41
C ARG L 52 35.93 27.56 19.25
N ASN L 53 34.82 27.12 18.67
CA ASN L 53 33.51 27.18 19.30
C ASN L 53 33.06 25.80 19.79
N LYS L 54 31.80 25.71 20.22
CA LYS L 54 31.27 24.49 20.83
C LYS L 54 31.22 23.32 19.84
N VAL L 55 30.78 23.58 18.61
CA VAL L 55 30.56 22.49 17.65
C VAL L 55 31.87 21.78 17.31
N ASN L 56 32.99 22.46 17.45
CA ASN L 56 34.29 21.89 17.10
C ASN L 56 35.10 21.43 18.31
N GLY L 57 34.62 21.66 19.52
CA GLY L 57 35.30 21.20 20.71
C GLY L 57 36.32 22.15 21.30
N TYR L 58 36.24 23.44 20.98
CA TYR L 58 37.11 24.49 21.49
C TYR L 58 38.60 24.13 21.31
N THR L 59 38.98 23.85 20.06
CA THR L 59 40.37 23.57 19.75
C THR L 59 41.10 24.90 19.55
N THR L 60 42.43 24.83 19.44
CA THR L 60 43.28 26.01 19.35
C THR L 60 44.38 25.80 18.31
N GLU L 61 44.62 26.84 17.52
CA GLU L 61 45.69 26.88 16.52
C GLU L 61 46.41 28.22 16.63
N PHE L 62 47.74 28.18 16.58
CA PHE L 62 48.56 29.37 16.75
C PHE L 62 49.29 29.70 15.45
N SER L 63 50.30 30.59 15.54
CA SER L 63 51.11 31.01 14.42
C SER L 63 52.56 31.13 14.90
N SER L 64 53.46 31.42 13.95
CA SER L 64 54.88 31.63 14.22
C SER L 64 55.47 30.48 15.03
N SER L 65 56.39 30.80 15.95
CA SER L 65 57.04 29.81 16.78
C SER L 65 56.63 29.94 18.25
N VAL L 66 55.52 30.63 18.52
CA VAL L 66 55.05 30.82 19.88
C VAL L 66 54.47 29.55 20.49
N LYS L 67 54.28 28.50 19.69
CA LYS L 67 53.81 27.21 20.19
C LYS L 67 54.69 26.73 21.34
N GLY L 68 54.07 26.52 22.49
CA GLY L 68 54.78 26.18 23.70
C GLY L 68 55.03 27.35 24.63
N ARG L 69 54.46 28.52 24.33
CA ARG L 69 54.60 29.70 25.17
C ARG L 69 53.25 30.23 25.62
N PHE L 70 52.40 30.67 24.70
CA PHE L 70 51.12 31.27 25.06
C PHE L 70 50.01 30.25 24.94
N THR L 71 48.99 30.40 25.79
CA THR L 71 47.83 29.51 25.80
C THR L 71 46.56 30.34 25.87
N ILE L 72 45.43 29.67 25.64
CA ILE L 72 44.11 30.30 25.60
C ILE L 72 43.12 29.37 26.29
N SER L 73 42.29 29.93 27.17
CA SER L 73 41.27 29.16 27.88
C SER L 73 39.99 29.99 27.97
N ARG L 74 38.86 29.29 28.03
CA ARG L 74 37.55 29.92 28.08
C ARG L 74 36.85 29.57 29.39
N ASP L 75 36.09 30.53 29.92
CA ASP L 75 35.18 30.32 31.05
C ASP L 75 33.77 30.60 30.53
N ASN L 76 33.12 29.55 30.03
CA ASN L 76 31.86 29.71 29.32
C ASN L 76 30.72 30.22 30.21
N SER L 77 30.82 30.01 31.52
CA SER L 77 29.76 30.44 32.43
C SER L 77 29.84 31.92 32.79
N LYS L 78 30.93 32.60 32.44
CA LYS L 78 31.10 34.01 32.79
C LYS L 78 31.36 34.91 31.61
N SER L 79 31.40 34.37 30.38
CA SER L 79 31.74 35.11 29.16
C SER L 79 33.08 35.83 29.30
N ILE L 80 34.05 35.14 29.89
CA ILE L 80 35.38 35.69 30.14
C ILE L 80 36.42 34.76 29.51
N LEU L 81 37.33 35.34 28.73
CA LEU L 81 38.41 34.59 28.10
C LEU L 81 39.75 35.15 28.58
N TYR L 82 40.68 34.25 28.87
CA TYR L 82 41.99 34.61 29.40
C TYR L 82 43.07 34.25 28.39
N LEU L 83 44.18 34.99 28.46
CA LEU L 83 45.36 34.74 27.64
C LEU L 83 46.58 34.70 28.54
N GLN L 84 47.25 33.56 28.59
CA GLN L 84 48.38 33.35 29.49
C GLN L 84 49.70 33.43 28.73
N MET L 85 50.64 34.20 29.26
CA MET L 85 51.97 34.33 28.69
C MET L 85 53.01 33.78 29.65
N ASN L 86 54.10 33.26 29.09
CA ASN L 86 55.21 32.71 29.87
C ASN L 86 56.27 33.78 30.12
N SER L 87 57.53 33.45 29.83
CA SER L 87 58.62 34.40 30.03
C SER L 87 58.58 35.43 28.91
N LEU L 88 58.17 36.65 29.25
CA LEU L 88 58.03 37.72 28.29
C LEU L 88 59.39 38.21 27.79
N LYS L 89 59.56 38.20 26.47
CA LYS L 89 60.79 38.66 25.84
C LYS L 89 60.93 40.17 26.02
N ILE L 90 62.18 40.63 25.99
CA ILE L 90 62.54 42.04 26.20
C ILE L 90 61.92 42.96 25.15
N GLU L 91 61.20 42.40 24.17
CA GLU L 91 60.64 43.18 23.08
C GLU L 91 59.12 43.03 22.96
N ASP L 92 58.50 42.19 23.79
CA ASP L 92 57.07 41.89 23.71
C ASP L 92 56.16 43.11 23.85
N THR L 93 56.69 44.29 24.16
CA THR L 93 55.89 45.49 24.37
C THR L 93 55.01 45.79 23.17
N ALA L 94 53.70 45.84 23.40
CA ALA L 94 52.71 46.09 22.36
C ALA L 94 51.30 46.22 22.95
N VAL L 95 50.44 46.97 22.27
CA VAL L 95 49.04 47.08 22.67
C VAL L 95 48.30 45.84 22.16
N TYR L 96 47.71 45.08 23.08
CA TYR L 96 47.05 43.83 22.73
C TYR L 96 45.57 44.09 22.43
N TYR L 97 45.10 43.51 21.32
CA TYR L 97 43.74 43.71 20.84
C TYR L 97 42.95 42.40 20.88
N CYS L 98 41.70 42.49 21.36
CA CYS L 98 40.78 41.37 21.41
C CYS L 98 39.67 41.61 20.39
N ALA L 99 39.49 40.67 19.46
CA ALA L 99 38.54 40.82 18.38
C ALA L 99 37.78 39.51 18.16
N ARG L 100 36.58 39.63 17.59
CA ARG L 100 35.73 38.49 17.32
C ARG L 100 35.77 38.12 15.83
N VAL L 101 35.54 36.84 15.54
CA VAL L 101 35.63 36.30 14.19
C VAL L 101 34.24 35.87 13.72
N SER L 102 33.85 36.34 12.53
CA SER L 102 32.60 35.98 11.88
C SER L 102 32.89 35.15 10.64
N TYR L 103 31.92 34.33 10.23
CA TYR L 103 32.06 33.50 9.04
C TYR L 103 30.98 33.81 8.01
N TYR L 104 31.41 34.05 6.78
CA TYR L 104 30.53 34.38 5.65
C TYR L 104 31.06 33.68 4.41
N GLY L 105 30.14 33.38 3.48
CA GLY L 105 30.49 32.67 2.26
C GLY L 105 31.25 31.39 2.53
N ARG L 106 32.55 31.38 2.24
CA ARG L 106 33.39 30.21 2.47
C ARG L 106 34.74 30.60 3.07
N GLY L 107 34.77 31.69 3.85
CA GLY L 107 35.98 32.14 4.49
C GLY L 107 35.69 32.85 5.79
N TRP L 108 36.74 33.35 6.43
CA TRP L 108 36.66 33.96 7.74
C TRP L 108 37.19 35.39 7.69
N TYR L 109 36.79 36.18 8.69
CA TYR L 109 37.31 37.53 8.87
C TYR L 109 37.02 37.99 10.29
N PHE L 110 37.52 39.18 10.65
CA PHE L 110 37.19 39.76 11.95
C PHE L 110 36.01 40.71 11.77
N ASP L 111 35.49 41.25 12.89
CA ASP L 111 34.35 42.15 12.72
C ASP L 111 34.33 43.31 13.72
N TYR L 112 34.57 43.02 14.99
CA TYR L 112 34.49 44.02 16.05
C TYR L 112 35.81 44.09 16.78
N TRP L 113 36.11 45.28 17.33
CA TRP L 113 37.38 45.53 17.99
C TRP L 113 37.16 46.20 19.33
N GLY L 114 38.13 46.01 20.23
CA GLY L 114 38.11 46.63 21.54
C GLY L 114 39.06 47.81 21.62
N GLN L 115 39.07 48.43 22.81
CA GLN L 115 39.91 49.60 23.01
C GLN L 115 41.39 49.23 23.08
N GLY L 116 41.72 48.14 23.76
CA GLY L 116 43.10 47.69 23.82
C GLY L 116 43.69 47.91 25.20
N THR L 117 44.71 47.11 25.50
CA THR L 117 45.42 47.17 26.77
C THR L 117 46.90 47.39 26.50
N THR L 118 47.57 48.04 27.46
CA THR L 118 48.96 48.45 27.30
C THR L 118 49.83 47.67 28.26
N LEU L 119 50.90 47.09 27.73
CA LEU L 119 51.87 46.34 28.53
C LEU L 119 53.27 46.84 28.20
N THR L 120 53.99 47.29 29.21
CA THR L 120 55.35 47.78 29.06
C THR L 120 56.27 46.88 29.88
N VAL L 121 57.27 46.29 29.22
CA VAL L 121 58.22 45.41 29.88
C VAL L 121 59.58 46.10 29.91
N SER L 122 60.07 46.34 31.12
CA SER L 122 61.38 46.95 31.35
C SER L 122 62.24 45.99 32.17
N SER L 123 63.37 46.49 32.64
CA SER L 123 64.26 45.71 33.50
C SER L 123 64.79 46.54 34.65
#